data_2HC5
#
_entry.id   2HC5
#
_cell.length_a   1.000
_cell.length_b   1.000
_cell.length_c   1.000
_cell.angle_alpha   90.00
_cell.angle_beta   90.00
_cell.angle_gamma   90.00
#
_symmetry.space_group_name_H-M   'P 1'
#
_entity_poly.entity_id   1
_entity_poly.type   'polypeptide(L)'
_entity_poly.pdbx_seq_one_letter_code
;LNIERLTTLQPVWDRYDTQIHNQKDNDNEVPVHQVSYTNLAEMVGEMNKLLEPSQVHLKFELHDKLNEYYVKVIEDSTNE
VIREIPPKRWLDFYAAMTEFLGLFVDEKKLEHHHHHH
;
_entity_poly.pdbx_strand_id   A
#
# COMPACT_ATOMS: atom_id res chain seq x y z
N LEU A 1 11.36 5.04 -13.70
CA LEU A 1 12.02 5.90 -12.70
C LEU A 1 12.95 5.09 -11.82
N ASN A 2 13.52 5.72 -10.80
CA ASN A 2 14.41 5.03 -9.87
C ASN A 2 13.85 5.08 -8.46
N ILE A 3 13.63 3.92 -7.86
CA ILE A 3 13.03 3.84 -6.54
C ILE A 3 14.11 3.77 -5.46
N GLU A 4 15.35 3.52 -5.89
CA GLU A 4 16.46 3.34 -4.96
C GLU A 4 16.82 4.65 -4.25
N ARG A 5 16.21 5.74 -4.69
CA ARG A 5 16.46 7.05 -4.11
C ARG A 5 15.16 7.65 -3.60
N LEU A 6 14.12 6.83 -3.54
CA LEU A 6 12.81 7.26 -3.06
C LEU A 6 12.77 7.19 -1.54
N THR A 7 12.40 8.30 -0.90
CA THR A 7 12.38 8.38 0.56
C THR A 7 11.00 8.75 1.11
N THR A 8 10.16 9.36 0.29
CA THR A 8 8.92 9.97 0.79
C THR A 8 7.67 9.31 0.21
N LEU A 9 6.55 9.51 0.89
CA LEU A 9 5.26 9.03 0.42
C LEU A 9 4.29 10.20 0.27
N GLN A 10 4.85 11.41 0.18
CA GLN A 10 4.04 12.63 0.06
C GLN A 10 2.96 12.52 -1.04
N PRO A 11 3.32 12.12 -2.29
CA PRO A 11 2.35 11.97 -3.37
C PRO A 11 1.27 10.92 -3.05
N VAL A 12 1.62 9.96 -2.20
CA VAL A 12 0.68 8.92 -1.80
C VAL A 12 -0.34 9.49 -0.83
N TRP A 13 0.15 10.21 0.18
CA TRP A 13 -0.71 10.86 1.15
C TRP A 13 -1.58 11.90 0.46
N ASP A 14 -0.99 12.59 -0.51
CA ASP A 14 -1.71 13.53 -1.35
C ASP A 14 -2.95 12.88 -1.94
N ARG A 15 -2.76 11.75 -2.59
CA ARG A 15 -3.86 11.01 -3.20
C ARG A 15 -4.78 10.40 -2.14
N TYR A 16 -4.18 9.71 -1.17
CA TYR A 16 -4.93 8.97 -0.17
C TYR A 16 -5.89 9.87 0.59
N ASP A 17 -5.43 11.03 1.04
CA ASP A 17 -6.28 11.93 1.79
C ASP A 17 -7.25 12.66 0.87
N THR A 18 -6.95 12.73 -0.42
CA THR A 18 -7.92 13.25 -1.38
C THR A 18 -9.05 12.23 -1.55
N GLN A 19 -8.68 10.96 -1.59
CA GLN A 19 -9.63 9.87 -1.79
C GLN A 19 -10.50 9.63 -0.58
N ILE A 20 -9.87 9.28 0.52
CA ILE A 20 -10.56 8.94 1.76
C ILE A 20 -11.51 10.05 2.20
N HIS A 21 -11.12 11.30 1.94
CA HIS A 21 -11.89 12.44 2.40
C HIS A 21 -12.95 12.84 1.37
N ASN A 22 -12.64 12.63 0.10
CA ASN A 22 -13.61 12.88 -0.97
C ASN A 22 -13.96 11.58 -1.67
N GLN A 23 -14.69 10.73 -0.95
CA GLN A 23 -15.06 9.42 -1.45
C GLN A 23 -16.11 9.54 -2.55
N LYS A 24 -15.98 8.68 -3.56
CA LYS A 24 -16.78 8.79 -4.76
C LYS A 24 -17.64 7.54 -4.95
N ASP A 25 -18.44 7.54 -6.01
CA ASP A 25 -19.26 6.41 -6.39
C ASP A 25 -19.03 6.10 -7.85
N ASN A 26 -17.97 5.35 -8.13
CA ASN A 26 -17.53 5.12 -9.49
C ASN A 26 -16.58 3.93 -9.53
N ASP A 27 -16.67 3.13 -10.58
CA ASP A 27 -15.76 2.00 -10.74
C ASP A 27 -14.77 2.28 -11.86
N ASN A 28 -13.49 2.19 -11.53
CA ASN A 28 -12.43 2.38 -12.50
C ASN A 28 -11.51 1.16 -12.49
N GLU A 29 -12.12 0.00 -12.24
CA GLU A 29 -11.39 -1.26 -12.06
C GLU A 29 -10.52 -1.18 -10.82
N VAL A 30 -11.08 -0.60 -9.77
CA VAL A 30 -10.43 -0.53 -8.48
C VAL A 30 -10.56 -1.88 -7.78
N PRO A 31 -9.47 -2.37 -7.15
CA PRO A 31 -9.48 -3.64 -6.42
C PRO A 31 -10.57 -3.71 -5.34
N VAL A 32 -11.65 -4.40 -5.66
CA VAL A 32 -12.74 -4.58 -4.72
C VAL A 32 -12.81 -6.04 -4.30
N HIS A 33 -12.52 -6.29 -3.05
CA HIS A 33 -12.51 -7.64 -2.52
C HIS A 33 -12.95 -7.64 -1.08
N GLN A 34 -13.47 -8.77 -0.62
CA GLN A 34 -13.82 -8.92 0.79
C GLN A 34 -12.55 -9.18 1.58
N VAL A 35 -12.18 -8.21 2.39
CA VAL A 35 -10.92 -8.26 3.12
C VAL A 35 -11.02 -9.24 4.28
N SER A 36 -10.61 -10.46 4.01
CA SER A 36 -10.52 -11.49 5.03
C SER A 36 -9.12 -11.47 5.63
N TYR A 37 -8.94 -12.16 6.76
CA TYR A 37 -7.66 -12.15 7.46
C TYR A 37 -6.52 -12.60 6.54
N THR A 38 -6.83 -13.55 5.67
CA THR A 38 -5.87 -14.06 4.70
C THR A 38 -5.49 -12.98 3.68
N ASN A 39 -6.44 -12.11 3.36
CA ASN A 39 -6.24 -11.10 2.33
C ASN A 39 -5.28 -10.02 2.80
N LEU A 40 -5.25 -9.75 4.10
CA LEU A 40 -4.31 -8.78 4.66
C LEU A 40 -2.89 -9.17 4.30
N ALA A 41 -2.51 -10.40 4.66
CA ALA A 41 -1.15 -10.89 4.43
C ALA A 41 -0.77 -10.84 2.96
N GLU A 42 -1.74 -11.13 2.09
CA GLU A 42 -1.52 -11.13 0.64
C GLU A 42 -1.00 -9.78 0.15
N MET A 43 -1.74 -8.73 0.43
CA MET A 43 -1.37 -7.39 -0.04
C MET A 43 -0.19 -6.84 0.77
N VAL A 44 -0.15 -7.16 2.05
CA VAL A 44 0.94 -6.69 2.91
C VAL A 44 2.28 -7.27 2.46
N GLY A 45 2.26 -8.53 2.03
CA GLY A 45 3.47 -9.21 1.61
C GLY A 45 4.14 -8.51 0.44
N GLU A 46 3.39 -8.26 -0.63
CA GLU A 46 3.94 -7.63 -1.82
C GLU A 46 4.24 -6.15 -1.56
N MET A 47 3.47 -5.55 -0.65
CA MET A 47 3.64 -4.15 -0.31
C MET A 47 5.01 -3.90 0.31
N ASN A 48 5.44 -4.81 1.19
CA ASN A 48 6.72 -4.68 1.88
C ASN A 48 7.89 -4.83 0.91
N LYS A 49 7.83 -5.83 0.04
CA LYS A 49 8.94 -6.15 -0.85
C LYS A 49 9.08 -5.11 -1.97
N LEU A 50 8.17 -4.16 -2.00
CA LEU A 50 8.24 -3.07 -2.98
C LEU A 50 8.98 -1.87 -2.41
N LEU A 51 9.01 -1.77 -1.08
CA LEU A 51 9.58 -0.60 -0.41
C LEU A 51 10.97 -0.88 0.16
N GLU A 52 11.27 -2.16 0.37
CA GLU A 52 12.56 -2.57 0.91
C GLU A 52 13.76 -2.06 0.10
N PRO A 53 13.73 -2.09 -1.26
CA PRO A 53 14.85 -1.60 -2.08
C PRO A 53 14.93 -0.06 -2.15
N SER A 54 14.20 0.62 -1.30
CA SER A 54 14.22 2.08 -1.29
C SER A 54 14.58 2.60 0.11
N GLN A 55 14.48 3.90 0.30
CA GLN A 55 14.70 4.51 1.60
C GLN A 55 13.44 4.46 2.43
N VAL A 56 12.31 4.20 1.76
CA VAL A 56 11.03 4.14 2.43
C VAL A 56 10.90 2.80 3.17
N HIS A 57 11.60 2.68 4.28
CA HIS A 57 11.54 1.45 5.05
C HIS A 57 10.38 1.50 6.03
N LEU A 58 9.20 1.23 5.51
CA LEU A 58 8.02 1.11 6.34
C LEU A 58 7.85 -0.32 6.78
N LYS A 59 7.55 -0.52 8.05
CA LYS A 59 7.31 -1.85 8.57
C LYS A 59 5.85 -1.97 8.93
N PHE A 60 5.13 -2.72 8.10
CA PHE A 60 3.69 -2.86 8.26
C PHE A 60 3.37 -3.89 9.32
N GLU A 61 2.51 -3.50 10.26
CA GLU A 61 2.11 -4.38 11.35
C GLU A 61 0.62 -4.65 11.30
N LEU A 62 0.25 -5.91 11.46
CA LEU A 62 -1.13 -6.30 11.50
C LEU A 62 -1.55 -6.47 12.94
N HIS A 63 -2.50 -5.66 13.40
CA HIS A 63 -2.96 -5.74 14.76
C HIS A 63 -4.47 -5.78 14.82
N ASP A 64 -4.98 -6.75 15.54
CA ASP A 64 -6.40 -7.00 15.63
C ASP A 64 -6.97 -6.39 16.90
N LYS A 65 -8.17 -5.84 16.79
CA LYS A 65 -8.84 -5.20 17.90
C LYS A 65 -10.34 -5.39 17.80
N LEU A 66 -10.93 -5.95 18.86
CA LEU A 66 -12.37 -6.05 19.00
C LEU A 66 -13.01 -6.87 17.85
N ASN A 67 -13.27 -6.21 16.73
CA ASN A 67 -13.91 -6.85 15.58
C ASN A 67 -13.07 -6.65 14.33
N GLU A 68 -12.09 -5.76 14.42
CA GLU A 68 -11.30 -5.39 13.26
C GLU A 68 -9.88 -5.90 13.37
N TYR A 69 -9.16 -5.84 12.27
CA TYR A 69 -7.74 -6.14 12.23
C TYR A 69 -7.10 -5.27 11.16
N TYR A 70 -6.41 -4.22 11.59
CA TYR A 70 -5.91 -3.23 10.65
C TYR A 70 -4.39 -3.26 10.56
N VAL A 71 -3.88 -2.59 9.55
CA VAL A 71 -2.45 -2.53 9.33
C VAL A 71 -1.93 -1.16 9.71
N LYS A 72 -1.08 -1.12 10.73
CA LYS A 72 -0.46 0.12 11.16
C LYS A 72 0.94 0.22 10.56
N VAL A 73 1.25 1.38 10.00
CA VAL A 73 2.53 1.61 9.35
C VAL A 73 3.53 2.17 10.35
N ILE A 74 4.56 1.40 10.63
CA ILE A 74 5.62 1.83 11.52
C ILE A 74 6.83 2.30 10.73
N GLU A 75 7.22 3.55 10.95
CA GLU A 75 8.37 4.11 10.27
C GLU A 75 9.64 3.65 10.98
N ASP A 76 10.50 2.94 10.25
CA ASP A 76 11.69 2.33 10.85
C ASP A 76 12.62 3.35 11.48
N SER A 77 12.69 4.54 10.90
CA SER A 77 13.60 5.57 11.36
C SER A 77 13.19 6.15 12.72
N THR A 78 11.92 6.02 13.08
CA THR A 78 11.42 6.57 14.32
C THR A 78 10.88 5.49 15.27
N ASN A 79 10.58 4.32 14.71
CA ASN A 79 10.09 3.17 15.49
C ASN A 79 8.66 3.36 15.99
N GLU A 80 7.95 4.32 15.41
CA GLU A 80 6.58 4.59 15.82
C GLU A 80 5.60 4.45 14.66
N VAL A 81 4.33 4.30 15.00
CA VAL A 81 3.27 4.21 14.01
C VAL A 81 2.92 5.60 13.49
N ILE A 82 3.12 5.80 12.20
CA ILE A 82 2.87 7.11 11.60
C ILE A 82 1.53 7.13 10.87
N ARG A 83 0.96 5.96 10.64
CA ARG A 83 -0.28 5.86 9.88
C ARG A 83 -0.98 4.54 10.19
N GLU A 84 -2.28 4.61 10.46
CA GLU A 84 -3.05 3.40 10.73
C GLU A 84 -4.16 3.26 9.69
N ILE A 85 -4.12 2.18 8.93
CA ILE A 85 -5.10 1.97 7.88
C ILE A 85 -5.98 0.76 8.19
N PRO A 86 -7.28 0.99 8.40
CA PRO A 86 -8.24 -0.10 8.61
C PRO A 86 -8.40 -0.96 7.36
N PRO A 87 -8.73 -2.25 7.53
CA PRO A 87 -8.81 -3.21 6.42
C PRO A 87 -9.79 -2.76 5.33
N LYS A 88 -10.82 -2.03 5.73
CA LYS A 88 -11.85 -1.59 4.81
C LYS A 88 -11.43 -0.33 4.05
N ARG A 89 -10.20 0.13 4.27
CA ARG A 89 -9.64 1.22 3.48
C ARG A 89 -8.29 0.80 2.89
N TRP A 90 -7.86 -0.42 3.23
CA TRP A 90 -6.57 -0.91 2.82
C TRP A 90 -6.51 -1.09 1.31
N LEU A 91 -7.65 -1.41 0.71
CA LEU A 91 -7.74 -1.61 -0.73
C LEU A 91 -7.39 -0.33 -1.49
N ASP A 92 -7.85 0.80 -0.96
CA ASP A 92 -7.59 2.09 -1.60
C ASP A 92 -6.13 2.48 -1.43
N PHE A 93 -5.61 2.31 -0.21
CA PHE A 93 -4.21 2.59 0.07
C PHE A 93 -3.31 1.73 -0.80
N TYR A 94 -3.69 0.46 -0.93
CA TYR A 94 -2.97 -0.47 -1.78
C TYR A 94 -2.84 0.08 -3.20
N ALA A 95 -3.95 0.48 -3.78
CA ALA A 95 -3.96 1.04 -5.13
C ALA A 95 -3.19 2.36 -5.17
N ALA A 96 -3.47 3.22 -4.19
CA ALA A 96 -2.86 4.55 -4.12
C ALA A 96 -1.34 4.47 -4.22
N MET A 97 -0.75 3.61 -3.43
CA MET A 97 0.70 3.49 -3.41
C MET A 97 1.21 2.64 -4.56
N THR A 98 0.41 1.69 -5.03
CA THR A 98 0.81 0.87 -6.17
C THR A 98 0.97 1.69 -7.44
N GLU A 99 0.03 2.60 -7.71
CA GLU A 99 0.19 3.50 -8.84
C GLU A 99 1.48 4.30 -8.70
N PHE A 100 1.72 4.77 -7.48
CA PHE A 100 2.94 5.52 -7.16
C PHE A 100 4.20 4.67 -7.33
N LEU A 101 4.26 3.54 -6.62
CA LEU A 101 5.45 2.69 -6.62
C LEU A 101 5.67 2.03 -7.97
N GLY A 102 4.59 1.66 -8.63
CA GLY A 102 4.69 1.00 -9.92
C GLY A 102 5.17 1.94 -11.01
N LEU A 103 5.14 3.24 -10.72
CA LEU A 103 5.72 4.22 -11.62
C LEU A 103 7.25 4.20 -11.51
N PHE A 104 7.74 3.75 -10.37
CA PHE A 104 9.17 3.64 -10.14
C PHE A 104 9.68 2.28 -10.57
N VAL A 105 9.03 1.22 -10.12
CA VAL A 105 9.45 -0.14 -10.44
C VAL A 105 9.19 -0.49 -11.89
N ASP A 106 9.94 -1.46 -12.37
CA ASP A 106 9.77 -1.96 -13.70
C ASP A 106 8.46 -2.70 -13.78
N GLU A 107 7.51 -2.03 -14.40
CA GLU A 107 6.16 -2.54 -14.67
C GLU A 107 6.17 -3.80 -15.56
N LYS A 108 6.98 -4.76 -15.16
CA LYS A 108 7.05 -6.09 -15.76
C LYS A 108 7.46 -7.06 -14.68
N LYS A 109 8.44 -6.62 -13.90
CA LYS A 109 8.96 -7.38 -12.76
C LYS A 109 8.00 -7.37 -11.58
N LEU A 110 6.96 -6.56 -11.67
CA LEU A 110 6.02 -6.43 -10.56
C LEU A 110 5.30 -7.75 -10.29
N GLU A 111 4.95 -8.44 -11.38
CA GLU A 111 4.22 -9.72 -11.38
C GLU A 111 3.31 -9.93 -10.16
N HIS A 112 2.56 -8.90 -9.79
CA HIS A 112 1.61 -9.06 -8.71
C HIS A 112 0.19 -9.11 -9.28
N HIS A 113 -0.18 -10.30 -9.74
CA HIS A 113 -1.41 -10.47 -10.49
C HIS A 113 -2.59 -10.81 -9.57
N HIS A 114 -3.38 -9.81 -9.27
CA HIS A 114 -4.64 -10.02 -8.57
C HIS A 114 -5.76 -10.14 -9.58
N HIS A 115 -6.08 -11.37 -9.93
CA HIS A 115 -7.00 -11.64 -11.02
C HIS A 115 -8.46 -11.47 -10.57
N HIS A 116 -8.95 -10.26 -10.70
CA HIS A 116 -10.37 -9.98 -10.51
C HIS A 116 -10.73 -8.75 -11.33
N HIS A 117 -10.96 -8.98 -12.62
CA HIS A 117 -11.34 -7.93 -13.53
C HIS A 117 -12.48 -8.40 -14.42
N LEU A 1 14.33 6.82 -13.55
CA LEU A 1 13.44 7.21 -12.42
C LEU A 1 14.13 6.92 -11.09
N ASN A 2 14.50 5.65 -10.91
CA ASN A 2 15.19 5.19 -9.71
C ASN A 2 14.30 5.28 -8.48
N ILE A 3 13.65 4.16 -8.15
CA ILE A 3 12.86 4.06 -6.93
C ILE A 3 13.81 4.00 -5.73
N GLU A 4 15.09 3.81 -6.04
CA GLU A 4 16.14 3.84 -5.04
C GLU A 4 16.31 5.25 -4.46
N ARG A 5 15.56 6.20 -5.02
CA ARG A 5 15.62 7.59 -4.56
C ARG A 5 14.38 7.91 -3.74
N LEU A 6 13.48 6.93 -3.67
CA LEU A 6 12.22 7.11 -2.96
C LEU A 6 12.45 7.22 -1.47
N THR A 7 12.40 8.43 -0.94
CA THR A 7 12.66 8.68 0.46
C THR A 7 11.37 8.85 1.27
N THR A 8 10.42 9.60 0.73
CA THR A 8 9.21 9.94 1.48
C THR A 8 7.94 9.48 0.72
N LEU A 9 6.91 9.10 1.47
CA LEU A 9 5.63 8.69 0.90
C LEU A 9 4.71 9.89 0.69
N GLN A 10 5.30 11.07 0.53
CA GLN A 10 4.54 12.31 0.43
C GLN A 10 3.46 12.26 -0.67
N PRO A 11 3.81 11.85 -1.92
CA PRO A 11 2.82 11.76 -3.01
C PRO A 11 1.70 10.76 -2.69
N VAL A 12 2.03 9.72 -1.94
CA VAL A 12 1.08 8.67 -1.62
C VAL A 12 0.07 9.17 -0.60
N TRP A 13 0.54 9.89 0.40
CA TRP A 13 -0.35 10.45 1.42
C TRP A 13 -1.34 11.43 0.79
N ASP A 14 -0.87 12.18 -0.20
CA ASP A 14 -1.73 13.11 -0.93
C ASP A 14 -2.74 12.34 -1.79
N ARG A 15 -2.28 11.25 -2.39
CA ARG A 15 -3.11 10.45 -3.26
C ARG A 15 -4.17 9.68 -2.45
N TYR A 16 -3.80 9.29 -1.24
CA TYR A 16 -4.72 8.61 -0.32
C TYR A 16 -5.87 9.53 0.04
N ASP A 17 -5.56 10.75 0.43
CA ASP A 17 -6.59 11.72 0.78
C ASP A 17 -7.52 11.96 -0.39
N THR A 18 -6.95 12.24 -1.56
CA THR A 18 -7.74 12.60 -2.73
C THR A 18 -8.57 11.41 -3.24
N GLN A 19 -8.02 10.19 -3.13
CA GLN A 19 -8.72 8.99 -3.55
C GLN A 19 -9.92 8.77 -2.64
N ILE A 20 -9.74 9.06 -1.36
CA ILE A 20 -10.77 8.94 -0.35
C ILE A 20 -12.02 9.75 -0.72
N HIS A 21 -11.86 10.77 -1.58
CA HIS A 21 -13.00 11.56 -2.07
C HIS A 21 -13.84 10.72 -3.03
N ASN A 22 -13.17 9.86 -3.78
CA ASN A 22 -13.84 8.96 -4.70
C ASN A 22 -14.38 7.75 -3.97
N GLN A 23 -13.46 6.95 -3.43
CA GLN A 23 -13.77 5.77 -2.61
C GLN A 23 -14.47 4.67 -3.42
N LYS A 24 -14.66 4.90 -4.72
CA LYS A 24 -15.34 3.93 -5.56
C LYS A 24 -14.67 3.78 -6.92
N ASP A 25 -13.90 2.72 -7.07
CA ASP A 25 -13.32 2.35 -8.36
C ASP A 25 -13.18 0.85 -8.44
N ASN A 26 -13.68 0.27 -9.51
CA ASN A 26 -13.61 -1.17 -9.67
C ASN A 26 -13.33 -1.53 -11.12
N ASP A 27 -12.09 -1.91 -11.38
CA ASP A 27 -11.68 -2.36 -12.71
C ASP A 27 -11.47 -3.87 -12.66
N ASN A 28 -11.63 -4.54 -13.79
CA ASN A 28 -11.54 -6.00 -13.83
C ASN A 28 -10.11 -6.47 -13.56
N GLU A 29 -9.15 -5.55 -13.65
CA GLU A 29 -7.76 -5.90 -13.39
C GLU A 29 -7.32 -5.52 -11.98
N VAL A 30 -8.24 -5.06 -11.17
CA VAL A 30 -7.92 -4.68 -9.82
C VAL A 30 -9.10 -4.89 -8.87
N PRO A 31 -8.98 -5.89 -7.99
CA PRO A 31 -10.00 -6.21 -7.01
C PRO A 31 -9.94 -5.31 -5.78
N VAL A 32 -10.64 -4.20 -5.85
CA VAL A 32 -10.69 -3.27 -4.73
C VAL A 32 -11.79 -3.69 -3.75
N HIS A 33 -11.65 -4.91 -3.25
CA HIS A 33 -12.60 -5.50 -2.32
C HIS A 33 -12.22 -6.96 -2.06
N GLN A 34 -13.11 -7.73 -1.44
CA GLN A 34 -12.87 -9.15 -1.16
C GLN A 34 -11.70 -9.33 -0.19
N VAL A 35 -11.57 -8.37 0.71
CA VAL A 35 -10.46 -8.34 1.66
C VAL A 35 -10.72 -9.30 2.81
N SER A 36 -10.18 -10.51 2.69
CA SER A 36 -10.25 -11.49 3.77
C SER A 36 -8.96 -11.45 4.57
N TYR A 37 -8.90 -12.19 5.67
CA TYR A 37 -7.72 -12.22 6.53
C TYR A 37 -6.46 -12.53 5.74
N THR A 38 -6.56 -13.47 4.81
CA THR A 38 -5.45 -13.86 3.96
C THR A 38 -4.90 -12.66 3.18
N ASN A 39 -5.80 -11.79 2.72
CA ASN A 39 -5.42 -10.61 1.96
C ASN A 39 -4.50 -9.70 2.75
N LEU A 40 -4.83 -9.47 4.02
CA LEU A 40 -4.01 -8.62 4.87
C LEU A 40 -2.59 -9.17 4.96
N ALA A 41 -2.48 -10.46 5.25
CA ALA A 41 -1.19 -11.11 5.37
C ALA A 41 -0.39 -11.02 4.08
N GLU A 42 -1.07 -11.27 2.96
CA GLU A 42 -0.43 -11.20 1.66
C GLU A 42 0.05 -9.78 1.34
N MET A 43 -0.82 -8.81 1.56
CA MET A 43 -0.51 -7.41 1.26
C MET A 43 0.63 -6.90 2.12
N VAL A 44 0.67 -7.33 3.38
CA VAL A 44 1.77 -6.94 4.28
C VAL A 44 3.13 -7.30 3.66
N GLY A 45 3.20 -8.50 3.08
CA GLY A 45 4.44 -8.96 2.50
C GLY A 45 4.79 -8.20 1.22
N GLU A 46 3.83 -8.08 0.31
CA GLU A 46 4.09 -7.46 -0.98
C GLU A 46 4.32 -5.95 -0.86
N MET A 47 3.63 -5.31 0.08
CA MET A 47 3.84 -3.88 0.33
C MET A 47 5.27 -3.63 0.79
N ASN A 48 5.77 -4.52 1.64
CA ASN A 48 7.15 -4.44 2.12
C ASN A 48 8.12 -4.66 0.97
N LYS A 49 7.77 -5.56 0.07
CA LYS A 49 8.65 -5.97 -1.01
C LYS A 49 8.71 -4.91 -2.11
N LEU A 50 7.61 -4.18 -2.29
CA LEU A 50 7.57 -3.11 -3.30
C LEU A 50 8.41 -1.92 -2.85
N LEU A 51 8.70 -1.86 -1.56
CA LEU A 51 9.47 -0.77 -1.00
C LEU A 51 10.85 -1.27 -0.59
N GLU A 52 11.23 -2.42 -1.13
CA GLU A 52 12.50 -3.06 -0.83
C GLU A 52 13.70 -2.13 -1.10
N PRO A 53 13.84 -1.57 -2.32
CA PRO A 53 15.00 -0.74 -2.65
C PRO A 53 14.78 0.75 -2.40
N SER A 54 13.82 1.08 -1.54
CA SER A 54 13.53 2.48 -1.24
C SER A 54 14.42 2.98 -0.10
N GLN A 55 14.30 4.26 0.22
CA GLN A 55 15.05 4.85 1.33
C GLN A 55 14.11 5.15 2.49
N VAL A 56 12.91 4.61 2.42
CA VAL A 56 11.89 4.91 3.39
C VAL A 56 12.07 4.09 4.66
N HIS A 57 12.21 2.77 4.48
CA HIS A 57 12.16 1.82 5.59
C HIS A 57 10.82 1.92 6.28
N LEU A 58 9.78 1.46 5.59
CA LEU A 58 8.43 1.53 6.09
C LEU A 58 7.92 0.13 6.41
N LYS A 59 7.46 -0.09 7.62
CA LYS A 59 6.97 -1.40 8.04
C LYS A 59 5.46 -1.41 8.13
N PHE A 60 4.89 -2.60 8.00
CA PHE A 60 3.46 -2.81 8.12
C PHE A 60 3.19 -4.01 9.03
N GLU A 61 2.55 -3.78 10.17
CA GLU A 61 2.30 -4.86 11.11
C GLU A 61 0.81 -5.08 11.27
N LEU A 62 0.41 -6.35 11.28
CA LEU A 62 -0.99 -6.72 11.39
C LEU A 62 -1.42 -6.69 12.85
N HIS A 63 -2.45 -5.90 13.14
CA HIS A 63 -3.01 -5.83 14.47
C HIS A 63 -4.52 -5.78 14.41
N ASP A 64 -5.16 -6.52 15.29
CA ASP A 64 -6.61 -6.63 15.28
C ASP A 64 -7.22 -5.85 16.45
N LYS A 65 -8.47 -5.44 16.26
CA LYS A 65 -9.23 -4.76 17.29
C LYS A 65 -10.68 -5.22 17.25
N LEU A 66 -10.99 -6.21 18.10
CA LEU A 66 -12.34 -6.79 18.22
C LEU A 66 -12.73 -7.54 16.95
N ASN A 67 -13.06 -6.79 15.91
CA ASN A 67 -13.46 -7.40 14.65
C ASN A 67 -12.64 -6.83 13.49
N GLU A 68 -11.92 -5.75 13.75
CA GLU A 68 -11.13 -5.11 12.72
C GLU A 68 -9.67 -5.54 12.78
N TYR A 69 -9.31 -6.41 11.87
CA TYR A 69 -7.92 -6.78 11.69
C TYR A 69 -7.29 -5.90 10.61
N TYR A 70 -6.46 -4.97 11.04
CA TYR A 70 -5.97 -3.93 10.14
C TYR A 70 -4.45 -3.91 10.09
N VAL A 71 -3.91 -3.06 9.23
CA VAL A 71 -2.48 -2.93 9.05
C VAL A 71 -1.99 -1.63 9.66
N LYS A 72 -0.96 -1.73 10.48
CA LYS A 72 -0.36 -0.57 11.11
C LYS A 72 0.81 -0.07 10.28
N VAL A 73 0.73 1.18 9.86
CA VAL A 73 1.82 1.80 9.12
C VAL A 73 2.86 2.31 10.12
N ILE A 74 4.04 1.71 10.08
CA ILE A 74 5.07 2.00 11.04
C ILE A 74 6.34 2.46 10.36
N GLU A 75 6.78 3.66 10.69
CA GLU A 75 8.03 4.19 10.18
C GLU A 75 9.18 3.56 10.97
N ASP A 76 10.14 2.97 10.28
CA ASP A 76 11.15 2.13 10.94
C ASP A 76 12.16 2.95 11.70
N SER A 77 12.53 4.12 11.18
CA SER A 77 13.56 4.96 11.79
C SER A 77 13.12 5.43 13.18
N THR A 78 11.91 5.96 13.26
CA THR A 78 11.34 6.40 14.53
C THR A 78 10.76 5.21 15.29
N ASN A 79 10.40 4.16 14.55
CA ASN A 79 9.95 2.88 15.11
C ASN A 79 8.56 3.02 15.75
N GLU A 80 7.87 4.11 15.42
CA GLU A 80 6.55 4.35 15.99
C GLU A 80 5.48 4.21 14.92
N VAL A 81 4.24 4.02 15.35
CA VAL A 81 3.12 3.90 14.43
C VAL A 81 2.69 5.27 13.95
N ILE A 82 3.13 5.63 12.75
CA ILE A 82 2.90 6.96 12.21
C ILE A 82 1.52 7.07 11.57
N ARG A 83 0.92 5.93 11.24
CA ARG A 83 -0.37 5.92 10.57
C ARG A 83 -1.09 4.61 10.85
N GLU A 84 -2.39 4.68 11.11
CA GLU A 84 -3.19 3.49 11.29
C GLU A 84 -4.31 3.47 10.27
N ILE A 85 -4.36 2.42 9.47
CA ILE A 85 -5.32 2.33 8.40
C ILE A 85 -6.18 1.08 8.53
N PRO A 86 -7.49 1.25 8.76
CA PRO A 86 -8.44 0.15 8.87
C PRO A 86 -8.68 -0.52 7.52
N PRO A 87 -9.18 -1.77 7.50
CA PRO A 87 -9.43 -2.52 6.26
C PRO A 87 -10.33 -1.77 5.28
N LYS A 88 -11.25 -0.98 5.83
CA LYS A 88 -12.20 -0.22 5.01
C LYS A 88 -11.53 1.00 4.37
N ARG A 89 -10.26 1.23 4.69
CA ARG A 89 -9.51 2.35 4.14
C ARG A 89 -8.22 1.87 3.48
N TRP A 90 -7.89 0.60 3.70
CA TRP A 90 -6.64 0.03 3.22
C TRP A 90 -6.66 -0.10 1.71
N LEU A 91 -7.84 -0.32 1.15
CA LEU A 91 -8.01 -0.44 -0.29
C LEU A 91 -7.57 0.84 -0.99
N ASP A 92 -7.94 1.97 -0.42
CA ASP A 92 -7.59 3.27 -0.98
C ASP A 92 -6.09 3.47 -0.94
N PHE A 93 -5.46 3.04 0.15
CA PHE A 93 -4.02 3.15 0.31
C PHE A 93 -3.30 2.24 -0.67
N TYR A 94 -3.74 0.99 -0.75
CA TYR A 94 -3.13 0.01 -1.65
C TYR A 94 -3.27 0.47 -3.09
N ALA A 95 -4.42 1.05 -3.43
CA ALA A 95 -4.65 1.57 -4.77
C ALA A 95 -3.69 2.71 -5.08
N ALA A 96 -3.47 3.57 -4.10
CA ALA A 96 -2.54 4.69 -4.26
C ALA A 96 -1.11 4.18 -4.45
N MET A 97 -0.77 3.12 -3.73
CA MET A 97 0.57 2.54 -3.79
C MET A 97 0.80 1.80 -5.11
N THR A 98 -0.18 1.04 -5.57
CA THR A 98 0.00 0.25 -6.79
C THR A 98 0.17 1.15 -8.02
N GLU A 99 -0.49 2.30 -8.02
CA GLU A 99 -0.30 3.27 -9.09
C GLU A 99 1.03 3.97 -8.95
N PHE A 100 1.50 4.11 -7.71
CA PHE A 100 2.76 4.80 -7.45
C PHE A 100 3.96 3.89 -7.68
N LEU A 101 4.02 2.77 -6.98
CA LEU A 101 5.17 1.88 -7.03
C LEU A 101 5.21 1.10 -8.35
N GLY A 102 4.03 0.84 -8.92
CA GLY A 102 3.99 0.11 -10.18
C GLY A 102 4.44 0.96 -11.34
N LEU A 103 4.65 2.24 -11.09
CA LEU A 103 5.27 3.11 -12.09
C LEU A 103 6.79 3.07 -11.98
N PHE A 104 7.26 2.45 -10.90
CA PHE A 104 8.70 2.33 -10.67
C PHE A 104 9.20 0.92 -11.00
N VAL A 105 8.27 0.03 -11.30
CA VAL A 105 8.62 -1.32 -11.70
C VAL A 105 9.27 -1.29 -13.08
N ASP A 106 10.27 -2.13 -13.30
CA ASP A 106 11.03 -2.09 -14.53
C ASP A 106 10.43 -3.02 -15.58
N GLU A 107 9.33 -2.55 -16.19
CA GLU A 107 8.66 -3.25 -17.30
C GLU A 107 8.11 -4.62 -16.90
N LYS A 108 8.99 -5.60 -16.75
CA LYS A 108 8.58 -7.00 -16.56
C LYS A 108 7.69 -7.19 -15.34
N LYS A 109 7.91 -6.40 -14.31
CA LYS A 109 7.16 -6.53 -13.07
C LYS A 109 5.83 -5.75 -13.13
N LEU A 110 5.42 -5.39 -14.34
CA LEU A 110 4.19 -4.62 -14.53
C LEU A 110 2.97 -5.50 -14.29
N GLU A 111 3.16 -6.81 -14.48
CA GLU A 111 2.13 -7.84 -14.28
C GLU A 111 1.01 -7.74 -15.32
N HIS A 112 0.49 -6.54 -15.48
CA HIS A 112 -0.67 -6.32 -16.34
C HIS A 112 -0.28 -6.35 -17.80
N HIS A 113 -1.27 -6.50 -18.66
CA HIS A 113 -1.04 -6.48 -20.09
C HIS A 113 -0.95 -5.03 -20.56
N HIS A 114 0.27 -4.61 -20.86
CA HIS A 114 0.51 -3.24 -21.32
C HIS A 114 0.00 -3.12 -22.75
N HIS A 115 -1.10 -2.40 -22.91
CA HIS A 115 -1.79 -2.34 -24.19
C HIS A 115 -1.00 -1.52 -25.21
N HIS A 116 -0.57 -0.33 -24.81
CA HIS A 116 0.11 0.56 -25.73
C HIS A 116 1.45 1.01 -25.16
N HIS A 117 2.52 0.69 -25.87
CA HIS A 117 3.86 1.12 -25.49
C HIS A 117 4.44 2.04 -26.55
N LEU A 1 14.72 8.80 -11.20
CA LEU A 1 13.82 8.38 -10.10
C LEU A 1 14.58 7.59 -9.05
N ASN A 2 15.05 6.40 -9.44
CA ASN A 2 15.84 5.54 -8.58
C ASN A 2 15.17 5.29 -7.23
N ILE A 3 14.35 4.24 -7.17
CA ILE A 3 13.53 3.93 -5.99
C ILE A 3 14.39 3.83 -4.71
N GLU A 4 15.65 3.46 -4.87
CA GLU A 4 16.58 3.25 -3.75
C GLU A 4 16.72 4.51 -2.89
N ARG A 5 16.34 5.66 -3.45
CA ARG A 5 16.52 6.94 -2.75
C ARG A 5 15.23 7.74 -2.79
N LEU A 6 14.12 7.03 -2.95
CA LEU A 6 12.80 7.65 -2.98
C LEU A 6 12.55 8.42 -1.69
N THR A 7 12.67 7.72 -0.56
CA THR A 7 12.54 8.28 0.80
C THR A 7 11.38 9.26 0.95
N THR A 8 10.21 8.89 0.45
CA THR A 8 9.02 9.73 0.58
C THR A 8 7.77 9.00 0.11
N LEU A 9 6.69 9.18 0.85
CA LEU A 9 5.39 8.62 0.48
C LEU A 9 4.32 9.71 0.52
N GLN A 10 4.75 10.96 0.47
CA GLN A 10 3.85 12.11 0.55
C GLN A 10 2.75 12.05 -0.54
N PRO A 11 3.10 11.82 -1.83
CA PRO A 11 2.09 11.72 -2.89
C PRO A 11 1.10 10.58 -2.67
N VAL A 12 1.52 9.58 -1.88
CA VAL A 12 0.68 8.44 -1.59
C VAL A 12 -0.45 8.85 -0.64
N TRP A 13 -0.10 9.65 0.35
CA TRP A 13 -1.08 10.13 1.33
C TRP A 13 -2.11 11.04 0.66
N ASP A 14 -1.71 11.70 -0.42
CA ASP A 14 -2.61 12.58 -1.15
C ASP A 14 -3.68 11.77 -1.87
N ARG A 15 -3.24 10.76 -2.62
CA ARG A 15 -4.17 9.88 -3.33
C ARG A 15 -5.04 9.10 -2.35
N TYR A 16 -4.47 8.81 -1.18
CA TYR A 16 -5.19 8.14 -0.10
C TYR A 16 -6.40 8.98 0.32
N ASP A 17 -6.22 10.28 0.33
CA ASP A 17 -7.30 11.18 0.71
C ASP A 17 -8.28 11.36 -0.44
N THR A 18 -7.77 11.74 -1.61
CA THR A 18 -8.61 12.04 -2.76
C THR A 18 -9.62 10.92 -3.04
N GLN A 19 -9.15 9.68 -2.99
CA GLN A 19 -9.98 8.53 -3.29
C GLN A 19 -11.00 8.28 -2.19
N ILE A 20 -10.59 8.52 -0.96
CA ILE A 20 -11.46 8.38 0.20
C ILE A 20 -12.67 9.32 0.09
N HIS A 21 -12.52 10.40 -0.66
CA HIS A 21 -13.61 11.34 -0.87
C HIS A 21 -14.31 11.07 -2.20
N ASN A 22 -13.84 10.04 -2.90
CA ASN A 22 -14.41 9.64 -4.18
C ASN A 22 -15.30 8.40 -3.99
N GLN A 23 -14.65 7.28 -3.66
CA GLN A 23 -15.36 6.04 -3.29
C GLN A 23 -16.35 5.60 -4.38
N LYS A 24 -15.99 5.79 -5.65
CA LYS A 24 -16.89 5.42 -6.74
C LYS A 24 -16.73 3.96 -7.15
N ASP A 25 -16.43 3.12 -6.15
CA ASP A 25 -16.46 1.66 -6.29
C ASP A 25 -15.34 1.09 -7.17
N ASN A 26 -15.54 1.10 -8.48
CA ASN A 26 -14.63 0.42 -9.39
C ASN A 26 -14.17 1.34 -10.51
N ASP A 27 -12.95 1.12 -11.00
CA ASP A 27 -12.42 1.90 -12.11
C ASP A 27 -12.04 0.98 -13.28
N ASN A 28 -10.82 0.45 -13.28
CA ASN A 28 -10.36 -0.42 -14.35
C ASN A 28 -9.37 -1.47 -13.84
N GLU A 29 -8.14 -1.04 -13.58
CA GLU A 29 -7.06 -1.95 -13.26
C GLU A 29 -7.02 -2.26 -11.77
N VAL A 30 -7.63 -1.38 -11.02
CA VAL A 30 -7.63 -1.48 -9.56
C VAL A 30 -8.31 -2.76 -9.09
N PRO A 31 -7.60 -3.58 -8.30
CA PRO A 31 -8.14 -4.84 -7.78
C PRO A 31 -9.04 -4.61 -6.57
N VAL A 32 -10.33 -4.53 -6.83
CA VAL A 32 -11.31 -4.35 -5.77
C VAL A 32 -11.97 -5.67 -5.45
N HIS A 33 -11.66 -6.17 -4.28
CA HIS A 33 -12.13 -7.48 -3.86
C HIS A 33 -12.37 -7.50 -2.35
N GLN A 34 -13.11 -8.49 -1.89
CA GLN A 34 -13.45 -8.62 -0.48
C GLN A 34 -12.20 -8.99 0.33
N VAL A 35 -11.87 -8.15 1.29
CA VAL A 35 -10.64 -8.34 2.04
C VAL A 35 -10.90 -9.09 3.35
N SER A 36 -10.19 -10.18 3.54
CA SER A 36 -10.27 -10.95 4.77
C SER A 36 -8.91 -10.93 5.46
N TYR A 37 -8.81 -11.62 6.60
CA TYR A 37 -7.58 -11.63 7.40
C TYR A 37 -6.40 -12.17 6.59
N THR A 38 -6.62 -13.29 5.92
CA THR A 38 -5.59 -13.91 5.09
C THR A 38 -5.17 -13.01 3.93
N ASN A 39 -6.13 -12.29 3.36
CA ASN A 39 -5.86 -11.40 2.23
C ASN A 39 -4.96 -10.25 2.65
N LEU A 40 -5.20 -9.71 3.84
CA LEU A 40 -4.38 -8.61 4.36
C LEU A 40 -2.91 -9.01 4.35
N ALA A 41 -2.62 -10.19 4.90
CA ALA A 41 -1.24 -10.69 4.96
C ALA A 41 -0.63 -10.80 3.56
N GLU A 42 -1.47 -11.09 2.58
CA GLU A 42 -1.03 -11.21 1.19
C GLU A 42 -0.58 -9.86 0.66
N MET A 43 -1.45 -8.85 0.77
CA MET A 43 -1.12 -7.51 0.32
C MET A 43 0.01 -6.92 1.14
N VAL A 44 0.02 -7.17 2.44
CA VAL A 44 1.09 -6.69 3.32
C VAL A 44 2.46 -7.14 2.80
N GLY A 45 2.53 -8.36 2.30
CA GLY A 45 3.78 -8.89 1.77
C GLY A 45 4.29 -8.07 0.60
N GLU A 46 3.42 -7.86 -0.39
CA GLU A 46 3.84 -7.13 -1.60
C GLU A 46 4.05 -5.64 -1.30
N MET A 47 3.32 -5.12 -0.32
CA MET A 47 3.49 -3.72 0.10
C MET A 47 4.89 -3.49 0.66
N ASN A 48 5.33 -4.37 1.55
CA ASN A 48 6.65 -4.24 2.16
C ASN A 48 7.75 -4.33 1.12
N LYS A 49 7.60 -5.28 0.20
CA LYS A 49 8.65 -5.53 -0.81
C LYS A 49 8.73 -4.41 -1.84
N LEU A 50 7.84 -3.44 -1.73
CA LEU A 50 7.88 -2.26 -2.59
C LEU A 50 8.76 -1.18 -1.97
N LEU A 51 8.90 -1.21 -0.66
CA LEU A 51 9.66 -0.19 0.04
C LEU A 51 10.95 -0.74 0.64
N GLU A 52 11.05 -2.06 0.68
CA GLU A 52 12.28 -2.72 1.12
C GLU A 52 13.50 -2.29 0.29
N PRO A 53 13.42 -2.29 -1.06
CA PRO A 53 14.53 -1.84 -1.92
C PRO A 53 14.56 -0.31 -2.07
N SER A 54 14.17 0.41 -1.04
CA SER A 54 14.21 1.86 -1.08
C SER A 54 14.87 2.42 0.17
N GLN A 55 14.89 3.74 0.27
CA GLN A 55 15.49 4.43 1.41
C GLN A 55 14.61 4.26 2.64
N VAL A 56 13.31 4.37 2.43
CA VAL A 56 12.35 4.32 3.50
C VAL A 56 11.74 2.94 3.62
N HIS A 57 12.16 2.21 4.65
CA HIS A 57 11.69 0.85 4.85
C HIS A 57 10.47 0.85 5.76
N LEU A 58 9.31 1.11 5.18
CA LEU A 58 8.06 1.09 5.94
C LEU A 58 7.70 -0.33 6.31
N LYS A 59 7.61 -0.59 7.59
CA LYS A 59 7.26 -1.90 8.08
C LYS A 59 5.76 -1.97 8.33
N PHE A 60 5.07 -2.67 7.45
CA PHE A 60 3.62 -2.82 7.55
C PHE A 60 3.29 -4.04 8.40
N GLU A 61 2.64 -3.81 9.53
CA GLU A 61 2.33 -4.90 10.44
C GLU A 61 0.81 -5.02 10.62
N LEU A 62 0.32 -6.24 10.59
CA LEU A 62 -1.10 -6.50 10.78
C LEU A 62 -1.42 -6.64 12.25
N HIS A 63 -2.39 -5.88 12.72
CA HIS A 63 -2.83 -5.94 14.10
C HIS A 63 -4.35 -5.94 14.19
N ASP A 64 -4.87 -6.83 15.00
CA ASP A 64 -6.31 -6.99 15.15
C ASP A 64 -6.75 -6.56 16.55
N LYS A 65 -8.04 -6.34 16.69
CA LYS A 65 -8.64 -6.06 17.99
C LYS A 65 -9.98 -6.78 18.07
N LEU A 66 -10.91 -6.23 18.85
CA LEU A 66 -12.23 -6.83 19.07
C LEU A 66 -12.89 -7.25 17.75
N ASN A 67 -13.27 -6.26 16.95
CA ASN A 67 -14.01 -6.54 15.71
C ASN A 67 -13.18 -6.20 14.47
N GLU A 68 -12.26 -5.26 14.59
CA GLU A 68 -11.47 -4.81 13.44
C GLU A 68 -10.08 -5.44 13.43
N TYR A 69 -9.53 -5.58 12.22
CA TYR A 69 -8.17 -6.02 12.02
C TYR A 69 -7.54 -5.17 10.92
N TYR A 70 -6.54 -4.38 11.27
CA TYR A 70 -6.01 -3.37 10.36
C TYR A 70 -4.50 -3.50 10.18
N VAL A 71 -3.98 -2.82 9.17
CA VAL A 71 -2.55 -2.82 8.91
C VAL A 71 -1.98 -1.44 9.25
N LYS A 72 -0.89 -1.43 9.98
CA LYS A 72 -0.29 -0.17 10.40
C LYS A 72 1.05 0.05 9.70
N VAL A 73 1.32 1.31 9.38
CA VAL A 73 2.56 1.69 8.72
C VAL A 73 3.56 2.16 9.77
N ILE A 74 4.63 1.41 9.92
CA ILE A 74 5.65 1.73 10.90
C ILE A 74 6.93 2.16 10.20
N GLU A 75 7.27 3.43 10.33
CA GLU A 75 8.50 3.96 9.76
C GLU A 75 9.69 3.37 10.47
N ASP A 76 10.70 2.96 9.72
CA ASP A 76 11.86 2.30 10.30
C ASP A 76 12.83 3.32 10.87
N SER A 77 12.87 4.49 10.25
CA SER A 77 13.79 5.53 10.69
C SER A 77 13.40 6.05 12.08
N THR A 78 12.11 6.29 12.29
CA THR A 78 11.63 6.81 13.56
C THR A 78 11.17 5.68 14.49
N ASN A 79 10.79 4.56 13.90
CA ASN A 79 10.27 3.40 14.63
C ASN A 79 8.91 3.72 15.27
N GLU A 80 8.25 4.74 14.75
CA GLU A 80 6.93 5.10 15.24
C GLU A 80 5.88 4.70 14.23
N VAL A 81 4.62 4.75 14.64
CA VAL A 81 3.52 4.46 13.75
C VAL A 81 3.04 5.75 13.09
N ILE A 82 3.30 5.88 11.81
CA ILE A 82 2.97 7.11 11.10
C ILE A 82 1.56 7.06 10.51
N ARG A 83 0.97 5.87 10.47
CA ARG A 83 -0.39 5.72 9.96
C ARG A 83 -0.95 4.36 10.31
N GLU A 84 -2.23 4.32 10.66
CA GLU A 84 -2.94 3.06 10.88
C GLU A 84 -4.14 3.00 9.94
N ILE A 85 -4.11 2.07 9.01
CA ILE A 85 -5.15 1.98 7.99
C ILE A 85 -6.09 0.81 8.28
N PRO A 86 -7.37 1.11 8.57
CA PRO A 86 -8.39 0.09 8.79
C PRO A 86 -8.70 -0.69 7.50
N PRO A 87 -9.20 -1.93 7.62
CA PRO A 87 -9.41 -2.83 6.47
C PRO A 87 -10.30 -2.21 5.39
N LYS A 88 -11.26 -1.38 5.79
CA LYS A 88 -12.19 -0.79 4.84
C LYS A 88 -11.65 0.54 4.30
N ARG A 89 -10.40 0.84 4.60
CA ARG A 89 -9.70 1.97 4.00
C ARG A 89 -8.44 1.47 3.30
N TRP A 90 -8.18 0.19 3.47
CA TRP A 90 -6.97 -0.44 2.95
C TRP A 90 -6.91 -0.35 1.42
N LEU A 91 -8.06 -0.48 0.78
CA LEU A 91 -8.12 -0.48 -0.68
C LEU A 91 -7.67 0.86 -1.24
N ASP A 92 -7.95 1.93 -0.49
CA ASP A 92 -7.55 3.27 -0.88
C ASP A 92 -6.03 3.40 -0.82
N PHE A 93 -5.48 2.93 0.28
CA PHE A 93 -4.03 2.97 0.51
C PHE A 93 -3.30 2.06 -0.48
N TYR A 94 -3.83 0.85 -0.65
CA TYR A 94 -3.23 -0.15 -1.55
C TYR A 94 -3.18 0.38 -2.98
N ALA A 95 -4.26 1.02 -3.41
CA ALA A 95 -4.33 1.59 -4.76
C ALA A 95 -3.33 2.73 -4.90
N ALA A 96 -3.28 3.59 -3.88
CA ALA A 96 -2.39 4.75 -3.88
C ALA A 96 -0.94 4.34 -4.07
N MET A 97 -0.50 3.32 -3.32
CA MET A 97 0.89 2.88 -3.40
C MET A 97 1.21 2.29 -4.77
N THR A 98 0.28 1.48 -5.30
CA THR A 98 0.50 0.83 -6.58
C THR A 98 0.56 1.86 -7.71
N GLU A 99 -0.28 2.88 -7.62
CA GLU A 99 -0.27 3.97 -8.59
C GLU A 99 1.08 4.69 -8.57
N PHE A 100 1.63 4.88 -7.39
CA PHE A 100 2.88 5.61 -7.23
C PHE A 100 4.11 4.72 -7.50
N LEU A 101 4.24 3.63 -6.76
CA LEU A 101 5.44 2.80 -6.83
C LEU A 101 5.42 1.90 -8.07
N GLY A 102 4.25 1.69 -8.64
CA GLY A 102 4.17 0.89 -9.86
C GLY A 102 4.57 1.69 -11.08
N LEU A 103 5.10 2.88 -10.85
CA LEU A 103 5.67 3.68 -11.90
C LEU A 103 7.17 3.40 -12.04
N PHE A 104 7.74 2.82 -10.98
CA PHE A 104 9.17 2.51 -10.95
C PHE A 104 9.41 1.07 -11.41
N VAL A 105 8.39 0.47 -11.99
CA VAL A 105 8.45 -0.93 -12.41
C VAL A 105 9.19 -1.10 -13.71
N ASP A 106 10.01 -2.13 -13.72
CA ASP A 106 10.67 -2.59 -14.90
C ASP A 106 10.13 -3.94 -15.23
N GLU A 107 9.52 -3.99 -16.38
CA GLU A 107 9.03 -5.21 -17.03
C GLU A 107 9.67 -6.51 -16.52
N LYS A 108 11.00 -6.59 -16.59
CA LYS A 108 11.71 -7.83 -16.24
C LYS A 108 11.86 -8.00 -14.73
N LYS A 109 11.48 -6.98 -13.99
CA LYS A 109 11.49 -7.03 -12.53
C LYS A 109 10.07 -7.12 -12.00
N LEU A 110 9.11 -7.30 -12.90
CA LEU A 110 7.71 -7.36 -12.53
C LEU A 110 7.37 -8.66 -11.81
N GLU A 111 7.41 -9.75 -12.55
CA GLU A 111 7.06 -11.08 -12.04
C GLU A 111 5.60 -11.11 -11.56
N HIS A 112 4.76 -10.31 -12.22
CA HIS A 112 3.33 -10.34 -11.96
C HIS A 112 2.64 -11.09 -13.09
N HIS A 113 1.65 -11.89 -12.73
CA HIS A 113 1.04 -12.84 -13.66
C HIS A 113 0.52 -12.17 -14.92
N HIS A 114 1.04 -12.64 -16.06
CA HIS A 114 0.60 -12.20 -17.38
C HIS A 114 0.95 -10.74 -17.65
N HIS A 115 0.02 -9.84 -17.32
CA HIS A 115 0.16 -8.43 -17.66
C HIS A 115 -1.09 -7.68 -17.20
N HIS A 116 -1.06 -7.17 -15.98
CA HIS A 116 -2.21 -6.49 -15.41
C HIS A 116 -2.00 -4.98 -15.41
N HIS A 117 -1.32 -4.50 -16.45
CA HIS A 117 -1.09 -3.08 -16.62
C HIS A 117 -0.62 -2.82 -18.05
N LEU A 1 11.95 8.30 -11.20
CA LEU A 1 11.55 6.87 -11.16
C LEU A 1 12.59 6.07 -10.37
N ASN A 2 12.47 4.73 -10.45
CA ASN A 2 13.31 3.80 -9.71
C ASN A 2 13.15 3.97 -8.19
N ILE A 3 12.64 2.93 -7.55
CA ILE A 3 12.32 2.99 -6.13
C ILE A 3 13.58 3.09 -5.28
N GLU A 4 14.72 2.76 -5.85
CA GLU A 4 16.00 2.87 -5.16
C GLU A 4 16.32 4.33 -4.85
N ARG A 5 15.61 5.23 -5.50
CA ARG A 5 15.87 6.66 -5.37
C ARG A 5 14.72 7.33 -4.65
N LEU A 6 13.83 6.50 -4.12
CA LEU A 6 12.66 6.98 -3.41
C LEU A 6 12.97 7.10 -1.92
N THR A 7 12.51 8.16 -1.28
CA THR A 7 12.78 8.36 0.14
C THR A 7 11.49 8.54 0.94
N THR A 8 10.59 9.38 0.44
CA THR A 8 9.37 9.71 1.16
C THR A 8 8.15 9.03 0.53
N LEU A 9 7.10 8.89 1.33
CA LEU A 9 5.86 8.28 0.89
C LEU A 9 4.76 9.34 0.85
N GLN A 10 5.16 10.59 1.01
CA GLN A 10 4.23 11.72 1.06
C GLN A 10 3.29 11.76 -0.16
N PRO A 11 3.79 11.56 -1.40
CA PRO A 11 2.92 11.51 -2.59
C PRO A 11 1.79 10.47 -2.49
N VAL A 12 1.98 9.47 -1.63
CA VAL A 12 0.95 8.46 -1.40
C VAL A 12 -0.12 8.99 -0.47
N TRP A 13 0.30 9.67 0.60
CA TRP A 13 -0.65 10.28 1.53
C TRP A 13 -1.47 11.34 0.82
N ASP A 14 -0.85 11.96 -0.17
CA ASP A 14 -1.53 12.92 -1.03
C ASP A 14 -2.64 12.24 -1.81
N ARG A 15 -2.30 11.09 -2.42
CA ARG A 15 -3.30 10.26 -3.10
C ARG A 15 -4.43 9.90 -2.14
N TYR A 16 -4.05 9.48 -0.95
CA TYR A 16 -4.99 9.05 0.08
C TYR A 16 -6.00 10.16 0.39
N ASP A 17 -5.50 11.33 0.75
CA ASP A 17 -6.36 12.45 1.12
C ASP A 17 -7.23 12.87 -0.06
N THR A 18 -6.64 12.94 -1.25
CA THR A 18 -7.35 13.39 -2.43
C THR A 18 -8.57 12.50 -2.73
N GLN A 19 -8.56 11.27 -2.25
CA GLN A 19 -9.70 10.39 -2.40
C GLN A 19 -10.63 10.51 -1.20
N ILE A 20 -10.04 10.35 -0.02
CA ILE A 20 -10.77 10.36 1.24
C ILE A 20 -11.51 11.67 1.49
N HIS A 21 -10.87 12.79 1.17
CA HIS A 21 -11.40 14.12 1.49
C HIS A 21 -12.70 14.42 0.72
N ASN A 22 -13.02 13.57 -0.24
CA ASN A 22 -14.22 13.77 -1.06
C ASN A 22 -15.44 13.21 -0.33
N GLN A 23 -15.19 12.36 0.67
CA GLN A 23 -16.26 11.73 1.45
C GLN A 23 -17.23 10.97 0.53
N LYS A 24 -16.66 10.36 -0.50
CA LYS A 24 -17.45 9.63 -1.47
C LYS A 24 -16.92 8.21 -1.64
N ASP A 25 -17.77 7.22 -1.41
CA ASP A 25 -17.37 5.83 -1.63
C ASP A 25 -17.38 5.53 -3.12
N ASN A 26 -16.37 4.80 -3.57
CA ASN A 26 -16.16 4.57 -4.98
C ASN A 26 -15.63 3.16 -5.26
N ASP A 27 -16.21 2.51 -6.26
CA ASP A 27 -15.77 1.19 -6.67
C ASP A 27 -15.70 1.11 -8.20
N ASN A 28 -15.86 2.26 -8.84
CA ASN A 28 -15.97 2.32 -10.30
C ASN A 28 -14.66 1.95 -10.98
N GLU A 29 -13.57 2.53 -10.51
CA GLU A 29 -12.26 2.27 -11.10
C GLU A 29 -11.25 1.97 -10.01
N VAL A 30 -11.19 0.71 -9.64
CA VAL A 30 -10.27 0.23 -8.61
C VAL A 30 -9.92 -1.23 -8.89
N PRO A 31 -8.68 -1.67 -8.62
CA PRO A 31 -8.27 -3.07 -8.85
C PRO A 31 -8.83 -4.02 -7.82
N VAL A 32 -9.91 -3.57 -7.22
CA VAL A 32 -10.69 -4.29 -6.22
C VAL A 32 -9.83 -4.98 -5.16
N HIS A 33 -9.51 -6.24 -5.42
CA HIS A 33 -8.89 -7.09 -4.40
C HIS A 33 -9.86 -7.32 -3.27
N GLN A 34 -10.67 -8.38 -3.40
CA GLN A 34 -11.67 -8.71 -2.40
C GLN A 34 -11.01 -8.95 -1.05
N VAL A 35 -11.20 -7.99 -0.15
CA VAL A 35 -10.52 -7.96 1.13
C VAL A 35 -10.83 -9.21 1.96
N SER A 36 -9.79 -9.69 2.62
CA SER A 36 -9.89 -10.82 3.52
C SER A 36 -8.71 -10.72 4.47
N TYR A 37 -8.73 -11.48 5.56
CA TYR A 37 -7.61 -11.50 6.48
C TYR A 37 -6.36 -11.98 5.72
N THR A 38 -6.59 -12.88 4.77
CA THR A 38 -5.54 -13.36 3.89
C THR A 38 -5.05 -12.23 2.99
N ASN A 39 -6.00 -11.62 2.28
CA ASN A 39 -5.69 -10.61 1.26
C ASN A 39 -4.94 -9.44 1.85
N LEU A 40 -5.32 -9.01 3.04
CA LEU A 40 -4.63 -7.93 3.71
C LEU A 40 -3.17 -8.27 3.93
N ALA A 41 -2.90 -9.46 4.46
CA ALA A 41 -1.55 -9.92 4.70
C ALA A 41 -0.78 -10.09 3.39
N GLU A 42 -1.50 -10.50 2.34
CA GLU A 42 -0.90 -10.65 1.02
C GLU A 42 -0.51 -9.30 0.43
N MET A 43 -1.41 -8.33 0.53
CA MET A 43 -1.16 -6.98 0.05
C MET A 43 -0.09 -6.29 0.89
N VAL A 44 -0.09 -6.56 2.19
CA VAL A 44 0.98 -6.08 3.06
C VAL A 44 2.30 -6.74 2.65
N GLY A 45 2.22 -8.02 2.30
CA GLY A 45 3.37 -8.76 1.86
C GLY A 45 4.00 -8.19 0.60
N GLU A 46 3.17 -7.93 -0.42
CA GLU A 46 3.66 -7.39 -1.68
C GLU A 46 4.23 -5.99 -1.49
N MET A 47 3.67 -5.24 -0.54
CA MET A 47 4.21 -3.92 -0.20
C MET A 47 5.62 -4.05 0.36
N ASN A 48 5.81 -5.01 1.25
CA ASN A 48 7.11 -5.27 1.84
C ASN A 48 8.11 -5.73 0.77
N LYS A 49 7.60 -6.24 -0.34
CA LYS A 49 8.45 -6.62 -1.46
C LYS A 49 8.90 -5.39 -2.24
N LEU A 50 7.94 -4.52 -2.53
CA LEU A 50 8.17 -3.38 -3.42
C LEU A 50 9.23 -2.41 -2.89
N LEU A 51 9.14 -2.05 -1.61
CA LEU A 51 9.91 -0.93 -1.08
C LEU A 51 11.09 -1.38 -0.24
N GLU A 52 11.45 -2.65 -0.37
CA GLU A 52 12.61 -3.19 0.31
C GLU A 52 13.90 -2.40 -0.01
N PRO A 53 14.24 -2.21 -1.31
CA PRO A 53 15.47 -1.52 -1.69
C PRO A 53 15.29 0.00 -1.74
N SER A 54 14.28 0.52 -1.06
CA SER A 54 14.02 1.94 -1.07
C SER A 54 14.45 2.58 0.26
N GLN A 55 14.54 3.91 0.26
CA GLN A 55 14.87 4.65 1.48
C GLN A 55 13.63 4.87 2.33
N VAL A 56 12.49 4.46 1.80
CA VAL A 56 11.23 4.59 2.52
C VAL A 56 11.15 3.55 3.63
N HIS A 57 11.63 3.92 4.81
CA HIS A 57 11.62 3.00 5.95
C HIS A 57 10.29 3.09 6.70
N LEU A 58 9.24 2.63 6.06
CA LEU A 58 7.93 2.54 6.69
C LEU A 58 7.48 1.09 6.73
N LYS A 59 7.22 0.60 7.92
CA LYS A 59 6.86 -0.79 8.11
C LYS A 59 5.35 -0.92 8.29
N PHE A 60 4.73 -1.74 7.46
CA PHE A 60 3.30 -1.95 7.51
C PHE A 60 3.00 -3.36 8.00
N GLU A 61 2.19 -3.48 9.03
CA GLU A 61 1.80 -4.78 9.54
C GLU A 61 0.28 -4.86 9.73
N LEU A 62 -0.28 -6.01 9.41
CA LEU A 62 -1.68 -6.27 9.69
C LEU A 62 -1.81 -6.85 11.09
N HIS A 63 -2.12 -6.01 12.05
CA HIS A 63 -2.26 -6.46 13.42
C HIS A 63 -3.66 -6.23 13.93
N ASP A 64 -4.38 -7.32 14.14
CA ASP A 64 -5.71 -7.26 14.69
C ASP A 64 -5.65 -7.06 16.19
N LYS A 65 -6.61 -6.33 16.74
CA LYS A 65 -6.69 -6.15 18.18
C LYS A 65 -7.55 -7.25 18.78
N LEU A 66 -8.53 -7.69 18.01
CA LEU A 66 -9.50 -8.67 18.45
C LEU A 66 -10.44 -8.97 17.29
N ASN A 67 -11.22 -7.97 16.92
CA ASN A 67 -12.10 -8.06 15.77
C ASN A 67 -11.64 -7.09 14.69
N GLU A 68 -11.19 -5.92 15.14
CA GLU A 68 -10.65 -4.92 14.24
C GLU A 68 -9.24 -5.27 13.81
N TYR A 69 -9.10 -5.68 12.56
CA TYR A 69 -7.80 -5.90 11.98
C TYR A 69 -7.47 -4.79 11.00
N TYR A 70 -6.40 -4.06 11.26
CA TYR A 70 -6.02 -2.95 10.41
C TYR A 70 -4.51 -2.92 10.20
N VAL A 71 -4.09 -2.11 9.26
CA VAL A 71 -2.67 -2.00 8.93
C VAL A 71 -2.04 -0.87 9.73
N LYS A 72 -1.02 -1.21 10.48
CA LYS A 72 -0.29 -0.23 11.28
C LYS A 72 0.81 0.38 10.44
N VAL A 73 0.80 1.70 10.28
CA VAL A 73 1.88 2.38 9.61
C VAL A 73 2.94 2.75 10.65
N ILE A 74 4.09 2.11 10.56
CA ILE A 74 5.17 2.33 11.51
C ILE A 74 6.35 2.98 10.83
N GLU A 75 6.61 4.23 11.17
CA GLU A 75 7.76 4.92 10.67
C GLU A 75 8.99 4.44 11.41
N ASP A 76 9.91 3.79 10.71
CA ASP A 76 11.04 3.12 11.35
C ASP A 76 11.98 4.12 12.03
N SER A 77 12.09 5.31 11.45
CA SER A 77 13.02 6.31 11.96
C SER A 77 12.63 6.77 13.38
N THR A 78 11.35 6.84 13.65
CA THR A 78 10.86 7.20 14.97
C THR A 78 10.60 5.97 15.82
N ASN A 79 10.35 4.84 15.14
CA ASN A 79 10.10 3.55 15.78
C ASN A 79 8.76 3.54 16.48
N GLU A 80 7.78 4.25 15.93
CA GLU A 80 6.45 4.29 16.50
C GLU A 80 5.38 4.21 15.41
N VAL A 81 4.17 3.87 15.79
CA VAL A 81 3.05 3.84 14.85
C VAL A 81 2.53 5.24 14.63
N ILE A 82 2.68 5.74 13.41
CA ILE A 82 2.29 7.10 13.10
C ILE A 82 0.82 7.20 12.73
N ARG A 83 0.30 6.16 12.07
CA ARG A 83 -1.09 6.19 11.64
C ARG A 83 -1.62 4.76 11.48
N GLU A 84 -2.91 4.57 11.70
CA GLU A 84 -3.55 3.30 11.44
C GLU A 84 -4.38 3.38 10.16
N ILE A 85 -4.36 2.31 9.38
CA ILE A 85 -5.18 2.23 8.18
C ILE A 85 -6.18 1.09 8.31
N PRO A 86 -7.48 1.43 8.46
CA PRO A 86 -8.55 0.44 8.57
C PRO A 86 -8.73 -0.38 7.29
N PRO A 87 -9.24 -1.62 7.41
CA PRO A 87 -9.30 -2.58 6.30
C PRO A 87 -10.03 -2.04 5.06
N LYS A 88 -11.17 -1.40 5.25
CA LYS A 88 -11.97 -0.94 4.12
C LYS A 88 -11.53 0.45 3.65
N ARG A 89 -10.48 0.98 4.27
CA ARG A 89 -9.83 2.21 3.80
C ARG A 89 -8.48 1.86 3.21
N TRP A 90 -8.14 0.59 3.28
CA TRP A 90 -6.92 0.07 2.70
C TRP A 90 -7.01 0.02 1.18
N LEU A 91 -8.23 -0.11 0.68
CA LEU A 91 -8.47 -0.25 -0.76
C LEU A 91 -7.96 0.95 -1.55
N ASP A 92 -8.38 2.14 -1.15
CA ASP A 92 -7.98 3.36 -1.83
C ASP A 92 -6.49 3.64 -1.59
N PHE A 93 -5.99 3.20 -0.44
CA PHE A 93 -4.59 3.33 -0.11
C PHE A 93 -3.75 2.38 -0.98
N TYR A 94 -4.24 1.16 -1.13
CA TYR A 94 -3.57 0.14 -1.94
C TYR A 94 -3.54 0.55 -3.41
N ALA A 95 -4.67 1.05 -3.90
CA ALA A 95 -4.78 1.51 -5.28
C ALA A 95 -3.75 2.58 -5.58
N ALA A 96 -3.52 3.45 -4.61
CA ALA A 96 -2.54 4.52 -4.75
C ALA A 96 -1.13 3.98 -4.81
N MET A 97 -0.80 3.05 -3.92
CA MET A 97 0.55 2.53 -3.81
C MET A 97 0.90 1.56 -4.92
N THR A 98 -0.06 0.80 -5.41
CA THR A 98 0.21 -0.19 -6.45
C THR A 98 0.64 0.51 -7.74
N GLU A 99 0.11 1.71 -7.98
CA GLU A 99 0.60 2.53 -9.06
C GLU A 99 1.94 3.13 -8.67
N PHE A 100 1.97 3.78 -7.50
CA PHE A 100 3.13 4.52 -7.03
C PHE A 100 4.40 3.65 -6.99
N LEU A 101 4.35 2.54 -6.25
CA LEU A 101 5.53 1.70 -6.08
C LEU A 101 5.75 0.83 -7.31
N GLY A 102 4.66 0.40 -7.94
CA GLY A 102 4.78 -0.45 -9.10
C GLY A 102 5.38 0.28 -10.29
N LEU A 103 5.25 1.60 -10.30
CA LEU A 103 5.92 2.43 -11.31
C LEU A 103 7.43 2.44 -11.07
N PHE A 104 7.84 2.12 -9.85
CA PHE A 104 9.24 2.19 -9.46
C PHE A 104 9.89 0.82 -9.42
N VAL A 105 9.13 -0.22 -9.75
CA VAL A 105 9.64 -1.59 -9.70
C VAL A 105 9.87 -2.15 -11.11
N ASP A 106 10.55 -3.29 -11.17
CA ASP A 106 10.88 -3.88 -12.46
C ASP A 106 10.16 -5.22 -12.66
N GLU A 107 8.91 -5.11 -13.10
CA GLU A 107 8.13 -6.23 -13.68
C GLU A 107 8.04 -7.48 -12.80
N LYS A 108 9.07 -8.32 -12.79
CA LYS A 108 9.01 -9.58 -12.05
C LYS A 108 9.08 -9.33 -10.54
N LYS A 109 9.40 -8.09 -10.17
CA LYS A 109 9.34 -7.69 -8.78
C LYS A 109 7.91 -7.28 -8.43
N LEU A 110 7.02 -7.48 -9.39
CA LEU A 110 5.59 -7.26 -9.22
C LEU A 110 4.87 -8.58 -8.96
N GLU A 111 5.64 -9.68 -9.00
CA GLU A 111 5.13 -11.03 -8.79
C GLU A 111 4.09 -11.46 -9.85
N HIS A 112 3.68 -10.56 -10.73
CA HIS A 112 2.66 -10.93 -11.72
C HIS A 112 3.28 -11.62 -12.94
N HIS A 113 4.11 -12.61 -12.66
CA HIS A 113 4.80 -13.40 -13.69
C HIS A 113 5.70 -12.53 -14.56
N HIS A 114 5.24 -12.21 -15.76
CA HIS A 114 6.02 -11.41 -16.68
C HIS A 114 5.13 -10.37 -17.35
N HIS A 115 3.94 -10.80 -17.74
CA HIS A 115 2.92 -9.89 -18.28
C HIS A 115 1.54 -10.50 -18.06
N HIS A 116 0.50 -9.68 -18.14
CA HIS A 116 -0.86 -10.16 -18.00
C HIS A 116 -1.67 -9.80 -19.24
N HIS A 117 -2.86 -10.36 -19.34
CA HIS A 117 -3.78 -10.02 -20.40
C HIS A 117 -5.13 -9.64 -19.77
N LEU A 1 12.23 9.26 -12.69
CA LEU A 1 12.08 9.06 -11.24
C LEU A 1 12.97 7.92 -10.76
N ASN A 2 13.56 8.09 -9.59
CA ASN A 2 14.45 7.08 -9.04
C ASN A 2 13.92 6.56 -7.71
N ILE A 3 13.63 5.27 -7.67
CA ILE A 3 13.10 4.64 -6.47
C ILE A 3 14.19 4.50 -5.40
N GLU A 4 15.44 4.40 -5.84
CA GLU A 4 16.56 4.20 -4.93
C GLU A 4 16.93 5.50 -4.22
N ARG A 5 16.18 6.55 -4.52
CA ARG A 5 16.43 7.87 -3.93
C ARG A 5 15.12 8.49 -3.46
N LEU A 6 14.06 7.68 -3.45
CA LEU A 6 12.72 8.16 -3.11
C LEU A 6 12.66 8.69 -1.67
N THR A 7 12.89 7.78 -0.72
CA THR A 7 12.93 8.07 0.73
C THR A 7 11.74 8.89 1.24
N THR A 8 10.62 8.84 0.53
CA THR A 8 9.40 9.48 0.99
C THR A 8 8.18 8.94 0.27
N LEU A 9 7.13 8.69 1.02
CA LEU A 9 5.86 8.24 0.45
C LEU A 9 4.83 9.37 0.54
N GLN A 10 5.33 10.60 0.57
CA GLN A 10 4.47 11.78 0.61
C GLN A 10 3.42 11.78 -0.52
N PRO A 11 3.82 11.54 -1.79
CA PRO A 11 2.86 11.46 -2.90
C PRO A 11 1.81 10.38 -2.68
N VAL A 12 2.19 9.33 -1.97
CA VAL A 12 1.29 8.22 -1.68
C VAL A 12 0.28 8.63 -0.62
N TRP A 13 0.77 9.27 0.44
CA TRP A 13 -0.11 9.80 1.48
C TRP A 13 -1.02 10.87 0.91
N ASP A 14 -0.48 11.64 -0.03
CA ASP A 14 -1.25 12.66 -0.74
C ASP A 14 -2.44 12.02 -1.43
N ARG A 15 -2.18 10.90 -2.11
CA ARG A 15 -3.23 10.13 -2.75
C ARG A 15 -4.21 9.55 -1.73
N TYR A 16 -3.68 9.11 -0.60
CA TYR A 16 -4.49 8.51 0.46
C TYR A 16 -5.49 9.51 1.00
N ASP A 17 -5.05 10.74 1.21
CA ASP A 17 -5.94 11.77 1.70
C ASP A 17 -6.95 12.18 0.62
N THR A 18 -6.50 12.27 -0.62
CA THR A 18 -7.36 12.72 -1.72
C THR A 18 -8.34 11.62 -2.17
N GLN A 19 -7.88 10.38 -2.22
CA GLN A 19 -8.72 9.25 -2.58
C GLN A 19 -9.89 9.13 -1.62
N ILE A 20 -9.61 9.45 -0.37
CA ILE A 20 -10.61 9.44 0.68
C ILE A 20 -11.83 10.30 0.33
N HIS A 21 -11.65 11.24 -0.59
CA HIS A 21 -12.73 12.11 -1.04
C HIS A 21 -13.64 11.41 -2.05
N ASN A 22 -13.21 10.23 -2.51
CA ASN A 22 -13.93 9.50 -3.54
C ASN A 22 -14.24 8.07 -3.08
N GLN A 23 -13.21 7.21 -3.11
CA GLN A 23 -13.34 5.81 -2.70
C GLN A 23 -14.38 5.07 -3.54
N LYS A 24 -14.51 5.45 -4.81
CA LYS A 24 -15.49 4.85 -5.68
C LYS A 24 -14.81 4.19 -6.89
N ASP A 25 -15.00 2.89 -7.02
CA ASP A 25 -14.46 2.14 -8.15
C ASP A 25 -15.39 2.29 -9.34
N ASN A 26 -16.67 2.42 -9.03
CA ASN A 26 -17.71 2.73 -10.02
C ASN A 26 -17.89 1.64 -11.07
N ASP A 27 -18.53 0.53 -10.65
CA ASP A 27 -19.13 -0.44 -11.57
C ASP A 27 -18.13 -1.31 -12.35
N ASN A 28 -16.91 -0.83 -12.53
CA ASN A 28 -15.98 -1.45 -13.48
C ASN A 28 -15.36 -2.74 -12.93
N GLU A 29 -15.84 -3.17 -11.76
CA GLU A 29 -15.46 -4.45 -11.17
C GLU A 29 -13.95 -4.57 -10.97
N VAL A 30 -13.43 -3.82 -10.02
CA VAL A 30 -12.04 -3.93 -9.63
C VAL A 30 -11.96 -4.66 -8.29
N PRO A 31 -10.76 -5.03 -7.82
CA PRO A 31 -10.58 -5.57 -6.47
C PRO A 31 -11.06 -4.58 -5.41
N VAL A 32 -12.25 -4.81 -4.89
CA VAL A 32 -12.89 -3.89 -3.97
C VAL A 32 -13.90 -4.63 -3.11
N HIS A 33 -14.15 -4.08 -1.93
CA HIS A 33 -15.16 -4.60 -1.00
C HIS A 33 -14.67 -5.85 -0.28
N GLN A 34 -14.54 -6.95 -1.02
CA GLN A 34 -14.22 -8.23 -0.41
C GLN A 34 -12.73 -8.36 -0.11
N VAL A 35 -12.34 -7.84 1.04
CA VAL A 35 -10.99 -8.01 1.55
C VAL A 35 -11.04 -8.68 2.92
N SER A 36 -10.53 -9.90 2.99
CA SER A 36 -10.61 -10.68 4.21
C SER A 36 -9.28 -10.68 4.95
N TYR A 37 -9.24 -11.34 6.10
CA TYR A 37 -8.04 -11.46 6.92
C TYR A 37 -6.88 -12.03 6.10
N THR A 38 -7.21 -12.94 5.20
CA THR A 38 -6.25 -13.53 4.30
C THR A 38 -5.62 -12.48 3.39
N ASN A 39 -6.46 -11.65 2.78
CA ASN A 39 -6.02 -10.67 1.80
C ASN A 39 -5.08 -9.65 2.42
N LEU A 40 -5.29 -9.34 3.69
CA LEU A 40 -4.38 -8.47 4.42
C LEU A 40 -2.97 -9.06 4.41
N ALA A 41 -2.85 -10.31 4.87
CA ALA A 41 -1.56 -10.98 4.93
C ALA A 41 -0.95 -11.11 3.53
N GLU A 42 -1.80 -11.45 2.56
CA GLU A 42 -1.38 -11.60 1.17
C GLU A 42 -0.77 -10.31 0.62
N MET A 43 -1.54 -9.24 0.71
CA MET A 43 -1.18 -7.97 0.08
C MET A 43 -0.13 -7.20 0.88
N VAL A 44 -0.15 -7.33 2.21
CA VAL A 44 0.85 -6.64 3.04
C VAL A 44 2.25 -7.14 2.70
N GLY A 45 2.36 -8.43 2.40
CA GLY A 45 3.64 -8.99 1.99
C GLY A 45 4.12 -8.40 0.68
N GLU A 46 3.19 -8.18 -0.24
CA GLU A 46 3.50 -7.61 -1.53
C GLU A 46 3.78 -6.12 -1.40
N MET A 47 3.12 -5.47 -0.45
CA MET A 47 3.34 -4.06 -0.17
C MET A 47 4.77 -3.83 0.33
N ASN A 48 5.25 -4.74 1.18
CA ASN A 48 6.62 -4.66 1.69
C ASN A 48 7.62 -4.79 0.55
N LYS A 49 7.29 -5.59 -0.45
CA LYS A 49 8.18 -5.79 -1.58
C LYS A 49 8.00 -4.73 -2.66
N LEU A 50 7.21 -3.72 -2.35
CA LEU A 50 7.10 -2.55 -3.23
C LEU A 50 8.14 -1.51 -2.85
N LEU A 51 8.60 -1.55 -1.61
CA LEU A 51 9.56 -0.57 -1.11
C LEU A 51 10.93 -1.19 -0.92
N GLU A 52 11.07 -2.45 -1.33
CA GLU A 52 12.32 -3.21 -1.15
C GLU A 52 13.56 -2.46 -1.67
N PRO A 53 13.59 -2.01 -2.94
CA PRO A 53 14.76 -1.36 -3.51
C PRO A 53 14.77 0.16 -3.31
N SER A 54 13.98 0.65 -2.37
CA SER A 54 13.86 2.09 -2.16
C SER A 54 14.63 2.53 -0.93
N GLN A 55 14.39 3.77 -0.52
CA GLN A 55 15.01 4.35 0.67
C GLN A 55 13.98 4.41 1.79
N VAL A 56 12.76 3.98 1.49
CA VAL A 56 11.65 4.12 2.42
C VAL A 56 11.57 2.90 3.32
N HIS A 57 11.79 3.12 4.61
CA HIS A 57 11.75 2.03 5.56
C HIS A 57 10.48 2.09 6.40
N LEU A 58 9.39 1.63 5.82
CA LEU A 58 8.12 1.58 6.52
C LEU A 58 7.71 0.13 6.74
N LYS A 59 7.42 -0.20 7.99
CA LYS A 59 7.03 -1.55 8.36
C LYS A 59 5.54 -1.61 8.64
N PHE A 60 4.89 -2.63 8.09
CA PHE A 60 3.45 -2.76 8.21
C PHE A 60 3.10 -3.98 9.06
N GLU A 61 2.22 -3.77 10.03
CA GLU A 61 1.79 -4.84 10.91
C GLU A 61 0.30 -5.08 10.78
N LEU A 62 -0.14 -6.28 11.09
CA LEU A 62 -1.56 -6.57 11.14
C LEU A 62 -1.97 -6.78 12.58
N HIS A 63 -2.49 -5.74 13.20
CA HIS A 63 -2.87 -5.81 14.59
C HIS A 63 -4.37 -5.92 14.75
N ASP A 64 -4.77 -6.94 15.48
CA ASP A 64 -6.16 -7.18 15.79
C ASP A 64 -6.49 -6.51 17.13
N LYS A 65 -7.75 -6.16 17.32
CA LYS A 65 -8.16 -5.50 18.55
C LYS A 65 -9.19 -6.34 19.29
N LEU A 66 -10.45 -6.19 18.94
CA LEU A 66 -11.50 -6.99 19.54
C LEU A 66 -12.09 -7.92 18.49
N ASN A 67 -12.76 -7.34 17.52
CA ASN A 67 -13.24 -8.08 16.36
C ASN A 67 -12.62 -7.47 15.11
N GLU A 68 -11.89 -6.38 15.35
CA GLU A 68 -11.29 -5.58 14.30
C GLU A 68 -9.86 -6.02 14.07
N TYR A 69 -9.35 -5.71 12.89
CA TYR A 69 -7.97 -5.95 12.53
C TYR A 69 -7.58 -4.97 11.43
N TYR A 70 -6.47 -4.28 11.59
CA TYR A 70 -6.08 -3.26 10.64
C TYR A 70 -4.56 -3.19 10.47
N VAL A 71 -4.13 -2.37 9.53
CA VAL A 71 -2.73 -2.24 9.20
C VAL A 71 -2.04 -1.20 10.08
N LYS A 72 -0.97 -1.64 10.71
CA LYS A 72 -0.18 -0.78 11.58
C LYS A 72 1.03 -0.26 10.81
N VAL A 73 0.98 0.99 10.37
CA VAL A 73 2.09 1.56 9.63
C VAL A 73 3.10 2.18 10.60
N ILE A 74 4.28 1.59 10.66
CA ILE A 74 5.32 2.04 11.57
C ILE A 74 6.54 2.48 10.80
N GLU A 75 6.97 3.71 11.05
CA GLU A 75 8.18 4.23 10.41
C GLU A 75 9.40 3.81 11.21
N ASP A 76 10.38 3.23 10.52
CA ASP A 76 11.58 2.68 11.17
C ASP A 76 12.36 3.74 11.93
N SER A 77 12.34 4.97 11.43
CA SER A 77 13.11 6.05 12.00
C SER A 77 12.54 6.51 13.34
N THR A 78 11.26 6.84 13.36
CA THR A 78 10.62 7.37 14.57
C THR A 78 10.09 6.26 15.48
N ASN A 79 9.94 5.05 14.93
CA ASN A 79 9.42 3.90 15.67
C ASN A 79 7.99 4.13 16.15
N GLU A 80 7.28 5.03 15.49
CA GLU A 80 5.91 5.32 15.85
C GLU A 80 4.96 4.96 14.72
N VAL A 81 3.68 4.96 15.04
CA VAL A 81 2.65 4.66 14.07
C VAL A 81 2.25 5.93 13.34
N ILE A 82 2.63 6.02 12.08
CA ILE A 82 2.36 7.22 11.30
C ILE A 82 1.03 7.12 10.57
N ARG A 83 0.40 5.95 10.66
CA ARG A 83 -0.93 5.74 10.06
C ARG A 83 -1.52 4.41 10.52
N GLU A 84 -2.79 4.43 10.88
CA GLU A 84 -3.53 3.20 11.13
C GLU A 84 -4.58 3.02 10.05
N ILE A 85 -4.39 2.01 9.21
CA ILE A 85 -5.23 1.83 8.04
C ILE A 85 -6.17 0.64 8.22
N PRO A 86 -7.48 0.91 8.28
CA PRO A 86 -8.50 -0.14 8.34
C PRO A 86 -8.65 -0.88 7.01
N PRO A 87 -9.12 -2.13 7.02
CA PRO A 87 -9.26 -2.94 5.79
C PRO A 87 -10.11 -2.26 4.73
N LYS A 88 -11.16 -1.56 5.17
CA LYS A 88 -12.06 -0.85 4.28
C LYS A 88 -11.44 0.46 3.78
N ARG A 89 -10.19 0.70 4.17
CA ARG A 89 -9.46 1.88 3.73
C ARG A 89 -8.12 1.43 3.14
N TRP A 90 -7.91 0.13 3.15
CA TRP A 90 -6.66 -0.47 2.69
C TRP A 90 -6.54 -0.33 1.18
N LEU A 91 -7.68 -0.29 0.51
CA LEU A 91 -7.73 -0.16 -0.93
C LEU A 91 -7.21 1.20 -1.36
N ASP A 92 -7.52 2.22 -0.56
CA ASP A 92 -7.05 3.58 -0.81
C ASP A 92 -5.53 3.62 -0.89
N PHE A 93 -4.90 3.03 0.12
CA PHE A 93 -3.44 3.03 0.21
C PHE A 93 -2.83 2.08 -0.82
N TYR A 94 -3.47 0.93 -1.02
CA TYR A 94 -2.99 -0.06 -1.97
C TYR A 94 -2.98 0.49 -3.39
N ALA A 95 -4.07 1.15 -3.78
CA ALA A 95 -4.19 1.72 -5.12
C ALA A 95 -3.16 2.82 -5.34
N ALA A 96 -2.93 3.62 -4.30
CA ALA A 96 -1.96 4.69 -4.36
C ALA A 96 -0.55 4.15 -4.57
N MET A 97 -0.19 3.16 -3.77
CA MET A 97 1.15 2.56 -3.82
C MET A 97 1.39 1.83 -5.14
N THR A 98 0.44 1.01 -5.56
CA THR A 98 0.63 0.18 -6.74
C THR A 98 0.83 1.00 -8.01
N GLU A 99 0.18 2.15 -8.10
CA GLU A 99 0.36 3.01 -9.25
C GLU A 99 1.70 3.73 -9.19
N PHE A 100 2.00 4.34 -8.05
CA PHE A 100 3.21 5.15 -7.91
C PHE A 100 4.46 4.27 -7.82
N LEU A 101 4.41 3.26 -6.97
CA LEU A 101 5.57 2.40 -6.74
C LEU A 101 5.72 1.38 -7.86
N GLY A 102 4.59 0.94 -8.41
CA GLY A 102 4.61 -0.10 -9.43
C GLY A 102 5.20 0.38 -10.74
N LEU A 103 5.31 1.69 -10.90
CA LEU A 103 5.95 2.23 -12.11
C LEU A 103 7.45 2.37 -11.91
N PHE A 104 7.93 2.02 -10.72
CA PHE A 104 9.35 1.93 -10.44
C PHE A 104 9.81 0.50 -10.66
N VAL A 105 9.07 -0.43 -10.08
CA VAL A 105 9.36 -1.85 -10.21
C VAL A 105 8.82 -2.39 -11.55
N ASP A 106 9.72 -2.49 -12.52
CA ASP A 106 9.36 -2.80 -13.89
C ASP A 106 9.01 -4.28 -14.10
N GLU A 107 7.75 -4.62 -13.79
CA GLU A 107 7.14 -5.93 -14.13
C GLU A 107 8.00 -7.13 -13.72
N LYS A 108 8.95 -7.54 -14.56
CA LYS A 108 9.82 -8.66 -14.22
C LYS A 108 10.71 -8.30 -13.04
N LYS A 109 10.85 -6.99 -12.82
CA LYS A 109 11.64 -6.47 -11.70
C LYS A 109 10.79 -6.42 -10.44
N LEU A 110 9.51 -6.76 -10.58
CA LEU A 110 8.58 -6.79 -9.46
C LEU A 110 8.93 -7.91 -8.49
N GLU A 111 9.27 -9.06 -9.07
CA GLU A 111 9.51 -10.31 -8.34
C GLU A 111 8.18 -10.89 -7.81
N HIS A 112 7.09 -10.15 -8.02
CA HIS A 112 5.78 -10.62 -7.62
C HIS A 112 5.28 -11.63 -8.63
N HIS A 113 4.70 -12.72 -8.14
CA HIS A 113 4.30 -13.85 -8.99
C HIS A 113 3.39 -13.41 -10.12
N HIS A 114 2.22 -12.90 -9.76
CA HIS A 114 1.25 -12.42 -10.76
C HIS A 114 0.61 -11.14 -10.26
N HIS A 115 1.15 -10.01 -10.67
CA HIS A 115 0.59 -8.73 -10.27
C HIS A 115 -0.02 -8.01 -11.46
N HIS A 116 -1.26 -8.36 -11.77
CA HIS A 116 -2.04 -7.65 -12.76
C HIS A 116 -3.52 -7.99 -12.60
N HIS A 117 -4.16 -7.30 -11.69
CA HIS A 117 -5.56 -7.54 -11.39
C HIS A 117 -6.27 -6.21 -11.21
N LEU A 1 10.18 5.15 -13.01
CA LEU A 1 10.76 6.11 -12.04
C LEU A 1 11.84 5.44 -11.20
N ASN A 2 12.82 6.23 -10.77
CA ASN A 2 13.95 5.75 -9.98
C ASN A 2 13.49 5.44 -8.55
N ILE A 3 13.49 4.16 -8.19
CA ILE A 3 12.93 3.73 -6.90
C ILE A 3 14.02 3.69 -5.82
N GLU A 4 15.26 3.56 -6.24
CA GLU A 4 16.39 3.49 -5.31
C GLU A 4 16.66 4.85 -4.65
N ARG A 5 15.86 5.85 -5.01
CA ARG A 5 15.99 7.17 -4.41
C ARG A 5 14.74 7.50 -3.60
N LEU A 6 13.76 6.61 -3.69
CA LEU A 6 12.48 6.81 -3.04
C LEU A 6 12.65 6.73 -1.53
N THR A 7 12.73 7.88 -0.88
CA THR A 7 13.00 7.94 0.55
C THR A 7 11.72 8.30 1.32
N THR A 8 10.75 8.86 0.63
CA THR A 8 9.53 9.31 1.26
C THR A 8 8.30 8.83 0.51
N LEU A 9 7.21 8.65 1.23
CA LEU A 9 5.94 8.26 0.63
C LEU A 9 5.02 9.47 0.52
N GLN A 10 5.62 10.66 0.51
CA GLN A 10 4.88 11.90 0.41
C GLN A 10 3.90 11.90 -0.78
N PRO A 11 4.36 11.55 -2.01
CA PRO A 11 3.46 11.50 -3.18
C PRO A 11 2.32 10.49 -2.99
N VAL A 12 2.57 9.47 -2.18
CA VAL A 12 1.56 8.47 -1.89
C VAL A 12 0.50 9.07 -0.98
N TRP A 13 0.96 9.83 0.02
CA TRP A 13 0.05 10.49 0.95
C TRP A 13 -0.82 11.50 0.22
N ASP A 14 -0.22 12.28 -0.68
CA ASP A 14 -0.97 13.25 -1.48
C ASP A 14 -2.08 12.55 -2.25
N ARG A 15 -1.80 11.37 -2.76
CA ARG A 15 -2.77 10.62 -3.53
C ARG A 15 -3.79 9.98 -2.59
N TYR A 16 -3.31 9.38 -1.51
CA TYR A 16 -4.16 8.70 -0.52
C TYR A 16 -5.12 9.68 0.15
N ASP A 17 -4.62 10.85 0.53
CA ASP A 17 -5.45 11.85 1.19
C ASP A 17 -6.57 12.33 0.28
N THR A 18 -6.38 12.18 -1.03
CA THR A 18 -7.41 12.50 -2.01
C THR A 18 -8.30 11.29 -2.27
N GLN A 19 -7.65 10.14 -2.45
CA GLN A 19 -8.31 8.87 -2.70
C GLN A 19 -9.33 8.55 -1.63
N ILE A 20 -8.97 8.82 -0.39
CA ILE A 20 -9.85 8.66 0.76
C ILE A 20 -11.25 9.26 0.51
N HIS A 21 -11.31 10.28 -0.33
CA HIS A 21 -12.56 10.97 -0.61
C HIS A 21 -13.44 10.19 -1.58
N ASN A 22 -12.83 9.61 -2.61
CA ASN A 22 -13.60 9.00 -3.69
C ASN A 22 -13.02 7.65 -4.09
N GLN A 23 -13.65 6.57 -3.62
CA GLN A 23 -13.19 5.22 -3.94
C GLN A 23 -13.80 4.72 -5.25
N LYS A 24 -14.59 5.57 -5.89
CA LYS A 24 -15.25 5.19 -7.12
C LYS A 24 -14.29 5.33 -8.30
N ASP A 25 -14.26 4.31 -9.14
CA ASP A 25 -13.45 4.34 -10.36
C ASP A 25 -13.99 3.35 -11.36
N ASN A 26 -14.26 2.14 -10.89
CA ASN A 26 -14.89 1.12 -11.72
C ASN A 26 -16.34 0.95 -11.26
N ASP A 27 -17.25 0.81 -12.21
CA ASP A 27 -18.68 0.75 -11.90
C ASP A 27 -19.12 -0.69 -11.69
N ASN A 28 -18.57 -1.60 -12.47
CA ASN A 28 -18.99 -3.00 -12.44
C ASN A 28 -18.61 -3.67 -11.12
N GLU A 29 -17.34 -3.56 -10.75
CA GLU A 29 -16.84 -4.18 -9.54
C GLU A 29 -15.78 -3.33 -8.89
N VAL A 30 -16.20 -2.57 -7.90
CA VAL A 30 -15.27 -1.90 -7.00
C VAL A 30 -14.40 -2.94 -6.31
N PRO A 31 -13.21 -2.56 -5.81
CA PRO A 31 -12.27 -3.50 -5.18
C PRO A 31 -12.88 -4.18 -3.95
N VAL A 32 -13.37 -5.41 -4.16
CA VAL A 32 -13.94 -6.19 -3.08
C VAL A 32 -12.87 -7.02 -2.40
N HIS A 33 -12.28 -7.93 -3.17
CA HIS A 33 -11.14 -8.73 -2.74
C HIS A 33 -11.51 -9.81 -1.72
N GLN A 34 -12.71 -9.73 -1.17
CA GLN A 34 -13.15 -10.62 -0.10
C GLN A 34 -12.22 -10.46 1.10
N VAL A 35 -12.41 -9.37 1.83
CA VAL A 35 -11.53 -9.00 2.92
C VAL A 35 -11.57 -10.03 4.04
N SER A 36 -10.44 -10.62 4.32
CA SER A 36 -10.29 -11.63 5.36
C SER A 36 -8.86 -11.57 5.87
N TYR A 37 -8.54 -12.33 6.92
CA TYR A 37 -7.19 -12.33 7.48
C TYR A 37 -6.15 -12.59 6.39
N THR A 38 -6.39 -13.62 5.59
CA THR A 38 -5.49 -13.98 4.50
C THR A 38 -5.26 -12.79 3.58
N ASN A 39 -6.34 -12.06 3.30
CA ASN A 39 -6.32 -11.01 2.30
C ASN A 39 -5.49 -9.83 2.77
N LEU A 40 -5.58 -9.50 4.05
CA LEU A 40 -4.76 -8.45 4.63
C LEU A 40 -3.29 -8.80 4.46
N ALA A 41 -2.92 -10.00 4.90
CA ALA A 41 -1.54 -10.45 4.86
C ALA A 41 -0.98 -10.50 3.44
N GLU A 42 -1.84 -10.82 2.48
CA GLU A 42 -1.44 -10.88 1.08
C GLU A 42 -0.90 -9.54 0.59
N MET A 43 -1.69 -8.47 0.77
CA MET A 43 -1.26 -7.15 0.33
C MET A 43 -0.14 -6.61 1.21
N VAL A 44 -0.22 -6.86 2.53
CA VAL A 44 0.82 -6.42 3.45
C VAL A 44 2.18 -7.00 3.05
N GLY A 45 2.15 -8.24 2.56
CA GLY A 45 3.36 -8.88 2.11
C GLY A 45 4.01 -8.16 0.95
N GLU A 46 3.23 -7.79 -0.05
CA GLU A 46 3.78 -7.15 -1.23
C GLU A 46 4.17 -5.70 -0.95
N MET A 47 3.44 -5.05 -0.04
CA MET A 47 3.74 -3.67 0.32
C MET A 47 5.16 -3.55 0.85
N ASN A 48 5.59 -4.57 1.61
CA ASN A 48 6.91 -4.55 2.22
C ASN A 48 8.01 -4.84 1.21
N LYS A 49 7.68 -5.55 0.14
CA LYS A 49 8.69 -5.90 -0.86
C LYS A 49 8.74 -4.89 -2.00
N LEU A 50 7.80 -3.95 -2.00
CA LEU A 50 7.80 -2.88 -2.99
C LEU A 50 8.67 -1.72 -2.53
N LEU A 51 8.89 -1.64 -1.22
CA LEU A 51 9.61 -0.52 -0.65
C LEU A 51 10.96 -0.95 -0.07
N GLU A 52 11.39 -2.16 -0.40
CA GLU A 52 12.66 -2.66 0.12
C GLU A 52 13.89 -2.05 -0.58
N PRO A 53 13.87 -1.79 -1.92
CA PRO A 53 14.99 -1.13 -2.61
C PRO A 53 14.98 0.38 -2.40
N SER A 54 14.00 0.85 -1.65
CA SER A 54 13.84 2.27 -1.40
C SER A 54 14.59 2.70 -0.15
N GLN A 55 14.43 3.96 0.22
CA GLN A 55 15.08 4.52 1.40
C GLN A 55 14.04 4.96 2.42
N VAL A 56 12.80 4.51 2.21
CA VAL A 56 11.69 4.89 3.07
C VAL A 56 11.85 4.29 4.46
N HIS A 57 12.22 3.01 4.50
CA HIS A 57 12.37 2.27 5.75
C HIS A 57 11.08 2.32 6.57
N LEU A 58 10.09 1.56 6.12
CA LEU A 58 8.81 1.50 6.81
C LEU A 58 8.49 0.08 7.24
N LYS A 59 7.76 -0.04 8.34
CA LYS A 59 7.35 -1.33 8.87
C LYS A 59 5.82 -1.38 8.90
N PHE A 60 5.26 -2.55 8.71
CA PHE A 60 3.81 -2.71 8.76
C PHE A 60 3.45 -3.86 9.70
N GLU A 61 2.58 -3.59 10.68
CA GLU A 61 2.14 -4.63 11.59
C GLU A 61 0.63 -4.79 11.50
N LEU A 62 0.18 -6.03 11.45
CA LEU A 62 -1.24 -6.33 11.34
C LEU A 62 -1.81 -6.74 12.69
N HIS A 63 -2.57 -5.86 13.30
CA HIS A 63 -3.16 -6.14 14.60
C HIS A 63 -4.65 -6.39 14.46
N ASP A 64 -5.15 -7.31 15.27
CA ASP A 64 -6.54 -7.69 15.22
C ASP A 64 -7.24 -7.33 16.52
N LYS A 65 -8.53 -7.07 16.43
CA LYS A 65 -9.35 -6.82 17.60
C LYS A 65 -10.79 -7.11 17.25
N LEU A 66 -11.52 -7.73 18.17
CA LEU A 66 -12.92 -8.06 17.94
C LEU A 66 -13.10 -8.94 16.70
N ASN A 67 -13.25 -8.31 15.55
CA ASN A 67 -13.36 -9.01 14.27
C ASN A 67 -12.60 -8.24 13.19
N GLU A 68 -11.98 -7.14 13.58
CA GLU A 68 -11.32 -6.25 12.63
C GLU A 68 -9.82 -6.51 12.59
N TYR A 69 -9.24 -6.35 11.42
CA TYR A 69 -7.79 -6.47 11.24
C TYR A 69 -7.28 -5.21 10.55
N TYR A 70 -6.46 -4.43 11.23
CA TYR A 70 -5.97 -3.18 10.64
C TYR A 70 -4.45 -3.13 10.67
N VAL A 71 -3.89 -2.38 9.73
CA VAL A 71 -2.45 -2.33 9.55
C VAL A 71 -1.89 -1.05 10.16
N LYS A 72 -0.88 -1.21 10.99
CA LYS A 72 -0.19 -0.07 11.59
C LYS A 72 1.03 0.28 10.75
N VAL A 73 1.00 1.45 10.14
CA VAL A 73 2.13 1.90 9.36
C VAL A 73 3.16 2.56 10.27
N ILE A 74 4.32 1.96 10.37
CA ILE A 74 5.35 2.41 11.29
C ILE A 74 6.60 2.82 10.52
N GLU A 75 7.17 3.95 10.89
CA GLU A 75 8.42 4.38 10.28
C GLU A 75 9.59 3.77 11.05
N ASP A 76 10.54 3.19 10.32
CA ASP A 76 11.68 2.53 10.96
C ASP A 76 12.51 3.51 11.77
N SER A 77 12.64 4.73 11.24
CA SER A 77 13.44 5.77 11.88
C SER A 77 12.86 6.19 13.23
N THR A 78 11.68 6.78 13.21
CA THR A 78 11.03 7.27 14.44
C THR A 78 10.52 6.11 15.29
N ASN A 79 10.33 4.96 14.65
CA ASN A 79 9.87 3.74 15.32
C ASN A 79 8.49 3.96 15.95
N GLU A 80 7.68 4.76 15.28
CA GLU A 80 6.32 5.03 15.74
C GLU A 80 5.33 4.84 14.60
N VAL A 81 4.07 4.66 14.96
CA VAL A 81 3.02 4.53 13.97
C VAL A 81 2.69 5.88 13.36
N ILE A 82 3.20 6.12 12.16
CA ILE A 82 3.02 7.41 11.49
C ILE A 82 1.71 7.43 10.71
N ARG A 83 1.09 6.27 10.58
CA ARG A 83 -0.17 6.16 9.86
C ARG A 83 -0.91 4.90 10.31
N GLU A 84 -2.19 5.01 10.62
CA GLU A 84 -2.96 3.85 11.02
C GLU A 84 -4.17 3.70 10.11
N ILE A 85 -4.21 2.61 9.36
CA ILE A 85 -5.21 2.42 8.32
C ILE A 85 -6.13 1.25 8.65
N PRO A 86 -7.44 1.51 8.78
CA PRO A 86 -8.43 0.46 9.02
C PRO A 86 -8.66 -0.39 7.77
N PRO A 87 -9.14 -1.64 7.94
CA PRO A 87 -9.28 -2.61 6.84
C PRO A 87 -10.10 -2.08 5.67
N LYS A 88 -11.08 -1.23 5.98
CA LYS A 88 -11.99 -0.72 4.96
C LYS A 88 -11.33 0.37 4.11
N ARG A 89 -10.15 0.83 4.52
CA ARG A 89 -9.39 1.81 3.73
C ARG A 89 -8.04 1.24 3.32
N TRP A 90 -7.79 -0.01 3.67
CA TRP A 90 -6.53 -0.65 3.32
C TRP A 90 -6.43 -0.80 1.81
N LEU A 91 -7.54 -1.14 1.18
CA LEU A 91 -7.58 -1.28 -0.27
C LEU A 91 -7.52 0.09 -0.94
N ASP A 92 -7.98 1.12 -0.21
CA ASP A 92 -7.90 2.50 -0.67
C ASP A 92 -6.43 2.91 -0.77
N PHE A 93 -5.70 2.66 0.31
CA PHE A 93 -4.26 2.89 0.37
C PHE A 93 -3.54 2.06 -0.68
N TYR A 94 -3.97 0.81 -0.84
CA TYR A 94 -3.37 -0.10 -1.81
C TYR A 94 -3.49 0.46 -3.24
N ALA A 95 -4.60 1.14 -3.51
CA ALA A 95 -4.81 1.75 -4.82
C ALA A 95 -3.75 2.82 -5.06
N ALA A 96 -3.61 3.74 -4.11
CA ALA A 96 -2.63 4.82 -4.22
C ALA A 96 -1.22 4.27 -4.36
N MET A 97 -0.93 3.21 -3.63
CA MET A 97 0.38 2.57 -3.66
C MET A 97 0.69 2.00 -5.04
N THR A 98 -0.25 1.25 -5.60
CA THR A 98 -0.02 0.59 -6.88
C THR A 98 0.03 1.59 -8.02
N GLU A 99 -0.72 2.67 -7.91
CA GLU A 99 -0.66 3.72 -8.91
C GLU A 99 0.70 4.40 -8.89
N PHE A 100 1.27 4.53 -7.69
CA PHE A 100 2.55 5.20 -7.53
C PHE A 100 3.72 4.25 -7.82
N LEU A 101 3.80 3.14 -7.08
CA LEU A 101 4.94 2.23 -7.23
C LEU A 101 4.81 1.37 -8.48
N GLY A 102 3.63 1.38 -9.08
CA GLY A 102 3.45 0.72 -10.36
C GLY A 102 4.19 1.44 -11.46
N LEU A 103 4.66 2.64 -11.14
CA LEU A 103 5.44 3.44 -12.07
C LEU A 103 6.94 3.22 -11.82
N PHE A 104 7.24 2.56 -10.73
CA PHE A 104 8.62 2.22 -10.39
C PHE A 104 8.88 0.79 -10.80
N VAL A 105 7.88 -0.07 -10.57
CA VAL A 105 7.97 -1.46 -10.93
C VAL A 105 7.62 -1.64 -12.40
N ASP A 106 7.99 -2.78 -12.95
CA ASP A 106 7.53 -3.13 -14.30
C ASP A 106 7.42 -4.64 -14.41
N GLU A 107 7.47 -5.30 -13.27
CA GLU A 107 7.47 -6.73 -13.20
C GLU A 107 6.07 -7.28 -13.43
N LYS A 108 5.10 -6.81 -12.66
CA LYS A 108 3.72 -7.30 -12.75
C LYS A 108 3.14 -7.06 -14.14
N LYS A 109 3.71 -6.11 -14.85
CA LYS A 109 3.19 -5.71 -16.15
C LYS A 109 4.03 -6.26 -17.30
N LEU A 110 4.93 -7.20 -17.01
CA LEU A 110 5.76 -7.76 -18.07
C LEU A 110 4.98 -8.75 -18.91
N GLU A 111 4.13 -9.53 -18.22
CA GLU A 111 3.28 -10.58 -18.81
C GLU A 111 3.89 -11.28 -20.03
N HIS A 112 5.20 -11.49 -20.01
CA HIS A 112 5.89 -12.09 -21.14
C HIS A 112 6.82 -13.20 -20.68
N HIS A 113 6.91 -14.25 -21.50
CA HIS A 113 7.76 -15.41 -21.23
C HIS A 113 7.25 -16.15 -19.99
N HIS A 114 6.00 -15.88 -19.65
CA HIS A 114 5.37 -16.47 -18.47
C HIS A 114 3.88 -16.61 -18.75
N HIS A 115 3.37 -17.83 -18.68
CA HIS A 115 1.96 -18.08 -18.98
C HIS A 115 1.12 -17.56 -17.83
N HIS A 116 0.65 -16.32 -17.97
CA HIS A 116 -0.06 -15.62 -16.90
C HIS A 116 -1.48 -16.15 -16.73
N HIS A 117 -2.04 -16.70 -17.80
CA HIS A 117 -3.39 -17.26 -17.73
C HIS A 117 -3.48 -18.49 -18.60
N LEU A 1 14.10 7.31 -12.19
CA LEU A 1 13.52 7.62 -10.86
C LEU A 1 14.42 7.08 -9.76
N ASN A 2 14.82 5.82 -9.90
CA ASN A 2 15.70 5.15 -8.94
C ASN A 2 14.99 4.99 -7.58
N ILE A 3 14.40 3.83 -7.39
CA ILE A 3 13.58 3.57 -6.21
C ILE A 3 14.44 3.53 -4.94
N GLU A 4 15.73 3.29 -5.10
CA GLU A 4 16.65 3.19 -3.96
C GLU A 4 16.78 4.54 -3.24
N ARG A 5 16.33 5.60 -3.89
CA ARG A 5 16.45 6.94 -3.33
C ARG A 5 15.07 7.48 -2.99
N LEU A 6 14.07 6.62 -3.15
CA LEU A 6 12.72 6.97 -2.79
C LEU A 6 12.59 6.97 -1.27
N THR A 7 12.67 8.15 -0.67
CA THR A 7 12.69 8.28 0.78
C THR A 7 11.52 9.14 1.28
N THR A 8 10.45 9.19 0.49
CA THR A 8 9.28 9.95 0.89
C THR A 8 8.00 9.18 0.59
N LEU A 9 7.02 9.32 1.49
CA LEU A 9 5.71 8.72 1.31
C LEU A 9 4.66 9.80 1.12
N GLN A 10 5.13 11.05 1.05
CA GLN A 10 4.24 12.20 0.95
C GLN A 10 3.34 12.12 -0.29
N PRO A 11 3.91 11.87 -1.50
CA PRO A 11 3.09 11.73 -2.71
C PRO A 11 2.04 10.63 -2.57
N VAL A 12 2.32 9.65 -1.73
CA VAL A 12 1.38 8.56 -1.48
C VAL A 12 0.29 9.02 -0.51
N TRP A 13 0.72 9.61 0.60
CA TRP A 13 -0.23 10.10 1.60
C TRP A 13 -1.13 11.19 1.02
N ASP A 14 -0.51 12.11 0.29
CA ASP A 14 -1.25 13.17 -0.40
C ASP A 14 -2.37 12.58 -1.25
N ARG A 15 -2.03 11.58 -2.05
CA ARG A 15 -3.00 10.93 -2.92
C ARG A 15 -3.98 10.10 -2.11
N TYR A 16 -3.47 9.41 -1.10
CA TYR A 16 -4.28 8.56 -0.24
C TYR A 16 -5.43 9.34 0.38
N ASP A 17 -5.13 10.49 0.97
CA ASP A 17 -6.16 11.32 1.58
C ASP A 17 -7.08 11.93 0.52
N THR A 18 -6.55 12.09 -0.70
CA THR A 18 -7.35 12.60 -1.81
C THR A 18 -8.31 11.51 -2.33
N GLN A 19 -8.10 10.29 -1.88
CA GLN A 19 -9.00 9.19 -2.18
C GLN A 19 -9.88 8.90 -0.97
N ILE A 20 -9.26 8.88 0.20
CA ILE A 20 -9.93 8.62 1.46
C ILE A 20 -11.00 9.66 1.80
N HIS A 21 -10.93 10.85 1.19
CA HIS A 21 -11.95 11.86 1.43
C HIS A 21 -13.21 11.55 0.62
N ASN A 22 -13.13 10.49 -0.18
CA ASN A 22 -14.27 10.03 -0.97
C ASN A 22 -14.61 8.59 -0.60
N GLN A 23 -13.56 7.77 -0.42
CA GLN A 23 -13.69 6.40 0.08
C GLN A 23 -14.46 5.48 -0.85
N LYS A 24 -14.76 4.30 -0.31
CA LYS A 24 -15.63 3.31 -0.94
C LYS A 24 -14.94 2.63 -2.12
N ASP A 25 -13.86 1.93 -1.82
CA ASP A 25 -13.18 1.04 -2.77
C ASP A 25 -12.75 1.78 -4.03
N ASN A 26 -11.89 2.78 -3.87
CA ASN A 26 -11.39 3.53 -5.02
C ASN A 26 -10.35 2.72 -5.77
N ASP A 27 -10.80 1.95 -6.75
CA ASP A 27 -9.92 1.06 -7.53
C ASP A 27 -9.33 1.78 -8.73
N ASN A 28 -8.08 1.44 -9.03
CA ASN A 28 -7.42 1.94 -10.23
C ASN A 28 -7.54 0.92 -11.35
N GLU A 29 -6.70 -0.12 -11.31
CA GLU A 29 -6.74 -1.19 -12.31
C GLU A 29 -6.35 -2.53 -11.68
N VAL A 30 -6.55 -2.64 -10.38
CA VAL A 30 -6.11 -3.81 -9.64
C VAL A 30 -7.24 -4.81 -9.44
N PRO A 31 -6.97 -6.11 -9.64
CA PRO A 31 -7.95 -7.16 -9.43
C PRO A 31 -8.14 -7.47 -7.95
N VAL A 32 -9.01 -6.69 -7.32
CA VAL A 32 -9.32 -6.88 -5.91
C VAL A 32 -10.67 -6.28 -5.59
N HIS A 33 -11.44 -7.00 -4.82
CA HIS A 33 -12.79 -6.56 -4.44
C HIS A 33 -13.23 -7.22 -3.16
N GLN A 34 -12.86 -8.48 -2.97
CA GLN A 34 -13.17 -9.20 -1.75
C GLN A 34 -11.89 -9.40 -0.95
N VAL A 35 -11.87 -8.92 0.28
CA VAL A 35 -10.69 -9.01 1.12
C VAL A 35 -10.95 -9.94 2.30
N SER A 36 -10.02 -10.85 2.55
CA SER A 36 -10.16 -11.80 3.64
C SER A 36 -8.92 -11.78 4.51
N TYR A 37 -8.95 -12.56 5.60
CA TYR A 37 -7.84 -12.63 6.55
C TYR A 37 -6.54 -13.00 5.84
N THR A 38 -6.56 -14.10 5.11
CA THR A 38 -5.39 -14.60 4.39
C THR A 38 -4.93 -13.59 3.34
N ASN A 39 -5.90 -13.00 2.65
CA ASN A 39 -5.62 -12.00 1.62
C ASN A 39 -4.82 -10.85 2.19
N LEU A 40 -5.25 -10.34 3.34
CA LEU A 40 -4.57 -9.23 4.00
C LEU A 40 -3.10 -9.55 4.24
N ALA A 41 -2.82 -10.71 4.80
CA ALA A 41 -1.44 -11.12 5.08
C ALA A 41 -0.62 -11.17 3.79
N GLU A 42 -1.27 -11.54 2.69
CA GLU A 42 -0.62 -11.63 1.40
C GLU A 42 -0.39 -10.24 0.79
N MET A 43 -1.43 -9.42 0.74
CA MET A 43 -1.30 -8.08 0.16
C MET A 43 -0.38 -7.20 1.01
N VAL A 44 -0.46 -7.31 2.33
CA VAL A 44 0.45 -6.56 3.19
C VAL A 44 1.89 -7.01 2.95
N GLY A 45 2.04 -8.30 2.72
CA GLY A 45 3.36 -8.84 2.42
C GLY A 45 3.94 -8.30 1.13
N GLU A 46 3.11 -8.20 0.10
CA GLU A 46 3.58 -7.72 -1.19
C GLU A 46 3.79 -6.20 -1.17
N MET A 47 3.15 -5.52 -0.24
CA MET A 47 3.39 -4.09 -0.06
C MET A 47 4.83 -3.85 0.36
N ASN A 48 5.33 -4.75 1.21
CA ASN A 48 6.70 -4.65 1.72
C ASN A 48 7.72 -4.85 0.60
N LYS A 49 7.46 -5.80 -0.30
CA LYS A 49 8.41 -6.11 -1.36
C LYS A 49 8.40 -5.06 -2.47
N LEU A 50 7.42 -4.16 -2.42
CA LEU A 50 7.36 -3.05 -3.38
C LEU A 50 8.14 -1.85 -2.87
N LEU A 51 8.53 -1.92 -1.60
CA LEU A 51 9.28 -0.84 -0.97
C LEU A 51 10.58 -1.41 -0.41
N GLU A 52 10.82 -2.67 -0.74
CA GLU A 52 11.97 -3.39 -0.29
C GLU A 52 13.27 -2.79 -0.85
N PRO A 53 13.36 -2.53 -2.17
CA PRO A 53 14.56 -1.94 -2.77
C PRO A 53 14.54 -0.41 -2.75
N SER A 54 13.82 0.17 -1.79
CA SER A 54 13.73 1.62 -1.68
C SER A 54 14.40 2.10 -0.40
N GLN A 55 14.36 3.41 -0.18
CA GLN A 55 14.97 4.01 0.99
C GLN A 55 13.95 4.13 2.11
N VAL A 56 12.67 4.10 1.76
CA VAL A 56 11.64 4.19 2.76
C VAL A 56 11.43 2.85 3.47
N HIS A 57 11.91 2.77 4.69
CA HIS A 57 11.78 1.55 5.47
C HIS A 57 10.60 1.63 6.42
N LEU A 58 9.41 1.69 5.84
CA LEU A 58 8.19 1.76 6.63
C LEU A 58 7.66 0.35 6.86
N LYS A 59 7.50 0.00 8.14
CA LYS A 59 7.15 -1.35 8.52
C LYS A 59 5.66 -1.45 8.79
N PHE A 60 5.00 -2.35 8.08
CA PHE A 60 3.56 -2.52 8.23
C PHE A 60 3.25 -3.64 9.23
N GLU A 61 2.42 -3.33 10.21
CA GLU A 61 2.06 -4.30 11.23
C GLU A 61 0.57 -4.57 11.20
N LEU A 62 0.19 -5.83 11.27
CA LEU A 62 -1.21 -6.21 11.30
C LEU A 62 -1.61 -6.58 12.72
N HIS A 63 -2.12 -5.59 13.43
CA HIS A 63 -2.54 -5.81 14.81
C HIS A 63 -4.06 -5.85 14.89
N ASP A 64 -4.56 -6.89 15.53
CA ASP A 64 -5.98 -7.08 15.69
C ASP A 64 -6.45 -6.57 17.05
N LYS A 65 -7.71 -6.20 17.13
CA LYS A 65 -8.30 -5.74 18.38
C LYS A 65 -9.78 -6.10 18.40
N LEU A 66 -10.26 -6.60 19.53
CA LEU A 66 -11.68 -6.85 19.73
C LEU A 66 -12.33 -7.66 18.61
N ASN A 67 -12.81 -6.97 17.58
CA ASN A 67 -13.54 -7.58 16.48
C ASN A 67 -12.96 -7.11 15.14
N GLU A 68 -11.90 -6.34 15.21
CA GLU A 68 -11.33 -5.70 14.02
C GLU A 68 -9.81 -5.92 13.95
N TYR A 69 -9.22 -5.40 12.88
CA TYR A 69 -7.78 -5.39 12.70
C TYR A 69 -7.43 -4.32 11.67
N TYR A 70 -6.19 -3.85 11.68
CA TYR A 70 -5.77 -2.80 10.76
C TYR A 70 -4.27 -2.86 10.51
N VAL A 71 -3.83 -2.14 9.48
CA VAL A 71 -2.44 -2.11 9.10
C VAL A 71 -1.76 -0.86 9.63
N LYS A 72 -0.83 -1.06 10.55
CA LYS A 72 -0.09 0.04 11.14
C LYS A 72 1.14 0.34 10.30
N VAL A 73 1.40 1.60 10.02
CA VAL A 73 2.61 1.98 9.33
C VAL A 73 3.61 2.54 10.33
N ILE A 74 4.71 1.82 10.53
CA ILE A 74 5.72 2.23 11.48
C ILE A 74 6.93 2.79 10.76
N GLU A 75 7.29 4.02 11.07
CA GLU A 75 8.46 4.66 10.50
C GLU A 75 9.69 4.14 11.24
N ASP A 76 10.65 3.62 10.48
CA ASP A 76 11.82 2.94 11.05
C ASP A 76 12.60 3.79 12.05
N SER A 77 13.01 4.98 11.66
CA SER A 77 13.93 5.77 12.45
C SER A 77 13.26 6.31 13.72
N THR A 78 12.06 6.85 13.57
CA THR A 78 11.34 7.42 14.71
C THR A 78 10.69 6.33 15.56
N ASN A 79 10.45 5.17 14.96
CA ASN A 79 9.84 4.02 15.64
C ASN A 79 8.37 4.28 15.99
N GLU A 80 7.76 5.26 15.33
CA GLU A 80 6.38 5.60 15.63
C GLU A 80 5.47 5.17 14.48
N VAL A 81 4.17 5.13 14.76
CA VAL A 81 3.19 4.78 13.75
C VAL A 81 2.66 6.06 13.10
N ILE A 82 3.13 6.34 11.90
CA ILE A 82 2.83 7.60 11.23
C ILE A 82 1.53 7.55 10.44
N ARG A 83 0.94 6.36 10.34
CA ARG A 83 -0.35 6.17 9.69
C ARG A 83 -0.91 4.80 10.01
N GLU A 84 -2.23 4.70 10.09
CA GLU A 84 -2.89 3.41 10.27
C GLU A 84 -4.00 3.25 9.23
N ILE A 85 -3.94 2.15 8.48
CA ILE A 85 -4.90 1.91 7.41
C ILE A 85 -5.82 0.74 7.77
N PRO A 86 -7.12 0.99 7.87
CA PRO A 86 -8.11 -0.07 8.09
C PRO A 86 -8.43 -0.82 6.80
N PRO A 87 -8.71 -2.13 6.90
CA PRO A 87 -9.01 -2.97 5.73
C PRO A 87 -10.23 -2.50 4.95
N LYS A 88 -11.07 -1.72 5.61
CA LYS A 88 -12.27 -1.18 4.98
C LYS A 88 -11.93 0.02 4.09
N ARG A 89 -10.66 0.37 4.05
CA ARG A 89 -10.14 1.39 3.15
C ARG A 89 -8.86 0.89 2.51
N TRP A 90 -8.72 -0.44 2.49
CA TRP A 90 -7.50 -1.08 2.04
C TRP A 90 -7.32 -0.96 0.52
N LEU A 91 -8.40 -1.12 -0.22
CA LEU A 91 -8.32 -1.09 -1.68
C LEU A 91 -7.94 0.30 -2.15
N ASP A 92 -8.43 1.30 -1.44
CA ASP A 92 -8.12 2.69 -1.72
C ASP A 92 -6.61 2.91 -1.55
N PHE A 93 -6.06 2.33 -0.49
CA PHE A 93 -4.64 2.44 -0.21
C PHE A 93 -3.81 1.65 -1.22
N TYR A 94 -4.25 0.42 -1.50
CA TYR A 94 -3.55 -0.45 -2.43
C TYR A 94 -3.48 0.18 -3.81
N ALA A 95 -4.57 0.82 -4.22
CA ALA A 95 -4.61 1.51 -5.50
C ALA A 95 -3.54 2.60 -5.57
N ALA A 96 -3.52 3.46 -4.56
CA ALA A 96 -2.54 4.56 -4.51
C ALA A 96 -1.11 4.04 -4.64
N MET A 97 -0.85 2.90 -4.01
CA MET A 97 0.47 2.29 -4.08
C MET A 97 0.79 1.86 -5.51
N THR A 98 -0.15 1.20 -6.17
CA THR A 98 0.08 0.73 -7.54
C THR A 98 0.16 1.90 -8.53
N GLU A 99 -0.48 3.01 -8.18
CA GLU A 99 -0.41 4.21 -9.01
C GLU A 99 0.95 4.90 -8.86
N PHE A 100 1.38 5.10 -7.63
CA PHE A 100 2.65 5.78 -7.37
C PHE A 100 3.84 4.85 -7.57
N LEU A 101 3.86 3.73 -6.86
CA LEU A 101 4.98 2.79 -6.92
C LEU A 101 5.05 2.16 -8.31
N GLY A 102 3.90 2.10 -9.00
CA GLY A 102 3.87 1.56 -10.34
C GLY A 102 4.50 2.50 -11.36
N LEU A 103 4.85 3.69 -10.91
CA LEU A 103 5.59 4.62 -11.76
C LEU A 103 7.08 4.48 -11.52
N PHE A 104 7.43 3.93 -10.36
CA PHE A 104 8.82 3.76 -9.96
C PHE A 104 9.25 2.30 -10.12
N VAL A 105 8.44 1.54 -10.84
CA VAL A 105 8.67 0.11 -11.03
C VAL A 105 9.92 -0.16 -11.85
N ASP A 106 10.35 -1.41 -11.82
CA ASP A 106 11.58 -1.84 -12.47
C ASP A 106 11.27 -2.71 -13.69
N GLU A 107 10.00 -2.77 -14.07
CA GLU A 107 9.50 -3.69 -15.09
C GLU A 107 9.49 -5.11 -14.52
N LYS A 108 8.69 -6.00 -15.13
CA LYS A 108 8.51 -7.37 -14.65
C LYS A 108 7.71 -7.44 -13.33
N LYS A 109 7.85 -6.43 -12.50
CA LYS A 109 7.15 -6.35 -11.23
C LYS A 109 6.00 -5.36 -11.32
N LEU A 110 5.42 -5.25 -12.49
CA LEU A 110 4.37 -4.26 -12.74
C LEU A 110 3.10 -4.89 -13.31
N GLU A 111 3.29 -5.90 -14.16
CA GLU A 111 2.16 -6.60 -14.81
C GLU A 111 1.20 -5.61 -15.48
N HIS A 112 1.78 -4.53 -16.00
CA HIS A 112 1.02 -3.45 -16.62
C HIS A 112 0.29 -3.91 -17.87
N HIS A 113 -1.02 -4.05 -17.76
CA HIS A 113 -1.85 -4.39 -18.92
C HIS A 113 -2.20 -3.11 -19.68
N HIS A 114 -2.01 -1.99 -19.00
CA HIS A 114 -2.42 -0.69 -19.51
C HIS A 114 -1.58 0.40 -18.86
N HIS A 115 -1.23 1.43 -19.61
CA HIS A 115 -0.47 2.54 -19.06
C HIS A 115 -1.42 3.63 -18.53
N HIS A 116 -1.57 3.66 -17.23
CA HIS A 116 -2.43 4.67 -16.59
C HIS A 116 -1.60 5.81 -16.04
N HIS A 117 -2.28 6.80 -15.50
CA HIS A 117 -1.63 7.84 -14.72
C HIS A 117 -2.31 7.89 -13.35
N LEU A 1 14.88 7.85 -12.06
CA LEU A 1 13.80 7.48 -11.12
C LEU A 1 14.28 6.34 -10.23
N ASN A 2 14.38 6.59 -8.93
CA ASN A 2 14.96 5.60 -8.02
C ASN A 2 14.08 5.38 -6.79
N ILE A 3 13.68 4.14 -6.59
CA ILE A 3 12.96 3.75 -5.38
C ILE A 3 13.93 3.80 -4.19
N GLU A 4 15.22 3.69 -4.52
CA GLU A 4 16.28 3.70 -3.52
C GLU A 4 16.42 5.07 -2.87
N ARG A 5 15.78 6.08 -3.44
CA ARG A 5 15.93 7.44 -2.93
C ARG A 5 14.57 8.01 -2.56
N LEU A 6 13.58 7.14 -2.51
CA LEU A 6 12.21 7.55 -2.21
C LEU A 6 12.14 8.28 -0.86
N THR A 7 12.28 7.52 0.22
CA THR A 7 12.42 8.07 1.57
C THR A 7 11.13 8.73 2.09
N THR A 8 10.14 8.93 1.22
CA THR A 8 8.89 9.56 1.62
C THR A 8 7.72 9.00 0.82
N LEU A 9 6.55 8.92 1.44
CA LEU A 9 5.35 8.46 0.78
C LEU A 9 4.35 9.60 0.65
N GLN A 10 4.88 10.83 0.62
CA GLN A 10 4.05 12.03 0.57
C GLN A 10 3.00 11.98 -0.57
N PRO A 11 3.41 11.71 -1.83
CA PRO A 11 2.45 11.64 -2.95
C PRO A 11 1.38 10.58 -2.73
N VAL A 12 1.74 9.53 -1.97
CA VAL A 12 0.81 8.46 -1.67
C VAL A 12 -0.24 8.96 -0.67
N TRP A 13 0.23 9.65 0.36
CA TRP A 13 -0.64 10.19 1.39
C TRP A 13 -1.59 11.23 0.81
N ASP A 14 -1.06 12.12 -0.02
CA ASP A 14 -1.88 13.13 -0.70
C ASP A 14 -2.99 12.47 -1.51
N ARG A 15 -2.64 11.43 -2.24
CA ARG A 15 -3.61 10.71 -3.05
C ARG A 15 -4.59 9.96 -2.16
N TYR A 16 -4.08 9.35 -1.10
CA TYR A 16 -4.89 8.59 -0.16
C TYR A 16 -6.02 9.42 0.43
N ASP A 17 -5.69 10.57 1.01
CA ASP A 17 -6.68 11.42 1.65
C ASP A 17 -7.63 12.06 0.62
N THR A 18 -7.19 12.15 -0.63
CA THR A 18 -8.05 12.66 -1.68
C THR A 18 -8.99 11.54 -2.17
N GLN A 19 -8.43 10.36 -2.33
CA GLN A 19 -9.11 9.20 -2.85
C GLN A 19 -10.22 8.73 -1.91
N ILE A 20 -9.87 8.63 -0.64
CA ILE A 20 -10.79 8.22 0.42
C ILE A 20 -12.09 9.02 0.38
N HIS A 21 -11.99 10.29 0.01
CA HIS A 21 -13.13 11.20 0.06
C HIS A 21 -13.89 11.19 -1.26
N ASN A 22 -13.34 10.49 -2.25
CA ASN A 22 -13.98 10.38 -3.55
C ASN A 22 -14.90 9.16 -3.58
N GLN A 23 -14.30 7.98 -3.46
CA GLN A 23 -15.03 6.70 -3.44
C GLN A 23 -15.89 6.51 -4.69
N LYS A 24 -15.34 5.82 -5.68
CA LYS A 24 -16.09 5.46 -6.86
C LYS A 24 -16.10 3.95 -7.04
N ASP A 25 -17.21 3.43 -7.53
CA ASP A 25 -17.46 1.98 -7.57
C ASP A 25 -16.85 1.33 -8.82
N ASN A 26 -15.90 2.01 -9.44
CA ASN A 26 -15.22 1.47 -10.61
C ASN A 26 -13.71 1.44 -10.40
N ASP A 27 -13.11 0.29 -10.65
CA ASP A 27 -11.68 0.07 -10.46
C ASP A 27 -10.84 0.90 -11.42
N ASN A 28 -9.66 1.29 -10.98
CA ASN A 28 -8.71 2.02 -11.82
C ASN A 28 -7.94 1.03 -12.68
N GLU A 29 -7.13 0.20 -12.02
CA GLU A 29 -6.32 -0.81 -12.69
C GLU A 29 -5.68 -1.72 -11.66
N VAL A 30 -6.30 -1.84 -10.50
CA VAL A 30 -5.70 -2.55 -9.38
C VAL A 30 -6.55 -3.76 -8.97
N PRO A 31 -5.94 -4.93 -8.88
CA PRO A 31 -6.65 -6.16 -8.52
C PRO A 31 -6.91 -6.28 -7.04
N VAL A 32 -7.83 -5.46 -6.57
CA VAL A 32 -8.23 -5.49 -5.16
C VAL A 32 -9.69 -5.14 -5.01
N HIS A 33 -10.44 -6.10 -4.46
CA HIS A 33 -11.87 -5.95 -4.23
C HIS A 33 -12.42 -7.24 -3.63
N GLN A 34 -13.43 -7.11 -2.77
CA GLN A 34 -14.10 -8.26 -2.15
C GLN A 34 -13.08 -9.14 -1.44
N VAL A 35 -12.20 -8.49 -0.68
CA VAL A 35 -11.11 -9.16 -0.01
C VAL A 35 -11.57 -9.74 1.32
N SER A 36 -10.63 -10.35 2.02
CA SER A 36 -10.91 -10.95 3.31
C SER A 36 -9.64 -10.93 4.16
N TYR A 37 -9.74 -11.38 5.41
CA TYR A 37 -8.62 -11.39 6.36
C TYR A 37 -7.36 -11.98 5.75
N THR A 38 -7.51 -13.06 5.01
CA THR A 38 -6.39 -13.73 4.37
C THR A 38 -5.72 -12.85 3.31
N ASN A 39 -6.53 -12.18 2.51
CA ASN A 39 -6.02 -11.32 1.43
C ASN A 39 -5.20 -10.17 1.98
N LEU A 40 -5.58 -9.67 3.15
CA LEU A 40 -4.84 -8.59 3.79
C LEU A 40 -3.39 -8.98 3.99
N ALA A 41 -3.17 -10.14 4.60
CA ALA A 41 -1.82 -10.63 4.85
C ALA A 41 -1.04 -10.77 3.54
N GLU A 42 -1.71 -11.23 2.50
CA GLU A 42 -1.11 -11.37 1.18
C GLU A 42 -0.60 -10.03 0.67
N MET A 43 -1.46 -9.02 0.76
CA MET A 43 -1.13 -7.70 0.24
C MET A 43 -0.11 -6.98 1.13
N VAL A 44 -0.13 -7.27 2.42
CA VAL A 44 0.86 -6.70 3.33
C VAL A 44 2.25 -7.20 2.98
N GLY A 45 2.32 -8.49 2.64
CA GLY A 45 3.59 -9.10 2.29
C GLY A 45 4.19 -8.48 1.05
N GLU A 46 3.37 -8.27 0.02
CA GLU A 46 3.86 -7.72 -1.25
C GLU A 46 4.21 -6.25 -1.12
N MET A 47 3.61 -5.57 -0.15
CA MET A 47 3.98 -4.18 0.15
C MET A 47 5.46 -4.10 0.49
N ASN A 48 5.94 -5.09 1.23
CA ASN A 48 7.34 -5.13 1.67
C ASN A 48 8.26 -5.40 0.49
N LYS A 49 7.72 -5.99 -0.56
CA LYS A 49 8.49 -6.38 -1.72
C LYS A 49 8.63 -5.21 -2.70
N LEU A 50 7.57 -4.41 -2.79
CA LEU A 50 7.54 -3.29 -3.74
C LEU A 50 8.57 -2.22 -3.41
N LEU A 51 8.78 -1.98 -2.12
CA LEU A 51 9.72 -0.96 -1.69
C LEU A 51 10.83 -1.57 -0.84
N GLU A 52 11.16 -2.82 -1.17
CA GLU A 52 12.21 -3.55 -0.49
C GLU A 52 13.54 -2.77 -0.42
N PRO A 53 14.05 -2.23 -1.56
CA PRO A 53 15.28 -1.47 -1.58
C PRO A 53 15.06 0.05 -1.48
N SER A 54 14.00 0.46 -0.80
CA SER A 54 13.70 1.87 -0.65
C SER A 54 14.48 2.47 0.52
N GLN A 55 14.79 3.77 0.41
CA GLN A 55 15.45 4.49 1.48
C GLN A 55 14.50 4.64 2.68
N VAL A 56 13.22 4.59 2.39
CA VAL A 56 12.19 4.89 3.38
C VAL A 56 11.91 3.69 4.29
N HIS A 57 12.10 2.49 3.76
CA HIS A 57 11.94 1.23 4.52
C HIS A 57 10.46 0.92 4.81
N LEU A 58 9.89 1.66 5.76
CA LEU A 58 8.58 1.35 6.36
C LEU A 58 8.54 0.00 7.07
N LYS A 59 7.71 -0.05 8.11
CA LYS A 59 7.39 -1.28 8.80
C LYS A 59 5.88 -1.49 8.76
N PHE A 60 5.44 -2.58 8.15
CA PHE A 60 4.01 -2.84 8.01
C PHE A 60 3.57 -3.98 8.92
N GLU A 61 2.65 -3.70 9.82
CA GLU A 61 2.15 -4.71 10.74
C GLU A 61 0.63 -4.83 10.69
N LEU A 62 0.14 -6.05 10.78
CA LEU A 62 -1.29 -6.32 10.88
C LEU A 62 -1.64 -6.51 12.35
N HIS A 63 -2.27 -5.51 12.96
CA HIS A 63 -2.61 -5.59 14.37
C HIS A 63 -4.11 -5.66 14.55
N ASP A 64 -4.54 -6.68 15.27
CA ASP A 64 -5.96 -6.88 15.57
C ASP A 64 -6.27 -6.32 16.96
N LYS A 65 -7.51 -5.87 17.14
CA LYS A 65 -7.93 -5.29 18.41
C LYS A 65 -9.44 -5.44 18.59
N LEU A 66 -9.85 -5.93 19.77
CA LEU A 66 -11.25 -6.07 20.13
C LEU A 66 -11.95 -7.12 19.26
N ASN A 67 -12.29 -6.72 18.04
CA ASN A 67 -12.89 -7.62 17.06
C ASN A 67 -12.44 -7.23 15.66
N GLU A 68 -11.52 -6.26 15.61
CA GLU A 68 -11.09 -5.67 14.35
C GLU A 68 -9.65 -6.05 14.04
N TYR A 69 -9.24 -5.81 12.82
CA TYR A 69 -7.86 -6.02 12.40
C TYR A 69 -7.51 -5.04 11.29
N TYR A 70 -6.37 -4.37 11.42
CA TYR A 70 -5.99 -3.35 10.46
C TYR A 70 -4.49 -3.36 10.22
N VAL A 71 -4.07 -2.73 9.14
CA VAL A 71 -2.67 -2.64 8.80
C VAL A 71 -2.13 -1.26 9.15
N LYS A 72 -1.12 -1.20 10.00
CA LYS A 72 -0.59 0.07 10.43
C LYS A 72 0.81 0.31 9.86
N VAL A 73 1.01 1.51 9.37
CA VAL A 73 2.26 1.90 8.73
C VAL A 73 3.19 2.54 9.77
N ILE A 74 4.30 1.89 10.01
CA ILE A 74 5.28 2.37 10.96
C ILE A 74 6.51 2.87 10.24
N GLU A 75 6.93 4.09 10.51
CA GLU A 75 8.14 4.61 9.90
C GLU A 75 9.35 3.98 10.56
N ASP A 76 10.16 3.33 9.75
CA ASP A 76 11.28 2.52 10.23
C ASP A 76 12.36 3.39 10.83
N SER A 77 12.53 4.58 10.29
CA SER A 77 13.59 5.49 10.72
C SER A 77 13.21 6.22 12.02
N THR A 78 11.92 6.40 12.24
CA THR A 78 11.45 7.18 13.38
C THR A 78 10.99 6.25 14.52
N ASN A 79 10.74 4.98 14.17
CA ASN A 79 10.42 3.94 15.16
C ASN A 79 9.01 4.11 15.73
N GLU A 80 8.15 4.84 15.03
CA GLU A 80 6.79 5.05 15.49
C GLU A 80 5.80 4.92 14.34
N VAL A 81 4.53 4.76 14.69
CA VAL A 81 3.48 4.55 13.70
C VAL A 81 3.03 5.88 13.13
N ILE A 82 3.00 5.98 11.81
CA ILE A 82 2.65 7.23 11.16
C ILE A 82 1.24 7.18 10.57
N ARG A 83 0.66 5.99 10.50
CA ARG A 83 -0.69 5.84 9.94
C ARG A 83 -1.27 4.48 10.29
N GLU A 84 -2.51 4.45 10.76
CA GLU A 84 -3.22 3.20 10.97
C GLU A 84 -4.34 3.07 9.94
N ILE A 85 -4.25 2.04 9.10
CA ILE A 85 -5.17 1.87 7.99
C ILE A 85 -6.09 0.67 8.19
N PRO A 86 -7.39 0.92 8.35
CA PRO A 86 -8.38 -0.14 8.49
C PRO A 86 -8.68 -0.81 7.14
N PRO A 87 -9.14 -2.08 7.18
CA PRO A 87 -9.32 -2.91 5.97
C PRO A 87 -10.21 -2.26 4.91
N LYS A 88 -11.22 -1.51 5.34
CA LYS A 88 -12.18 -0.93 4.42
C LYS A 88 -11.58 0.24 3.63
N ARG A 89 -10.45 0.74 4.10
CA ARG A 89 -9.75 1.81 3.40
C ARG A 89 -8.37 1.35 2.97
N TRP A 90 -8.15 0.04 3.04
CA TRP A 90 -6.92 -0.56 2.58
C TRP A 90 -6.83 -0.50 1.07
N LEU A 91 -7.97 -0.72 0.42
CA LEU A 91 -8.03 -0.78 -1.04
C LEU A 91 -7.57 0.53 -1.65
N ASP A 92 -7.93 1.64 -1.00
CA ASP A 92 -7.51 2.97 -1.45
C ASP A 92 -5.99 3.07 -1.40
N PHE A 93 -5.42 2.73 -0.25
CA PHE A 93 -3.98 2.78 -0.04
C PHE A 93 -3.26 1.85 -1.02
N TYR A 94 -3.73 0.62 -1.10
CA TYR A 94 -3.14 -0.39 -1.97
C TYR A 94 -3.14 0.08 -3.43
N ALA A 95 -4.23 0.70 -3.85
CA ALA A 95 -4.34 1.24 -5.19
C ALA A 95 -3.31 2.34 -5.41
N ALA A 96 -3.28 3.31 -4.50
CA ALA A 96 -2.36 4.43 -4.59
C ALA A 96 -0.91 3.94 -4.63
N MET A 97 -0.63 2.89 -3.85
CA MET A 97 0.71 2.30 -3.82
C MET A 97 1.11 1.80 -5.19
N THR A 98 0.22 1.06 -5.85
CA THR A 98 0.52 0.50 -7.15
C THR A 98 0.54 1.56 -8.26
N GLU A 99 -0.21 2.63 -8.07
CA GLU A 99 -0.21 3.72 -9.04
C GLU A 99 1.07 4.54 -8.93
N PHE A 100 1.53 4.78 -7.71
CA PHE A 100 2.74 5.56 -7.49
C PHE A 100 4.00 4.72 -7.62
N LEU A 101 4.12 3.66 -6.81
CA LEU A 101 5.34 2.85 -6.78
C LEU A 101 5.42 1.94 -8.00
N GLY A 102 4.29 1.75 -8.67
CA GLY A 102 4.26 0.96 -9.89
C GLY A 102 4.88 1.72 -11.06
N LEU A 103 5.47 2.86 -10.76
CA LEU A 103 6.25 3.61 -11.73
C LEU A 103 7.75 3.38 -11.51
N PHE A 104 8.10 3.04 -10.27
CA PHE A 104 9.49 2.82 -9.88
C PHE A 104 9.88 1.37 -10.08
N VAL A 105 8.88 0.54 -10.36
CA VAL A 105 9.06 -0.90 -10.50
C VAL A 105 10.03 -1.25 -11.64
N ASP A 106 10.92 -2.19 -11.35
CA ASP A 106 11.89 -2.63 -12.34
C ASP A 106 11.37 -3.87 -13.08
N GLU A 107 10.57 -3.62 -14.12
CA GLU A 107 10.05 -4.61 -15.09
C GLU A 107 9.95 -6.05 -14.58
N LYS A 108 11.08 -6.75 -14.43
CA LYS A 108 11.07 -8.15 -14.04
C LYS A 108 10.58 -8.36 -12.60
N LYS A 109 10.43 -7.29 -11.86
CA LYS A 109 9.86 -7.37 -10.52
C LYS A 109 8.33 -7.23 -10.60
N LEU A 110 7.84 -6.98 -11.80
CA LEU A 110 6.41 -6.82 -12.04
C LEU A 110 5.72 -8.17 -12.17
N GLU A 111 6.31 -9.03 -12.98
CA GLU A 111 5.77 -10.36 -13.27
C GLU A 111 4.37 -10.30 -13.87
N HIS A 112 3.98 -9.12 -14.36
CA HIS A 112 2.75 -8.98 -15.12
C HIS A 112 2.95 -9.63 -16.47
N HIS A 113 2.25 -10.74 -16.72
CA HIS A 113 2.53 -11.58 -17.86
C HIS A 113 2.05 -10.96 -19.17
N HIS A 114 2.88 -10.08 -19.70
CA HIS A 114 2.68 -9.51 -21.02
C HIS A 114 4.02 -9.01 -21.53
N HIS A 115 4.65 -8.14 -20.74
CA HIS A 115 6.05 -7.78 -20.90
C HIS A 115 6.38 -7.32 -22.32
N HIS A 116 6.17 -6.04 -22.59
CA HIS A 116 6.44 -5.51 -23.92
C HIS A 116 6.73 -4.01 -23.86
N HIS A 117 7.98 -3.66 -24.11
CA HIS A 117 8.38 -2.27 -24.16
C HIS A 117 8.72 -1.87 -25.59
N LEU A 1 14.11 7.54 -12.62
CA LEU A 1 13.61 7.57 -11.23
C LEU A 1 13.99 6.28 -10.51
N ASN A 2 14.98 6.38 -9.63
CA ASN A 2 15.46 5.21 -8.91
C ASN A 2 14.84 5.15 -7.51
N ILE A 3 14.29 3.98 -7.19
CA ILE A 3 13.60 3.79 -5.92
C ILE A 3 14.60 3.67 -4.76
N GLU A 4 15.86 3.40 -5.09
CA GLU A 4 16.90 3.21 -4.08
C GLU A 4 17.23 4.51 -3.35
N ARG A 5 16.56 5.60 -3.71
CA ARG A 5 16.74 6.86 -3.01
C ARG A 5 15.39 7.43 -2.57
N LEU A 6 14.34 6.65 -2.78
CA LEU A 6 12.99 7.09 -2.44
C LEU A 6 12.83 7.18 -0.93
N THR A 7 12.61 8.37 -0.43
CA THR A 7 12.49 8.58 1.00
C THR A 7 11.25 9.40 1.36
N THR A 8 10.33 9.51 0.41
CA THR A 8 9.08 10.23 0.68
C THR A 8 7.89 9.46 0.13
N LEU A 9 6.78 9.52 0.85
CA LEU A 9 5.55 8.84 0.45
C LEU A 9 4.39 9.83 0.47
N GLN A 10 4.73 11.12 0.52
CA GLN A 10 3.72 12.18 0.63
C GLN A 10 2.73 12.16 -0.55
N PRO A 11 3.20 12.02 -1.81
CA PRO A 11 2.29 11.91 -2.97
C PRO A 11 1.28 10.78 -2.80
N VAL A 12 1.68 9.73 -2.09
CA VAL A 12 0.81 8.58 -1.86
C VAL A 12 -0.31 8.96 -0.90
N TRP A 13 0.05 9.67 0.16
CA TRP A 13 -0.91 10.10 1.15
C TRP A 13 -1.90 11.12 0.57
N ASP A 14 -1.39 11.97 -0.32
CA ASP A 14 -2.24 12.97 -0.97
C ASP A 14 -3.18 12.30 -1.97
N ARG A 15 -2.65 11.31 -2.69
CA ARG A 15 -3.45 10.54 -3.64
C ARG A 15 -4.46 9.68 -2.89
N TYR A 16 -4.12 9.34 -1.65
CA TYR A 16 -5.02 8.61 -0.77
C TYR A 16 -6.17 9.49 -0.33
N ASP A 17 -5.85 10.67 0.16
CA ASP A 17 -6.86 11.63 0.62
C ASP A 17 -7.84 11.93 -0.50
N THR A 18 -7.32 12.15 -1.70
CA THR A 18 -8.13 12.49 -2.86
C THR A 18 -8.93 11.29 -3.37
N GLN A 19 -8.38 10.09 -3.20
CA GLN A 19 -9.06 8.88 -3.62
C GLN A 19 -10.19 8.56 -2.66
N ILE A 20 -9.92 8.79 -1.38
CA ILE A 20 -10.90 8.59 -0.30
C ILE A 20 -12.21 9.34 -0.58
N HIS A 21 -12.15 10.31 -1.48
CA HIS A 21 -13.35 11.03 -1.93
C HIS A 21 -14.37 10.06 -2.51
N ASN A 22 -13.88 9.01 -3.16
CA ASN A 22 -14.75 8.00 -3.75
C ASN A 22 -14.80 6.77 -2.87
N GLN A 23 -16.00 6.40 -2.45
CA GLN A 23 -16.21 5.19 -1.67
C GLN A 23 -17.42 4.45 -2.21
N LYS A 24 -17.76 4.70 -3.48
CA LYS A 24 -18.96 4.14 -4.09
C LYS A 24 -18.67 2.82 -4.80
N ASP A 25 -17.43 2.35 -4.68
CA ASP A 25 -17.03 1.13 -5.36
C ASP A 25 -16.94 -0.05 -4.40
N ASN A 26 -17.05 -1.24 -4.95
CA ASN A 26 -17.01 -2.47 -4.14
C ASN A 26 -16.74 -3.68 -5.04
N ASP A 27 -17.71 -3.99 -5.90
CA ASP A 27 -17.56 -5.11 -6.83
C ASP A 27 -17.39 -4.55 -8.24
N ASN A 28 -16.15 -4.19 -8.55
CA ASN A 28 -15.84 -3.54 -9.82
C ASN A 28 -14.56 -4.11 -10.40
N GLU A 29 -14.02 -3.46 -11.41
CA GLU A 29 -12.78 -3.90 -12.06
C GLU A 29 -11.55 -3.42 -11.28
N VAL A 30 -11.73 -3.25 -9.98
CA VAL A 30 -10.67 -2.82 -9.10
C VAL A 30 -9.82 -4.01 -8.67
N PRO A 31 -8.49 -3.87 -8.70
CA PRO A 31 -7.57 -4.92 -8.24
C PRO A 31 -7.75 -5.21 -6.75
N VAL A 32 -8.24 -6.42 -6.46
CA VAL A 32 -8.53 -6.87 -5.11
C VAL A 32 -9.79 -6.20 -4.56
N HIS A 33 -10.75 -7.03 -4.18
CA HIS A 33 -12.02 -6.55 -3.68
C HIS A 33 -12.61 -7.56 -2.70
N GLN A 34 -13.69 -7.15 -2.02
CA GLN A 34 -14.27 -7.91 -0.89
C GLN A 34 -13.34 -7.86 0.31
N VAL A 35 -12.22 -8.54 0.18
CA VAL A 35 -11.14 -8.53 1.17
C VAL A 35 -11.51 -9.27 2.45
N SER A 36 -10.62 -10.14 2.88
CA SER A 36 -10.78 -10.86 4.13
C SER A 36 -9.42 -11.00 4.82
N TYR A 37 -9.42 -11.67 5.97
CA TYR A 37 -8.23 -11.81 6.81
C TYR A 37 -6.99 -12.25 6.01
N THR A 38 -7.14 -13.29 5.19
CA THR A 38 -6.02 -13.81 4.42
C THR A 38 -5.49 -12.77 3.43
N ASN A 39 -6.40 -11.97 2.87
CA ASN A 39 -6.03 -10.98 1.87
C ASN A 39 -5.10 -9.92 2.42
N LEU A 40 -5.34 -9.48 3.66
CA LEU A 40 -4.49 -8.47 4.28
C LEU A 40 -3.05 -8.94 4.31
N ALA A 41 -2.84 -10.19 4.71
CA ALA A 41 -1.50 -10.77 4.78
C ALA A 41 -0.87 -10.85 3.39
N GLU A 42 -1.71 -11.10 2.38
CA GLU A 42 -1.27 -11.17 1.00
C GLU A 42 -0.75 -9.81 0.53
N MET A 43 -1.52 -8.75 0.79
CA MET A 43 -1.14 -7.42 0.37
C MET A 43 0.03 -6.86 1.18
N VAL A 44 0.05 -7.15 2.48
CA VAL A 44 1.15 -6.68 3.34
C VAL A 44 2.50 -7.15 2.79
N GLY A 45 2.55 -8.42 2.40
CA GLY A 45 3.78 -9.00 1.89
C GLY A 45 4.26 -8.32 0.62
N GLU A 46 3.34 -8.06 -0.31
CA GLU A 46 3.70 -7.43 -1.58
C GLU A 46 4.04 -5.95 -1.37
N MET A 47 3.36 -5.31 -0.42
CA MET A 47 3.69 -3.93 -0.04
C MET A 47 5.14 -3.85 0.40
N ASN A 48 5.56 -4.83 1.20
CA ASN A 48 6.94 -4.88 1.68
C ASN A 48 7.91 -4.91 0.52
N LYS A 49 7.69 -5.87 -0.38
CA LYS A 49 8.60 -6.12 -1.50
C LYS A 49 8.76 -4.89 -2.40
N LEU A 50 7.67 -4.14 -2.56
CA LEU A 50 7.68 -2.99 -3.45
C LEU A 50 8.65 -1.90 -2.99
N LEU A 51 8.64 -1.59 -1.69
CA LEU A 51 9.46 -0.49 -1.17
C LEU A 51 10.60 -1.01 -0.32
N GLU A 52 10.90 -2.29 -0.47
CA GLU A 52 12.04 -2.92 0.20
C GLU A 52 13.37 -2.22 -0.15
N PRO A 53 13.66 -1.99 -1.46
CA PRO A 53 14.89 -1.30 -1.87
C PRO A 53 14.80 0.22 -1.72
N SER A 54 13.73 0.68 -1.07
CA SER A 54 13.50 2.10 -0.87
C SER A 54 14.05 2.53 0.48
N GLN A 55 14.35 3.82 0.62
CA GLN A 55 14.98 4.36 1.82
C GLN A 55 13.99 4.39 2.98
N VAL A 56 12.71 4.48 2.66
CA VAL A 56 11.67 4.59 3.67
C VAL A 56 11.58 3.32 4.53
N HIS A 57 11.88 2.17 3.92
CA HIS A 57 11.81 0.87 4.60
C HIS A 57 10.56 0.75 5.45
N LEU A 58 9.41 0.93 4.82
CA LEU A 58 8.15 0.97 5.54
C LEU A 58 7.72 -0.43 5.94
N LYS A 59 7.48 -0.60 7.23
CA LYS A 59 7.11 -1.90 7.77
C LYS A 59 5.63 -1.91 8.15
N PHE A 60 5.00 -3.08 8.05
CA PHE A 60 3.58 -3.20 8.32
C PHE A 60 3.31 -4.35 9.27
N GLU A 61 2.57 -4.07 10.35
CA GLU A 61 2.19 -5.11 11.29
C GLU A 61 0.68 -5.22 11.37
N LEU A 62 0.16 -6.45 11.33
CA LEU A 62 -1.27 -6.66 11.46
C LEU A 62 -1.63 -6.82 12.92
N HIS A 63 -2.38 -5.88 13.44
CA HIS A 63 -2.82 -5.95 14.82
C HIS A 63 -4.31 -5.73 14.90
N ASP A 64 -4.93 -6.48 15.78
CA ASP A 64 -6.38 -6.56 15.82
C ASP A 64 -6.98 -5.55 16.77
N LYS A 65 -8.30 -5.47 16.72
CA LYS A 65 -9.08 -4.56 17.55
C LYS A 65 -10.39 -5.24 17.91
N LEU A 66 -10.32 -6.19 18.84
CA LEU A 66 -11.48 -6.97 19.30
C LEU A 66 -11.95 -7.93 18.20
N ASN A 67 -12.69 -7.41 17.24
CA ASN A 67 -13.16 -8.21 16.11
C ASN A 67 -12.53 -7.68 14.82
N GLU A 68 -12.16 -6.41 14.85
CA GLU A 68 -11.51 -5.79 13.72
C GLU A 68 -10.03 -6.14 13.69
N TYR A 69 -9.39 -5.86 12.57
CA TYR A 69 -7.94 -6.05 12.44
C TYR A 69 -7.43 -5.10 11.37
N TYR A 70 -6.41 -4.34 11.72
CA TYR A 70 -5.92 -3.30 10.83
C TYR A 70 -4.41 -3.38 10.66
N VAL A 71 -3.91 -2.60 9.72
CA VAL A 71 -2.48 -2.62 9.40
C VAL A 71 -1.78 -1.42 10.03
N LYS A 72 -0.81 -1.71 10.89
CA LYS A 72 0.01 -0.69 11.52
C LYS A 72 1.15 -0.31 10.60
N VAL A 73 1.13 0.92 10.11
CA VAL A 73 2.19 1.41 9.26
C VAL A 73 3.32 1.96 10.12
N ILE A 74 4.46 1.31 10.09
CA ILE A 74 5.60 1.69 10.91
C ILE A 74 6.73 2.19 10.02
N GLU A 75 7.00 3.48 10.10
CA GLU A 75 8.03 4.10 9.28
C GLU A 75 9.39 3.83 9.92
N ASP A 76 10.35 3.39 9.11
CA ASP A 76 11.63 2.91 9.63
C ASP A 76 12.41 4.01 10.35
N SER A 77 12.57 5.15 9.71
CA SER A 77 13.42 6.22 10.23
C SER A 77 12.85 6.80 11.52
N THR A 78 11.58 7.19 11.48
CA THR A 78 10.94 7.75 12.67
C THR A 78 10.76 6.69 13.76
N ASN A 79 10.63 5.44 13.32
CA ASN A 79 10.49 4.29 14.23
C ASN A 79 9.23 4.43 15.09
N GLU A 80 8.16 4.85 14.45
CA GLU A 80 6.87 4.96 15.12
C GLU A 80 5.75 4.51 14.18
N VAL A 81 4.58 4.24 14.74
CA VAL A 81 3.43 3.90 13.93
C VAL A 81 2.77 5.18 13.43
N ILE A 82 3.09 5.56 12.20
CA ILE A 82 2.64 6.83 11.65
C ILE A 82 1.18 6.75 11.20
N ARG A 83 0.71 5.55 10.88
CA ARG A 83 -0.66 5.36 10.41
C ARG A 83 -1.18 3.99 10.80
N GLU A 84 -2.41 3.95 11.25
CA GLU A 84 -3.09 2.69 11.51
C GLU A 84 -4.30 2.57 10.58
N ILE A 85 -4.13 1.80 9.52
CA ILE A 85 -5.12 1.74 8.45
C ILE A 85 -6.09 0.57 8.64
N PRO A 86 -7.38 0.87 8.84
CA PRO A 86 -8.43 -0.16 8.95
C PRO A 86 -8.70 -0.85 7.61
N PRO A 87 -9.25 -2.06 7.63
CA PRO A 87 -9.48 -2.88 6.44
C PRO A 87 -10.27 -2.14 5.35
N LYS A 88 -11.28 -1.37 5.76
CA LYS A 88 -12.14 -0.68 4.81
C LYS A 88 -11.50 0.63 4.32
N ARG A 89 -10.23 0.83 4.67
CA ARG A 89 -9.47 1.97 4.17
C ARG A 89 -8.22 1.49 3.45
N TRP A 90 -8.01 0.18 3.47
CA TRP A 90 -6.81 -0.42 2.93
C TRP A 90 -6.78 -0.36 1.40
N LEU A 91 -7.94 -0.56 0.78
CA LEU A 91 -8.02 -0.64 -0.67
C LEU A 91 -7.56 0.67 -1.32
N ASP A 92 -8.04 1.79 -0.79
CA ASP A 92 -7.66 3.10 -1.29
C ASP A 92 -6.15 3.29 -1.19
N PHE A 93 -5.58 2.86 -0.07
CA PHE A 93 -4.14 2.95 0.15
C PHE A 93 -3.41 2.08 -0.86
N TYR A 94 -3.85 0.83 -0.97
CA TYR A 94 -3.22 -0.14 -1.87
C TYR A 94 -3.22 0.38 -3.31
N ALA A 95 -4.34 0.94 -3.73
CA ALA A 95 -4.45 1.49 -5.08
C ALA A 95 -3.49 2.64 -5.28
N ALA A 96 -3.51 3.60 -4.36
CA ALA A 96 -2.68 4.79 -4.46
C ALA A 96 -1.19 4.45 -4.38
N MET A 97 -0.87 3.53 -3.48
CA MET A 97 0.52 3.12 -3.25
C MET A 97 1.11 2.51 -4.52
N THR A 98 0.37 1.61 -5.15
CA THR A 98 0.86 0.89 -6.32
C THR A 98 0.95 1.81 -7.54
N GLU A 99 0.15 2.86 -7.57
CA GLU A 99 0.23 3.82 -8.66
C GLU A 99 1.54 4.60 -8.59
N PHE A 100 1.98 4.87 -7.37
CA PHE A 100 3.23 5.59 -7.16
C PHE A 100 4.44 4.66 -7.25
N LEU A 101 4.44 3.59 -6.45
CA LEU A 101 5.57 2.66 -6.42
C LEU A 101 5.65 1.86 -7.71
N GLY A 102 4.52 1.72 -8.40
CA GLY A 102 4.50 1.01 -9.67
C GLY A 102 5.12 1.82 -10.80
N LEU A 103 5.60 3.01 -10.46
CA LEU A 103 6.36 3.83 -11.39
C LEU A 103 7.84 3.49 -11.31
N PHE A 104 8.24 2.94 -10.17
CA PHE A 104 9.64 2.63 -9.93
C PHE A 104 9.95 1.16 -10.23
N VAL A 105 8.92 0.33 -10.16
CA VAL A 105 9.07 -1.11 -10.41
C VAL A 105 9.57 -1.36 -11.83
N ASP A 106 10.71 -2.02 -11.93
CA ASP A 106 11.37 -2.19 -13.22
C ASP A 106 11.06 -3.54 -13.84
N GLU A 107 9.93 -3.59 -14.56
CA GLU A 107 9.55 -4.74 -15.40
C GLU A 107 9.27 -6.00 -14.58
N LYS A 108 10.32 -6.59 -14.02
CA LYS A 108 10.20 -7.86 -13.32
C LYS A 108 9.52 -7.65 -11.96
N LYS A 109 9.44 -6.40 -11.55
CA LYS A 109 8.77 -6.07 -10.31
C LYS A 109 7.32 -5.69 -10.61
N LEU A 110 6.94 -5.86 -11.88
CA LEU A 110 5.56 -5.62 -12.31
C LEU A 110 4.70 -6.85 -12.05
N GLU A 111 4.80 -7.79 -12.98
CA GLU A 111 4.07 -9.06 -12.93
C GLU A 111 2.56 -8.87 -13.15
N HIS A 112 2.08 -7.63 -13.12
CA HIS A 112 0.66 -7.38 -13.28
C HIS A 112 0.20 -7.83 -14.66
N HIS A 113 -0.82 -8.66 -14.67
CA HIS A 113 -1.36 -9.19 -15.91
C HIS A 113 -2.35 -8.21 -16.51
N HIS A 114 -2.83 -8.53 -17.72
CA HIS A 114 -3.76 -7.66 -18.42
C HIS A 114 -3.09 -6.35 -18.81
N HIS A 115 -3.84 -5.45 -19.41
CA HIS A 115 -3.36 -4.11 -19.69
C HIS A 115 -4.17 -3.10 -18.90
N HIS A 116 -4.42 -3.42 -17.65
CA HIS A 116 -5.23 -2.57 -16.79
C HIS A 116 -4.36 -1.57 -16.04
N HIS A 117 -4.07 -0.46 -16.68
CA HIS A 117 -3.28 0.61 -16.08
C HIS A 117 -3.39 1.85 -16.96
N LEU A 1 12.94 8.97 -12.00
CA LEU A 1 12.24 8.04 -11.09
C LEU A 1 13.21 7.42 -10.10
N ASN A 2 13.61 6.17 -10.35
CA ASN A 2 14.49 5.42 -9.44
C ASN A 2 13.86 5.24 -8.06
N ILE A 3 13.44 4.02 -7.76
CA ILE A 3 12.77 3.71 -6.50
C ILE A 3 13.77 3.80 -5.33
N GLU A 4 15.05 3.73 -5.65
CA GLU A 4 16.10 3.85 -4.63
C GLU A 4 16.15 5.27 -4.08
N ARG A 5 15.40 6.18 -4.70
CA ARG A 5 15.40 7.58 -4.31
C ARG A 5 14.12 7.91 -3.58
N LEU A 6 13.24 6.92 -3.49
CA LEU A 6 11.99 7.09 -2.81
C LEU A 6 12.24 7.21 -1.30
N THR A 7 12.09 8.42 -0.77
CA THR A 7 12.38 8.67 0.64
C THR A 7 11.15 8.44 1.51
N THR A 8 10.00 8.93 1.07
CA THR A 8 8.77 8.79 1.81
C THR A 8 7.58 8.82 0.86
N LEU A 9 6.39 8.60 1.41
CA LEU A 9 5.18 8.46 0.60
C LEU A 9 4.40 9.78 0.52
N GLN A 10 5.13 10.89 0.41
CA GLN A 10 4.50 12.22 0.35
C GLN A 10 3.42 12.29 -0.75
N PRO A 11 3.74 11.99 -2.03
CA PRO A 11 2.76 12.09 -3.11
C PRO A 11 1.64 11.06 -2.95
N VAL A 12 1.92 10.01 -2.20
CA VAL A 12 0.96 8.95 -1.96
C VAL A 12 -0.12 9.42 -1.00
N TRP A 13 0.29 10.13 0.05
CA TRP A 13 -0.65 10.66 1.03
C TRP A 13 -1.51 11.75 0.41
N ASP A 14 -0.93 12.51 -0.51
CA ASP A 14 -1.67 13.55 -1.22
C ASP A 14 -2.79 12.94 -2.05
N ARG A 15 -2.47 11.85 -2.74
CA ARG A 15 -3.44 11.14 -3.54
C ARG A 15 -4.38 10.31 -2.67
N TYR A 16 -3.87 9.88 -1.53
CA TYR A 16 -4.66 9.14 -0.55
C TYR A 16 -5.91 9.94 -0.18
N ASP A 17 -5.72 11.23 0.06
CA ASP A 17 -6.83 12.11 0.43
C ASP A 17 -7.84 12.23 -0.72
N THR A 18 -7.32 12.34 -1.93
CA THR A 18 -8.15 12.54 -3.12
C THR A 18 -8.82 11.24 -3.58
N GLN A 19 -8.42 10.12 -3.00
CA GLN A 19 -9.10 8.85 -3.26
C GLN A 19 -10.03 8.48 -2.10
N ILE A 20 -9.54 8.67 -0.88
CA ILE A 20 -10.29 8.35 0.33
C ILE A 20 -11.62 9.11 0.40
N HIS A 21 -11.67 10.29 -0.19
CA HIS A 21 -12.86 11.12 -0.11
C HIS A 21 -13.96 10.67 -1.08
N ASN A 22 -13.69 9.65 -1.86
CA ASN A 22 -14.64 9.19 -2.88
C ASN A 22 -14.46 7.71 -3.17
N GLN A 23 -15.44 6.90 -2.79
CA GLN A 23 -15.37 5.46 -2.99
C GLN A 23 -15.83 5.08 -4.40
N LYS A 24 -15.31 5.77 -5.41
CA LYS A 24 -15.74 5.55 -6.77
C LYS A 24 -14.59 5.15 -7.69
N ASP A 25 -14.61 3.90 -8.11
CA ASP A 25 -13.73 3.39 -9.15
C ASP A 25 -14.13 1.96 -9.49
N ASN A 26 -15.14 1.84 -10.34
CA ASN A 26 -15.70 0.55 -10.67
C ASN A 26 -15.27 0.13 -12.08
N ASP A 27 -14.29 -0.76 -12.14
CA ASP A 27 -13.80 -1.28 -13.40
C ASP A 27 -13.31 -2.71 -13.23
N ASN A 28 -13.75 -3.59 -14.13
CA ASN A 28 -13.42 -5.02 -14.08
C ASN A 28 -13.97 -5.68 -12.81
N GLU A 29 -15.10 -6.35 -12.96
CA GLU A 29 -15.78 -6.97 -11.84
C GLU A 29 -15.16 -8.33 -11.50
N VAL A 30 -13.91 -8.28 -11.06
CA VAL A 30 -13.24 -9.46 -10.56
C VAL A 30 -13.73 -9.78 -9.15
N PRO A 31 -13.75 -11.07 -8.76
CA PRO A 31 -14.24 -11.49 -7.44
C PRO A 31 -13.32 -11.07 -6.30
N VAL A 32 -13.56 -9.88 -5.78
CA VAL A 32 -12.82 -9.35 -4.64
C VAL A 32 -13.48 -8.07 -4.15
N HIS A 33 -13.64 -7.95 -2.84
CA HIS A 33 -14.34 -6.81 -2.26
C HIS A 33 -13.71 -6.39 -0.92
N GLN A 34 -13.77 -7.28 0.06
CA GLN A 34 -13.18 -7.01 1.38
C GLN A 34 -11.77 -7.59 1.45
N VAL A 35 -11.17 -7.79 0.27
CA VAL A 35 -9.86 -8.42 0.15
C VAL A 35 -9.92 -9.86 0.67
N SER A 36 -9.49 -10.06 1.91
CA SER A 36 -9.43 -11.37 2.55
C SER A 36 -8.51 -11.30 3.77
N TYR A 37 -8.75 -12.14 4.76
CA TYR A 37 -7.89 -12.20 5.93
C TYR A 37 -6.52 -12.75 5.54
N THR A 38 -6.52 -13.70 4.61
CA THR A 38 -5.29 -14.26 4.09
C THR A 38 -4.57 -13.23 3.23
N ASN A 39 -5.35 -12.62 2.34
CA ASN A 39 -4.82 -11.72 1.34
C ASN A 39 -4.21 -10.48 1.96
N LEU A 40 -4.73 -10.09 3.12
CA LEU A 40 -4.19 -8.95 3.85
C LEU A 40 -2.71 -9.20 4.19
N ALA A 41 -2.42 -10.39 4.70
CA ALA A 41 -1.06 -10.76 5.05
C ALA A 41 -0.20 -10.96 3.79
N GLU A 42 -0.83 -11.42 2.72
CA GLU A 42 -0.15 -11.56 1.45
C GLU A 42 0.23 -10.19 0.89
N MET A 43 -0.65 -9.22 1.09
CA MET A 43 -0.43 -7.86 0.61
C MET A 43 0.60 -7.12 1.46
N VAL A 44 0.46 -7.19 2.79
CA VAL A 44 1.42 -6.50 3.67
C VAL A 44 2.84 -6.96 3.40
N GLY A 45 3.00 -8.24 3.10
CA GLY A 45 4.31 -8.77 2.78
C GLY A 45 4.90 -8.13 1.53
N GLU A 46 4.08 -7.97 0.50
CA GLU A 46 4.54 -7.41 -0.75
C GLU A 46 4.60 -5.88 -0.69
N MET A 47 3.78 -5.28 0.19
CA MET A 47 3.84 -3.84 0.42
C MET A 47 5.19 -3.46 1.01
N ASN A 48 5.62 -4.24 2.01
CA ASN A 48 6.94 -4.06 2.61
C ASN A 48 8.02 -4.10 1.54
N LYS A 49 7.89 -5.04 0.61
CA LYS A 49 8.90 -5.27 -0.43
C LYS A 49 8.93 -4.13 -1.45
N LEU A 50 8.00 -3.20 -1.34
CA LEU A 50 7.98 -2.03 -2.22
C LEU A 50 8.66 -0.85 -1.54
N LEU A 51 8.75 -0.90 -0.22
CA LEU A 51 9.25 0.23 0.55
C LEU A 51 10.57 -0.10 1.25
N GLU A 52 10.99 -1.36 1.13
CA GLU A 52 12.29 -1.79 1.65
C GLU A 52 13.44 -1.44 0.69
N PRO A 53 13.30 -1.65 -0.64
CA PRO A 53 14.34 -1.27 -1.61
C PRO A 53 14.57 0.23 -1.69
N SER A 54 13.58 0.98 -1.20
CA SER A 54 13.65 2.42 -1.19
C SER A 54 14.21 2.93 0.14
N GLN A 55 14.20 4.24 0.33
CA GLN A 55 14.76 4.85 1.53
C GLN A 55 13.67 5.07 2.57
N VAL A 56 12.48 4.59 2.27
CA VAL A 56 11.33 4.76 3.16
C VAL A 56 11.43 3.80 4.34
N HIS A 57 11.47 2.51 4.03
CA HIS A 57 11.52 1.45 5.02
C HIS A 57 10.31 1.49 5.95
N LEU A 58 9.18 1.07 5.44
CA LEU A 58 7.97 0.96 6.24
C LEU A 58 7.68 -0.50 6.54
N LYS A 59 7.37 -0.76 7.80
CA LYS A 59 7.11 -2.13 8.26
C LYS A 59 5.65 -2.25 8.71
N PHE A 60 4.85 -2.93 7.90
CA PHE A 60 3.43 -3.05 8.17
C PHE A 60 3.14 -4.13 9.21
N GLU A 61 2.29 -3.80 10.17
CA GLU A 61 1.87 -4.74 11.19
C GLU A 61 0.37 -4.96 11.13
N LEU A 62 -0.04 -6.21 11.19
CA LEU A 62 -1.46 -6.54 11.20
C LEU A 62 -1.87 -7.02 12.58
N HIS A 63 -2.61 -6.18 13.29
CA HIS A 63 -3.13 -6.55 14.59
C HIS A 63 -4.65 -6.53 14.54
N ASP A 64 -5.28 -6.62 15.69
CA ASP A 64 -6.73 -6.67 15.74
C ASP A 64 -7.28 -5.59 16.66
N LYS A 65 -8.34 -4.95 16.21
CA LYS A 65 -9.00 -3.92 16.98
C LYS A 65 -10.15 -4.51 17.78
N LEU A 66 -11.15 -5.00 17.07
CA LEU A 66 -12.32 -5.62 17.68
C LEU A 66 -12.99 -6.52 16.66
N ASN A 67 -13.47 -5.93 15.58
CA ASN A 67 -13.99 -6.68 14.46
C ASN A 67 -13.15 -6.40 13.22
N GLU A 68 -12.37 -5.34 13.29
CA GLU A 68 -11.47 -4.99 12.20
C GLU A 68 -10.04 -5.35 12.58
N TYR A 69 -9.27 -5.71 11.58
CA TYR A 69 -7.87 -6.01 11.78
C TYR A 69 -7.03 -4.79 11.42
N TYR A 70 -6.45 -4.18 12.44
CA TYR A 70 -5.76 -2.91 12.30
C TYR A 70 -4.40 -3.07 11.62
N VAL A 71 -4.27 -2.46 10.46
CA VAL A 71 -3.02 -2.47 9.74
C VAL A 71 -2.26 -1.18 9.99
N LYS A 72 -1.30 -1.22 10.90
CA LYS A 72 -0.55 -0.03 11.25
C LYS A 72 0.83 -0.04 10.61
N VAL A 73 1.25 1.13 10.16
CA VAL A 73 2.51 1.27 9.48
C VAL A 73 3.57 1.74 10.46
N ILE A 74 4.57 0.90 10.69
CA ILE A 74 5.67 1.26 11.57
C ILE A 74 6.91 1.57 10.74
N GLU A 75 7.33 2.82 10.74
CA GLU A 75 8.50 3.23 9.98
C GLU A 75 9.75 2.68 10.64
N ASP A 76 10.70 2.22 9.85
CA ASP A 76 11.93 1.66 10.40
C ASP A 76 12.89 2.78 10.75
N SER A 77 12.87 3.84 9.96
CA SER A 77 13.78 4.96 10.14
C SER A 77 13.63 5.60 11.52
N THR A 78 12.43 6.08 11.83
CA THR A 78 12.15 6.63 13.15
C THR A 78 11.84 5.52 14.15
N ASN A 79 11.47 4.36 13.62
CA ASN A 79 11.15 3.17 14.42
C ASN A 79 9.97 3.46 15.34
N GLU A 80 8.82 3.74 14.74
CA GLU A 80 7.59 4.03 15.47
C GLU A 80 6.39 3.93 14.54
N VAL A 81 5.21 3.76 15.12
CA VAL A 81 3.97 3.74 14.34
C VAL A 81 3.66 5.13 13.81
N ILE A 82 3.54 5.25 12.50
CA ILE A 82 3.28 6.54 11.88
C ILE A 82 1.92 6.58 11.19
N ARG A 83 1.25 5.45 11.08
CA ARG A 83 -0.03 5.39 10.39
C ARG A 83 -0.87 4.22 10.88
N GLU A 84 -2.17 4.45 11.03
CA GLU A 84 -3.10 3.38 11.39
C GLU A 84 -4.17 3.25 10.30
N ILE A 85 -4.16 2.14 9.59
CA ILE A 85 -5.07 1.94 8.47
C ILE A 85 -6.09 0.84 8.77
N PRO A 86 -7.39 1.16 8.67
CA PRO A 86 -8.45 0.16 8.77
C PRO A 86 -8.51 -0.71 7.52
N PRO A 87 -8.78 -2.01 7.68
CA PRO A 87 -8.71 -2.98 6.57
C PRO A 87 -9.70 -2.68 5.44
N LYS A 88 -10.81 -2.04 5.79
CA LYS A 88 -11.82 -1.72 4.79
C LYS A 88 -11.52 -0.38 4.12
N ARG A 89 -10.35 0.17 4.42
CA ARG A 89 -9.83 1.35 3.73
C ARG A 89 -8.46 1.03 3.14
N TRP A 90 -8.10 -0.23 3.26
CA TRP A 90 -6.83 -0.72 2.71
C TRP A 90 -6.84 -0.63 1.19
N LEU A 91 -8.03 -0.74 0.61
CA LEU A 91 -8.21 -0.64 -0.84
C LEU A 91 -7.69 0.70 -1.36
N ASP A 92 -8.06 1.76 -0.66
CA ASP A 92 -7.66 3.12 -1.01
C ASP A 92 -6.14 3.24 -1.00
N PHE A 93 -5.54 2.79 0.09
CA PHE A 93 -4.09 2.82 0.25
C PHE A 93 -3.42 1.96 -0.81
N TYR A 94 -3.96 0.77 -1.03
CA TYR A 94 -3.43 -0.16 -2.01
C TYR A 94 -3.45 0.46 -3.41
N ALA A 95 -4.53 1.16 -3.72
CA ALA A 95 -4.67 1.83 -5.00
C ALA A 95 -3.58 2.87 -5.19
N ALA A 96 -3.42 3.73 -4.20
CA ALA A 96 -2.39 4.77 -4.23
C ALA A 96 -1.00 4.17 -4.38
N MET A 97 -0.74 3.09 -3.65
CA MET A 97 0.54 2.39 -3.72
C MET A 97 0.80 1.85 -5.12
N THR A 98 -0.19 1.21 -5.70
CA THR A 98 -0.04 0.59 -7.02
C THR A 98 0.11 1.66 -8.10
N GLU A 99 -0.59 2.78 -7.93
CA GLU A 99 -0.48 3.90 -8.86
C GLU A 99 0.90 4.54 -8.78
N PHE A 100 1.39 4.77 -7.57
CA PHE A 100 2.65 5.47 -7.39
C PHE A 100 3.86 4.55 -7.57
N LEU A 101 3.95 3.48 -6.78
CA LEU A 101 5.12 2.63 -6.82
C LEU A 101 5.05 1.64 -7.97
N GLY A 102 3.85 1.42 -8.50
CA GLY A 102 3.67 0.42 -9.53
C GLY A 102 4.11 0.89 -10.91
N LEU A 103 4.62 2.11 -10.99
CA LEU A 103 5.20 2.58 -12.25
C LEU A 103 6.74 2.57 -12.16
N PHE A 104 7.26 2.26 -10.98
CA PHE A 104 8.70 2.05 -10.81
C PHE A 104 9.04 0.59 -11.01
N VAL A 105 8.01 -0.24 -10.94
CA VAL A 105 8.19 -1.68 -10.86
C VAL A 105 7.92 -2.38 -12.19
N ASP A 106 8.43 -3.58 -12.31
CA ASP A 106 8.22 -4.41 -13.49
C ASP A 106 8.20 -5.88 -13.12
N GLU A 107 7.04 -6.34 -12.64
CA GLU A 107 6.70 -7.76 -12.41
C GLU A 107 7.86 -8.60 -11.86
N LYS A 108 8.79 -8.93 -12.73
CA LYS A 108 9.95 -9.74 -12.38
C LYS A 108 10.67 -9.18 -11.17
N LYS A 109 10.78 -7.85 -11.11
CA LYS A 109 11.53 -7.20 -10.05
C LYS A 109 10.65 -6.86 -8.85
N LEU A 110 9.43 -7.39 -8.85
CA LEU A 110 8.51 -7.18 -7.73
C LEU A 110 8.91 -8.04 -6.53
N GLU A 111 9.43 -9.22 -6.83
CA GLU A 111 9.65 -10.26 -5.83
C GLU A 111 8.30 -10.75 -5.30
N HIS A 112 7.22 -10.36 -5.99
CA HIS A 112 5.87 -10.79 -5.62
C HIS A 112 5.51 -12.04 -6.41
N HIS A 113 5.28 -11.84 -7.70
CA HIS A 113 4.92 -12.93 -8.60
C HIS A 113 6.19 -13.47 -9.25
N HIS A 114 6.86 -12.63 -10.04
CA HIS A 114 8.13 -12.98 -10.66
C HIS A 114 7.96 -14.17 -11.61
N HIS A 115 7.41 -13.91 -12.77
CA HIS A 115 7.16 -14.94 -13.76
C HIS A 115 7.47 -14.43 -15.15
N HIS A 116 6.67 -13.48 -15.60
CA HIS A 116 6.69 -12.97 -16.97
C HIS A 116 5.39 -12.19 -17.19
N HIS A 117 4.75 -11.82 -16.08
CA HIS A 117 3.37 -11.35 -16.10
C HIS A 117 2.46 -12.46 -16.60
N LEU A 1 13.15 10.55 -11.29
CA LEU A 1 12.42 9.48 -10.59
C LEU A 1 13.26 8.21 -10.50
N ASN A 2 13.54 7.79 -9.27
CA ASN A 2 14.21 6.52 -9.03
C ASN A 2 13.73 5.94 -7.71
N ILE A 3 13.35 4.67 -7.72
CA ILE A 3 12.79 4.03 -6.55
C ILE A 3 13.82 3.92 -5.43
N GLU A 4 15.08 3.80 -5.80
CA GLU A 4 16.16 3.66 -4.82
C GLU A 4 16.44 4.98 -4.11
N ARG A 5 15.79 6.04 -4.54
CA ARG A 5 15.96 7.35 -3.91
C ARG A 5 14.63 7.79 -3.30
N LEU A 6 13.66 6.87 -3.32
CA LEU A 6 12.32 7.15 -2.83
C LEU A 6 12.30 7.16 -1.31
N THR A 7 12.15 8.34 -0.74
CA THR A 7 12.01 8.49 0.69
C THR A 7 10.97 9.56 1.02
N THR A 8 9.69 9.17 0.97
CA THR A 8 8.61 10.10 1.27
C THR A 8 7.26 9.39 1.44
N LEU A 9 6.77 8.79 0.35
CA LEU A 9 5.44 8.16 0.30
C LEU A 9 4.32 9.21 0.35
N GLN A 10 4.69 10.49 0.35
CA GLN A 10 3.73 11.58 0.34
C GLN A 10 2.76 11.48 -0.84
N PRO A 11 3.24 11.28 -2.08
CA PRO A 11 2.37 11.10 -3.25
C PRO A 11 1.34 9.97 -3.05
N VAL A 12 1.69 8.99 -2.21
CA VAL A 12 0.76 7.91 -1.89
C VAL A 12 -0.30 8.39 -0.91
N TRP A 13 0.16 9.03 0.15
CA TRP A 13 -0.75 9.58 1.17
C TRP A 13 -1.61 10.69 0.59
N ASP A 14 -1.05 11.38 -0.40
CA ASP A 14 -1.76 12.45 -1.08
C ASP A 14 -3.03 11.92 -1.75
N ARG A 15 -2.88 10.80 -2.45
CA ARG A 15 -4.02 10.17 -3.12
C ARG A 15 -5.01 9.61 -2.11
N TYR A 16 -4.48 9.08 -1.01
CA TYR A 16 -5.30 8.58 0.09
C TYR A 16 -6.15 9.69 0.69
N ASP A 17 -5.51 10.83 0.94
CA ASP A 17 -6.19 11.98 1.51
C ASP A 17 -7.24 12.50 0.54
N THR A 18 -6.89 12.53 -0.74
CA THR A 18 -7.81 12.98 -1.78
C THR A 18 -8.96 11.99 -1.99
N GLN A 19 -8.66 10.70 -1.94
CA GLN A 19 -9.67 9.66 -2.08
C GLN A 19 -10.70 9.77 -0.96
N ILE A 20 -10.21 10.08 0.23
CA ILE A 20 -11.04 10.26 1.42
C ILE A 20 -12.20 11.25 1.15
N HIS A 21 -12.04 12.10 0.14
CA HIS A 21 -13.06 13.06 -0.23
C HIS A 21 -14.30 12.35 -0.76
N ASN A 22 -14.11 11.15 -1.29
CA ASN A 22 -15.19 10.40 -1.91
C ASN A 22 -15.03 8.91 -1.64
N GLN A 23 -15.52 8.46 -0.49
CA GLN A 23 -15.44 7.05 -0.14
C GLN A 23 -16.75 6.35 -0.47
N LYS A 24 -16.72 5.51 -1.49
CA LYS A 24 -17.90 4.76 -1.89
C LYS A 24 -17.89 3.38 -1.25
N ASP A 25 -19.05 2.80 -1.05
CA ASP A 25 -19.16 1.49 -0.42
C ASP A 25 -18.90 0.38 -1.44
N ASN A 26 -18.41 0.79 -2.59
CA ASN A 26 -18.08 -0.12 -3.68
C ASN A 26 -17.00 0.55 -4.53
N ASP A 27 -16.39 -0.20 -5.44
CA ASP A 27 -15.36 0.38 -6.29
C ASP A 27 -15.99 1.34 -7.29
N ASN A 28 -15.16 2.12 -7.95
CA ASN A 28 -15.66 3.09 -8.91
C ASN A 28 -15.48 2.58 -10.34
N GLU A 29 -14.29 2.08 -10.65
CA GLU A 29 -13.97 1.65 -12.00
C GLU A 29 -12.74 0.74 -11.99
N VAL A 30 -12.49 0.09 -10.87
CA VAL A 30 -11.29 -0.71 -10.70
C VAL A 30 -11.63 -2.18 -10.48
N PRO A 31 -10.82 -3.08 -11.06
CA PRO A 31 -11.04 -4.53 -10.95
C PRO A 31 -10.56 -5.10 -9.63
N VAL A 32 -10.78 -4.35 -8.58
CA VAL A 32 -10.38 -4.73 -7.24
C VAL A 32 -11.10 -3.87 -6.21
N HIS A 33 -11.79 -4.55 -5.31
CA HIS A 33 -12.61 -3.87 -4.31
C HIS A 33 -13.00 -4.84 -3.21
N GLN A 34 -12.09 -5.72 -2.85
CA GLN A 34 -12.33 -6.70 -1.81
C GLN A 34 -11.09 -6.84 -0.93
N VAL A 35 -11.30 -6.89 0.38
CA VAL A 35 -10.22 -7.02 1.33
C VAL A 35 -10.67 -7.97 2.43
N SER A 36 -9.73 -8.61 3.09
CA SER A 36 -10.06 -9.61 4.06
C SER A 36 -8.82 -9.96 4.86
N TYR A 37 -8.96 -10.87 5.82
CA TYR A 37 -7.82 -11.31 6.62
C TYR A 37 -6.77 -11.95 5.71
N THR A 38 -7.24 -12.59 4.65
CA THR A 38 -6.35 -13.20 3.66
C THR A 38 -5.71 -12.12 2.78
N ASN A 39 -6.54 -11.21 2.25
CA ASN A 39 -6.06 -10.18 1.33
C ASN A 39 -5.01 -9.30 2.00
N LEU A 40 -5.19 -9.03 3.29
CA LEU A 40 -4.23 -8.25 4.05
C LEU A 40 -2.84 -8.89 4.00
N ALA A 41 -2.78 -10.16 4.40
CA ALA A 41 -1.51 -10.90 4.42
C ALA A 41 -0.89 -10.95 3.03
N GLU A 42 -1.72 -11.14 2.03
CA GLU A 42 -1.29 -11.17 0.63
C GLU A 42 -0.61 -9.85 0.24
N MET A 43 -1.30 -8.75 0.50
CA MET A 43 -0.85 -7.44 0.08
C MET A 43 0.32 -6.93 0.92
N VAL A 44 0.24 -7.12 2.24
CA VAL A 44 1.29 -6.65 3.15
C VAL A 44 2.67 -7.21 2.76
N GLY A 45 2.68 -8.45 2.29
CA GLY A 45 3.92 -9.08 1.87
C GLY A 45 4.55 -8.36 0.70
N GLU A 46 3.77 -8.10 -0.34
CA GLU A 46 4.28 -7.45 -1.53
C GLU A 46 4.54 -5.97 -1.30
N MET A 47 3.76 -5.35 -0.40
CA MET A 47 3.97 -3.96 -0.02
C MET A 47 5.38 -3.76 0.49
N ASN A 48 5.82 -4.66 1.38
CA ASN A 48 7.17 -4.62 1.91
C ASN A 48 8.21 -4.66 0.80
N LYS A 49 8.02 -5.59 -0.13
CA LYS A 49 9.00 -5.81 -1.18
C LYS A 49 8.80 -4.86 -2.35
N LEU A 50 8.09 -3.78 -2.09
CA LEU A 50 8.05 -2.64 -3.02
C LEU A 50 8.82 -1.48 -2.43
N LEU A 51 8.95 -1.49 -1.10
CA LEU A 51 9.63 -0.42 -0.38
C LEU A 51 11.04 -0.84 0.04
N GLU A 52 11.32 -2.13 -0.04
CA GLU A 52 12.66 -2.63 0.23
C GLU A 52 13.71 -2.02 -0.71
N PRO A 53 13.45 -1.97 -2.04
CA PRO A 53 14.38 -1.33 -2.99
C PRO A 53 14.46 0.20 -2.78
N SER A 54 13.55 0.76 -2.00
CA SER A 54 13.57 2.19 -1.74
C SER A 54 14.25 2.48 -0.41
N GLN A 55 14.25 3.74 0.00
CA GLN A 55 14.90 4.16 1.24
C GLN A 55 13.98 3.91 2.42
N VAL A 56 12.68 4.13 2.22
CA VAL A 56 11.71 4.08 3.30
C VAL A 56 11.26 2.66 3.59
N HIS A 57 11.90 2.04 4.57
CA HIS A 57 11.49 0.73 5.03
C HIS A 57 10.47 0.88 6.16
N LEU A 58 9.24 1.15 5.77
CA LEU A 58 8.16 1.24 6.74
C LEU A 58 7.59 -0.15 6.99
N LYS A 59 7.47 -0.50 8.26
CA LYS A 59 7.03 -1.83 8.63
C LYS A 59 5.52 -1.86 8.84
N PHE A 60 4.86 -2.76 8.14
CA PHE A 60 3.42 -2.89 8.24
C PHE A 60 3.07 -4.02 9.20
N GLU A 61 2.36 -3.71 10.26
CA GLU A 61 2.04 -4.71 11.25
C GLU A 61 0.54 -4.91 11.35
N LEU A 62 0.13 -6.17 11.39
CA LEU A 62 -1.28 -6.49 11.46
C LEU A 62 -1.69 -6.69 12.91
N HIS A 63 -2.46 -5.76 13.43
CA HIS A 63 -2.92 -5.85 14.80
C HIS A 63 -4.42 -5.72 14.87
N ASP A 64 -5.02 -6.54 15.70
CA ASP A 64 -6.46 -6.60 15.84
C ASP A 64 -6.88 -6.20 17.24
N LYS A 65 -8.13 -5.84 17.39
CA LYS A 65 -8.70 -5.53 18.69
C LYS A 65 -10.19 -5.84 18.69
N LEU A 66 -10.59 -6.74 19.57
CA LEU A 66 -11.99 -7.05 19.81
C LEU A 66 -12.63 -7.70 18.58
N ASN A 67 -12.98 -6.89 17.61
CA ASN A 67 -13.61 -7.37 16.39
C ASN A 67 -12.87 -6.88 15.15
N GLU A 68 -12.07 -5.82 15.31
CA GLU A 68 -11.46 -5.15 14.17
C GLU A 68 -10.01 -5.56 14.00
N TYR A 69 -9.53 -5.50 12.77
CA TYR A 69 -8.14 -5.81 12.45
C TYR A 69 -7.65 -4.86 11.36
N TYR A 70 -6.58 -4.14 11.66
CA TYR A 70 -6.07 -3.13 10.74
C TYR A 70 -4.55 -3.18 10.65
N VAL A 71 -4.02 -2.50 9.64
CA VAL A 71 -2.59 -2.51 9.38
C VAL A 71 -1.94 -1.25 9.91
N LYS A 72 -0.93 -1.43 10.74
CA LYS A 72 -0.18 -0.34 11.31
C LYS A 72 1.06 -0.06 10.47
N VAL A 73 1.32 1.20 10.19
CA VAL A 73 2.52 1.57 9.47
C VAL A 73 3.53 2.17 10.42
N ILE A 74 4.64 1.46 10.61
CA ILE A 74 5.67 1.88 11.54
C ILE A 74 6.86 2.43 10.78
N GLU A 75 7.15 3.71 11.01
CA GLU A 75 8.30 4.34 10.39
C GLU A 75 9.54 3.93 11.18
N ASP A 76 10.43 3.20 10.53
CA ASP A 76 11.54 2.53 11.22
C ASP A 76 12.56 3.51 11.77
N SER A 77 12.73 4.65 11.12
CA SER A 77 13.73 5.63 11.54
C SER A 77 13.29 6.34 12.83
N THR A 78 11.98 6.54 12.99
CA THR A 78 11.45 7.15 14.20
C THR A 78 11.00 6.11 15.21
N ASN A 79 10.77 4.88 14.73
CA ASN A 79 10.36 3.74 15.56
C ASN A 79 8.97 3.96 16.17
N GLU A 80 8.14 4.72 15.46
CA GLU A 80 6.78 4.99 15.92
C GLU A 80 5.79 4.70 14.80
N VAL A 81 4.55 4.45 15.19
CA VAL A 81 3.49 4.15 14.23
C VAL A 81 2.90 5.44 13.69
N ILE A 82 3.29 5.79 12.47
CA ILE A 82 2.88 7.06 11.88
C ILE A 82 1.52 6.95 11.21
N ARG A 83 1.12 5.74 10.84
CA ARG A 83 -0.14 5.54 10.14
C ARG A 83 -0.80 4.24 10.57
N GLU A 84 -2.12 4.21 10.39
CA GLU A 84 -2.92 3.02 10.67
C GLU A 84 -4.08 2.99 9.68
N ILE A 85 -4.15 1.95 8.85
CA ILE A 85 -5.17 1.88 7.83
C ILE A 85 -6.18 0.77 8.13
N PRO A 86 -7.47 1.11 8.21
CA PRO A 86 -8.54 0.14 8.42
C PRO A 86 -8.81 -0.69 7.16
N PRO A 87 -9.29 -1.93 7.33
CA PRO A 87 -9.51 -2.85 6.20
C PRO A 87 -10.55 -2.34 5.21
N LYS A 88 -11.45 -1.49 5.70
CA LYS A 88 -12.51 -0.95 4.85
C LYS A 88 -12.03 0.27 4.07
N ARG A 89 -10.78 0.65 4.27
CA ARG A 89 -10.19 1.78 3.54
C ARG A 89 -8.76 1.43 3.12
N TRP A 90 -8.48 0.14 3.11
CA TRP A 90 -7.17 -0.37 2.71
C TRP A 90 -6.96 -0.23 1.22
N LEU A 91 -8.05 -0.26 0.46
CA LEU A 91 -8.00 -0.17 -1.00
C LEU A 91 -7.33 1.12 -1.44
N ASP A 92 -7.66 2.21 -0.76
CA ASP A 92 -7.09 3.53 -1.05
C ASP A 92 -5.57 3.47 -1.01
N PHE A 93 -5.05 2.89 0.06
CA PHE A 93 -3.61 2.77 0.27
C PHE A 93 -2.97 1.88 -0.79
N TYR A 94 -3.57 0.71 -0.99
CA TYR A 94 -3.02 -0.28 -1.92
C TYR A 94 -3.00 0.26 -3.36
N ALA A 95 -4.11 0.87 -3.78
CA ALA A 95 -4.23 1.39 -5.14
C ALA A 95 -3.25 2.53 -5.38
N ALA A 96 -2.98 3.32 -4.34
CA ALA A 96 -2.06 4.44 -4.45
C ALA A 96 -0.62 3.96 -4.63
N MET A 97 -0.23 2.96 -3.86
CA MET A 97 1.15 2.47 -3.89
C MET A 97 1.50 1.81 -5.22
N THR A 98 0.67 0.88 -5.67
CA THR A 98 0.97 0.13 -6.88
C THR A 98 1.00 1.03 -8.12
N GLU A 99 0.21 2.09 -8.10
CA GLU A 99 0.18 3.02 -9.20
C GLU A 99 1.44 3.88 -9.19
N PHE A 100 1.88 4.25 -7.99
CA PHE A 100 3.04 5.12 -7.82
C PHE A 100 4.36 4.35 -7.91
N LEU A 101 4.55 3.34 -7.05
CA LEU A 101 5.81 2.63 -7.00
C LEU A 101 6.04 1.80 -8.26
N GLY A 102 4.96 1.32 -8.86
CA GLY A 102 5.07 0.53 -10.07
C GLY A 102 5.57 1.34 -11.25
N LEU A 103 5.54 2.65 -11.08
CA LEU A 103 6.08 3.56 -12.11
C LEU A 103 7.61 3.52 -12.13
N PHE A 104 8.21 3.09 -11.02
CA PHE A 104 9.67 3.04 -10.90
C PHE A 104 10.18 1.66 -11.29
N VAL A 105 9.27 0.73 -11.51
CA VAL A 105 9.64 -0.65 -11.81
C VAL A 105 8.97 -1.14 -13.10
N ASP A 106 9.75 -1.21 -14.17
CA ASP A 106 9.24 -1.60 -15.48
C ASP A 106 9.40 -3.10 -15.72
N GLU A 107 8.46 -3.88 -15.19
CA GLU A 107 8.32 -5.32 -15.47
C GLU A 107 9.61 -6.13 -15.21
N LYS A 108 10.58 -6.03 -16.11
CA LYS A 108 11.84 -6.74 -15.97
C LYS A 108 12.61 -6.24 -14.74
N LYS A 109 12.27 -5.03 -14.30
CA LYS A 109 12.91 -4.42 -13.15
C LYS A 109 12.06 -4.61 -11.90
N LEU A 110 11.05 -5.47 -11.98
CA LEU A 110 10.14 -5.70 -10.86
C LEU A 110 10.80 -6.52 -9.75
N GLU A 111 11.78 -7.33 -10.13
CA GLU A 111 12.51 -8.21 -9.19
C GLU A 111 11.64 -9.36 -8.68
N HIS A 112 10.33 -9.14 -8.61
CA HIS A 112 9.40 -10.21 -8.28
C HIS A 112 9.30 -11.15 -9.47
N HIS A 113 9.99 -12.29 -9.38
CA HIS A 113 10.09 -13.22 -10.50
C HIS A 113 8.73 -13.56 -11.11
N HIS A 114 8.58 -13.27 -12.39
CA HIS A 114 7.33 -13.48 -13.09
C HIS A 114 7.56 -14.26 -14.38
N HIS A 115 6.72 -15.26 -14.60
CA HIS A 115 6.87 -16.15 -15.75
C HIS A 115 5.89 -15.77 -16.86
N HIS A 116 6.37 -15.83 -18.12
CA HIS A 116 5.56 -15.51 -19.30
C HIS A 116 5.27 -14.03 -19.37
N HIS A 117 4.47 -13.53 -18.43
CA HIS A 117 4.21 -12.11 -18.32
C HIS A 117 5.24 -11.49 -17.38
N LEU A 1 14.23 9.50 -11.48
CA LEU A 1 13.39 8.39 -10.99
C LEU A 1 14.23 7.34 -10.27
N ASN A 2 14.40 7.50 -8.96
CA ASN A 2 15.12 6.52 -8.17
C ASN A 2 14.34 6.13 -6.93
N ILE A 3 13.86 4.91 -6.90
CA ILE A 3 13.08 4.42 -5.78
C ILE A 3 14.01 3.94 -4.66
N GLU A 4 15.27 3.67 -5.03
CA GLU A 4 16.27 3.16 -4.09
C GLU A 4 16.64 4.20 -3.04
N ARG A 5 16.17 5.42 -3.23
CA ARG A 5 16.38 6.48 -2.26
C ARG A 5 15.13 7.34 -2.16
N LEU A 6 13.99 6.67 -2.26
CA LEU A 6 12.72 7.30 -2.05
C LEU A 6 12.44 7.33 -0.55
N THR A 7 12.48 8.51 0.04
CA THR A 7 12.28 8.62 1.48
C THR A 7 11.08 9.52 1.80
N THR A 8 10.17 9.66 0.85
CA THR A 8 8.98 10.47 1.06
C THR A 8 7.76 9.78 0.46
N LEU A 9 6.62 9.93 1.14
CA LEU A 9 5.35 9.39 0.67
C LEU A 9 4.34 10.51 0.47
N GLN A 10 4.85 11.73 0.31
CA GLN A 10 4.01 12.91 0.17
C GLN A 10 2.95 12.75 -0.93
N PRO A 11 3.33 12.33 -2.17
CA PRO A 11 2.35 12.12 -3.25
C PRO A 11 1.36 11.00 -2.94
N VAL A 12 1.81 10.04 -2.13
CA VAL A 12 0.98 8.88 -1.79
C VAL A 12 -0.09 9.27 -0.78
N TRP A 13 0.33 9.94 0.29
CA TRP A 13 -0.60 10.39 1.32
C TRP A 13 -1.64 11.34 0.73
N ASP A 14 -1.18 12.24 -0.14
CA ASP A 14 -2.07 13.19 -0.78
C ASP A 14 -3.12 12.47 -1.62
N ARG A 15 -2.69 11.44 -2.33
CA ARG A 15 -3.57 10.64 -3.17
C ARG A 15 -4.54 9.82 -2.31
N TYR A 16 -4.02 9.31 -1.19
CA TYR A 16 -4.83 8.54 -0.26
C TYR A 16 -5.95 9.39 0.34
N ASP A 17 -5.61 10.61 0.74
CA ASP A 17 -6.61 11.52 1.30
C ASP A 17 -7.50 12.09 0.21
N THR A 18 -7.04 12.07 -1.03
CA THR A 18 -7.90 12.43 -2.15
C THR A 18 -8.93 11.32 -2.38
N GLN A 19 -8.44 10.08 -2.33
CA GLN A 19 -9.29 8.90 -2.48
C GLN A 19 -10.36 8.83 -1.42
N ILE A 20 -9.90 8.64 -0.19
CA ILE A 20 -10.75 8.36 0.95
C ILE A 20 -11.82 9.42 1.18
N HIS A 21 -11.56 10.62 0.71
CA HIS A 21 -12.46 11.75 0.99
C HIS A 21 -13.40 12.01 -0.19
N ASN A 22 -13.40 11.11 -1.16
CA ASN A 22 -14.31 11.23 -2.30
C ASN A 22 -15.28 10.06 -2.33
N GLN A 23 -14.87 8.92 -2.90
CA GLN A 23 -15.68 7.70 -2.93
C GLN A 23 -17.03 7.93 -3.60
N LYS A 24 -17.12 8.89 -4.50
CA LYS A 24 -18.39 9.29 -5.07
C LYS A 24 -18.75 8.43 -6.28
N ASP A 25 -19.75 8.89 -7.06
CA ASP A 25 -20.25 8.15 -8.22
C ASP A 25 -19.10 7.71 -9.11
N ASN A 26 -18.38 8.68 -9.64
CA ASN A 26 -17.19 8.39 -10.41
C ASN A 26 -15.95 8.65 -9.56
N ASP A 27 -15.14 7.63 -9.42
CA ASP A 27 -13.91 7.72 -8.65
C ASP A 27 -12.79 7.08 -9.47
N ASN A 28 -11.66 6.80 -8.85
CA ASN A 28 -10.57 6.14 -9.54
C ASN A 28 -10.90 4.65 -9.65
N GLU A 29 -10.18 3.94 -10.52
CA GLU A 29 -10.43 2.51 -10.72
C GLU A 29 -9.85 1.67 -9.59
N VAL A 30 -10.04 2.16 -8.36
CA VAL A 30 -9.58 1.46 -7.17
C VAL A 30 -10.41 0.20 -6.97
N PRO A 31 -9.74 -0.95 -6.79
CA PRO A 31 -10.42 -2.24 -6.60
C PRO A 31 -11.03 -2.37 -5.21
N VAL A 32 -12.27 -1.93 -5.07
CA VAL A 32 -12.97 -2.00 -3.81
C VAL A 32 -13.83 -3.24 -3.75
N HIS A 33 -13.32 -4.23 -3.04
CA HIS A 33 -13.99 -5.50 -2.88
C HIS A 33 -13.57 -6.14 -1.57
N GLN A 34 -14.45 -6.97 -1.01
CA GLN A 34 -14.19 -7.57 0.30
C GLN A 34 -12.98 -8.49 0.27
N VAL A 35 -11.90 -8.04 0.89
CA VAL A 35 -10.75 -8.88 1.13
C VAL A 35 -10.92 -9.58 2.47
N SER A 36 -10.90 -10.91 2.45
CA SER A 36 -11.38 -11.67 3.60
C SER A 36 -10.24 -12.13 4.49
N TYR A 37 -9.77 -11.21 5.35
CA TYR A 37 -8.80 -11.51 6.41
C TYR A 37 -7.43 -11.95 5.85
N THR A 38 -7.41 -13.13 5.25
CA THR A 38 -6.18 -13.73 4.75
C THR A 38 -5.64 -12.92 3.56
N ASN A 39 -6.53 -12.24 2.84
CA ASN A 39 -6.15 -11.44 1.69
C ASN A 39 -5.21 -10.33 2.11
N LEU A 40 -5.49 -9.72 3.25
CA LEU A 40 -4.64 -8.66 3.78
C LEU A 40 -3.20 -9.12 3.89
N ALA A 41 -3.00 -10.31 4.46
CA ALA A 41 -1.65 -10.86 4.63
C ALA A 41 -0.97 -11.05 3.26
N GLU A 42 -1.74 -11.54 2.30
CA GLU A 42 -1.25 -11.74 0.94
C GLU A 42 -0.80 -10.42 0.32
N MET A 43 -1.56 -9.38 0.60
CA MET A 43 -1.29 -8.05 0.05
C MET A 43 -0.19 -7.34 0.82
N VAL A 44 -0.19 -7.48 2.14
CA VAL A 44 0.82 -6.86 2.99
C VAL A 44 2.21 -7.41 2.66
N GLY A 45 2.29 -8.71 2.41
CA GLY A 45 3.56 -9.35 2.09
C GLY A 45 4.26 -8.68 0.92
N GLU A 46 3.58 -8.54 -0.19
CA GLU A 46 4.16 -7.94 -1.39
C GLU A 46 4.32 -6.43 -1.22
N MET A 47 3.43 -5.82 -0.43
CA MET A 47 3.48 -4.39 -0.17
C MET A 47 4.79 -4.02 0.52
N ASN A 48 5.22 -4.86 1.46
CA ASN A 48 6.48 -4.65 2.17
C ASN A 48 7.66 -4.78 1.22
N LYS A 49 7.55 -5.69 0.26
CA LYS A 49 8.64 -5.98 -0.66
C LYS A 49 8.87 -4.83 -1.63
N LEU A 50 7.80 -4.11 -1.95
CA LEU A 50 7.87 -3.00 -2.87
C LEU A 50 8.60 -1.80 -2.27
N LEU A 51 8.81 -1.83 -0.96
CA LEU A 51 9.46 -0.72 -0.26
C LEU A 51 10.77 -1.14 0.38
N GLU A 52 11.23 -2.35 0.08
CA GLU A 52 12.48 -2.86 0.62
C GLU A 52 13.69 -2.07 0.09
N PRO A 53 13.84 -1.88 -1.25
CA PRO A 53 14.97 -1.15 -1.82
C PRO A 53 14.85 0.36 -1.62
N SER A 54 13.71 0.80 -1.10
CA SER A 54 13.45 2.21 -0.91
C SER A 54 13.99 2.66 0.45
N GLN A 55 14.00 3.97 0.70
CA GLN A 55 14.47 4.51 1.96
C GLN A 55 13.37 4.49 3.00
N VAL A 56 12.14 4.72 2.55
CA VAL A 56 11.00 4.64 3.43
C VAL A 56 10.68 3.19 3.75
N HIS A 57 11.34 2.66 4.76
CA HIS A 57 11.06 1.31 5.20
C HIS A 57 9.82 1.31 6.07
N LEU A 58 8.67 1.24 5.42
CA LEU A 58 7.41 1.12 6.12
C LEU A 58 7.17 -0.33 6.47
N LYS A 59 7.12 -0.62 7.74
CA LYS A 59 6.87 -1.95 8.22
C LYS A 59 5.38 -2.10 8.46
N PHE A 60 4.73 -2.80 7.55
CA PHE A 60 3.29 -2.97 7.62
C PHE A 60 2.96 -4.12 8.55
N GLU A 61 2.31 -3.80 9.66
CA GLU A 61 2.04 -4.79 10.68
C GLU A 61 0.54 -4.97 10.84
N LEU A 62 0.12 -6.23 10.91
CA LEU A 62 -1.29 -6.56 11.10
C LEU A 62 -1.60 -6.67 12.58
N HIS A 63 -2.12 -5.60 13.14
CA HIS A 63 -2.48 -5.59 14.54
C HIS A 63 -3.98 -5.57 14.71
N ASP A 64 -4.50 -6.63 15.29
CA ASP A 64 -5.92 -6.75 15.55
C ASP A 64 -6.30 -5.98 16.79
N LYS A 65 -7.55 -5.54 16.85
CA LYS A 65 -8.03 -4.77 17.97
C LYS A 65 -8.89 -5.67 18.85
N LEU A 66 -10.09 -5.22 19.20
CA LEU A 66 -11.00 -6.03 19.98
C LEU A 66 -11.74 -7.00 19.08
N ASN A 67 -12.26 -6.48 17.99
CA ASN A 67 -12.96 -7.30 17.00
C ASN A 67 -12.47 -6.99 15.59
N GLU A 68 -11.87 -5.82 15.41
CA GLU A 68 -11.36 -5.41 14.12
C GLU A 68 -9.90 -5.80 13.97
N TYR A 69 -9.38 -5.67 12.75
CA TYR A 69 -7.99 -5.96 12.47
C TYR A 69 -7.51 -5.04 11.36
N TYR A 70 -6.41 -4.35 11.58
CA TYR A 70 -5.95 -3.38 10.60
C TYR A 70 -4.44 -3.46 10.40
N VAL A 71 -3.97 -2.84 9.34
CA VAL A 71 -2.56 -2.81 9.04
C VAL A 71 -2.02 -1.40 9.27
N LYS A 72 -1.13 -1.28 10.25
CA LYS A 72 -0.58 0.02 10.59
C LYS A 72 0.80 0.20 9.95
N VAL A 73 1.12 1.44 9.63
CA VAL A 73 2.35 1.76 8.94
C VAL A 73 3.38 2.32 9.91
N ILE A 74 4.47 1.59 10.09
CA ILE A 74 5.53 1.99 11.00
C ILE A 74 6.81 2.25 10.22
N GLU A 75 7.30 3.48 10.29
CA GLU A 75 8.52 3.86 9.59
C GLU A 75 9.73 3.43 10.40
N ASP A 76 10.55 2.54 9.84
CA ASP A 76 11.72 2.01 10.53
C ASP A 76 12.73 3.12 10.84
N SER A 77 12.70 4.17 10.04
CA SER A 77 13.63 5.29 10.19
C SER A 77 13.41 6.03 11.52
N THR A 78 12.18 6.00 12.01
CA THR A 78 11.86 6.64 13.28
C THR A 78 11.41 5.63 14.31
N ASN A 79 11.04 4.44 13.83
CA ASN A 79 10.55 3.35 14.68
C ASN A 79 9.24 3.72 15.35
N GLU A 80 8.50 4.62 14.74
CA GLU A 80 7.20 5.03 15.28
C GLU A 80 6.11 4.89 14.22
N VAL A 81 4.87 5.05 14.64
CA VAL A 81 3.74 4.87 13.74
C VAL A 81 3.39 6.19 13.06
N ILE A 82 3.25 6.15 11.74
CA ILE A 82 2.95 7.36 10.99
C ILE A 82 1.57 7.29 10.34
N ARG A 83 0.91 6.15 10.45
CA ARG A 83 -0.42 5.96 9.87
C ARG A 83 -0.99 4.60 10.29
N GLU A 84 -2.31 4.52 10.43
CA GLU A 84 -2.99 3.25 10.66
C GLU A 84 -4.13 3.09 9.67
N ILE A 85 -4.03 2.09 8.81
CA ILE A 85 -5.02 1.89 7.76
C ILE A 85 -5.93 0.70 8.08
N PRO A 86 -7.24 0.96 8.25
CA PRO A 86 -8.23 -0.09 8.47
C PRO A 86 -8.45 -0.92 7.21
N PRO A 87 -8.91 -2.18 7.37
CA PRO A 87 -9.06 -3.13 6.25
C PRO A 87 -10.00 -2.60 5.17
N LYS A 88 -11.00 -1.83 5.58
CA LYS A 88 -12.01 -1.32 4.66
C LYS A 88 -11.46 -0.18 3.80
N ARG A 89 -10.30 0.35 4.18
CA ARG A 89 -9.68 1.42 3.41
C ARG A 89 -8.28 1.00 2.94
N TRP A 90 -7.94 -0.25 3.20
CA TRP A 90 -6.65 -0.80 2.81
C TRP A 90 -6.58 -0.94 1.28
N LEU A 91 -7.73 -1.07 0.66
CA LEU A 91 -7.84 -1.20 -0.78
C LEU A 91 -7.42 0.10 -1.47
N ASP A 92 -8.00 1.21 -1.03
CA ASP A 92 -7.67 2.53 -1.56
C ASP A 92 -6.20 2.83 -1.34
N PHE A 93 -5.70 2.40 -0.19
CA PHE A 93 -4.29 2.58 0.14
C PHE A 93 -3.40 1.81 -0.84
N TYR A 94 -3.69 0.51 -1.01
CA TYR A 94 -2.90 -0.33 -1.91
C TYR A 94 -2.93 0.22 -3.32
N ALA A 95 -4.09 0.71 -3.74
CA ALA A 95 -4.24 1.27 -5.07
C ALA A 95 -3.28 2.45 -5.26
N ALA A 96 -3.32 3.40 -4.33
CA ALA A 96 -2.45 4.57 -4.41
C ALA A 96 -0.98 4.17 -4.43
N MET A 97 -0.65 3.15 -3.64
CA MET A 97 0.72 2.65 -3.56
C MET A 97 1.19 2.09 -4.89
N THR A 98 0.40 1.22 -5.49
CA THR A 98 0.81 0.54 -6.72
C THR A 98 0.78 1.50 -7.92
N GLU A 99 -0.07 2.52 -7.86
CA GLU A 99 -0.10 3.53 -8.91
C GLU A 99 1.20 4.33 -8.90
N PHE A 100 1.69 4.63 -7.71
CA PHE A 100 2.90 5.42 -7.55
C PHE A 100 4.16 4.57 -7.71
N LEU A 101 4.28 3.51 -6.90
CA LEU A 101 5.49 2.71 -6.84
C LEU A 101 5.72 1.92 -8.12
N GLY A 102 4.64 1.53 -8.78
CA GLY A 102 4.76 0.72 -9.98
C GLY A 102 5.27 1.52 -11.17
N LEU A 103 5.36 2.84 -11.00
CA LEU A 103 5.92 3.68 -12.05
C LEU A 103 7.44 3.71 -11.94
N PHE A 104 7.97 3.07 -10.90
CA PHE A 104 9.40 3.04 -10.68
C PHE A 104 9.95 1.62 -10.86
N VAL A 105 9.09 0.70 -11.26
CA VAL A 105 9.48 -0.70 -11.34
C VAL A 105 9.64 -1.17 -12.79
N ASP A 106 10.86 -1.60 -13.13
CA ASP A 106 11.17 -2.25 -14.41
C ASP A 106 11.13 -1.26 -15.58
N GLU A 107 10.78 -0.02 -15.27
CA GLU A 107 10.65 1.08 -16.25
C GLU A 107 9.46 0.89 -17.19
N LYS A 108 9.28 -0.32 -17.68
CA LYS A 108 8.19 -0.63 -18.61
C LYS A 108 6.84 -0.30 -18.02
N LYS A 109 6.73 -0.39 -16.69
CA LYS A 109 5.47 -0.13 -16.01
C LYS A 109 5.28 1.36 -15.76
N LEU A 110 6.22 2.16 -16.22
CA LEU A 110 6.13 3.60 -16.15
C LEU A 110 5.24 4.11 -17.28
N GLU A 111 4.92 3.20 -18.21
CA GLU A 111 4.04 3.47 -19.34
C GLU A 111 4.72 4.39 -20.37
N HIS A 112 5.84 5.00 -19.96
CA HIS A 112 6.63 5.88 -20.84
C HIS A 112 5.80 7.09 -21.25
N HIS A 113 4.81 7.41 -20.42
CA HIS A 113 3.87 8.48 -20.73
C HIS A 113 4.35 9.82 -20.18
N HIS A 114 5.44 9.78 -19.40
CA HIS A 114 6.00 10.96 -18.74
C HIS A 114 5.09 11.46 -17.62
N HIS A 115 5.67 11.55 -16.42
CA HIS A 115 4.96 12.07 -15.24
C HIS A 115 3.77 11.20 -14.85
N HIS A 116 3.05 11.65 -13.83
CA HIS A 116 1.84 10.98 -13.38
C HIS A 116 0.82 12.01 -12.94
N HIS A 117 -0.36 11.55 -12.56
CA HIS A 117 -1.36 12.43 -11.99
C HIS A 117 -1.89 11.80 -10.71
N LEU A 1 12.43 6.10 -13.69
CA LEU A 1 12.48 6.82 -12.40
C LEU A 1 13.45 6.14 -11.45
N ASN A 2 13.75 6.79 -10.33
CA ASN A 2 14.67 6.24 -9.34
C ASN A 2 13.91 5.86 -8.08
N ILE A 3 14.01 4.60 -7.69
CA ILE A 3 13.35 4.10 -6.50
C ILE A 3 14.37 3.88 -5.38
N GLU A 4 15.64 3.78 -5.79
CA GLU A 4 16.74 3.47 -4.88
C GLU A 4 16.86 4.49 -3.74
N ARG A 5 16.45 5.72 -3.98
CA ARG A 5 16.59 6.77 -2.99
C ARG A 5 15.23 7.30 -2.59
N LEU A 6 14.19 6.63 -3.06
CA LEU A 6 12.83 6.99 -2.71
C LEU A 6 12.58 6.70 -1.24
N THR A 7 12.37 7.75 -0.45
CA THR A 7 12.18 7.57 1.00
C THR A 7 10.82 8.09 1.45
N THR A 8 10.31 9.10 0.75
CA THR A 8 9.10 9.77 1.18
C THR A 8 7.89 9.31 0.35
N LEU A 9 6.73 9.27 0.99
CA LEU A 9 5.50 8.86 0.35
C LEU A 9 4.60 10.06 0.09
N GLN A 10 5.22 11.22 -0.11
CA GLN A 10 4.51 12.48 -0.35
C GLN A 10 3.39 12.32 -1.40
N PRO A 11 3.68 11.83 -2.64
CA PRO A 11 2.66 11.69 -3.68
C PRO A 11 1.58 10.67 -3.30
N VAL A 12 1.93 9.74 -2.43
CA VAL A 12 1.00 8.73 -1.96
C VAL A 12 -0.01 9.36 -1.03
N TRP A 13 0.49 10.20 -0.11
CA TRP A 13 -0.37 10.92 0.82
C TRP A 13 -1.29 11.87 0.07
N ASP A 14 -0.75 12.53 -0.96
CA ASP A 14 -1.56 13.40 -1.81
C ASP A 14 -2.71 12.63 -2.43
N ARG A 15 -2.39 11.49 -3.04
CA ARG A 15 -3.41 10.65 -3.65
C ARG A 15 -4.40 10.10 -2.63
N TYR A 16 -3.89 9.60 -1.52
CA TYR A 16 -4.75 9.02 -0.49
C TYR A 16 -5.73 10.07 0.03
N ASP A 17 -5.24 11.27 0.27
CA ASP A 17 -6.09 12.37 0.72
C ASP A 17 -7.15 12.69 -0.32
N THR A 18 -6.75 12.79 -1.57
CA THR A 18 -7.66 13.19 -2.62
C THR A 18 -8.57 12.03 -3.06
N GLN A 19 -8.28 10.83 -2.59
CA GLN A 19 -9.17 9.71 -2.82
C GLN A 19 -9.98 9.42 -1.55
N ILE A 20 -9.58 10.03 -0.45
CA ILE A 20 -10.34 9.95 0.79
C ILE A 20 -11.57 10.86 0.70
N HIS A 21 -11.36 12.07 0.18
CA HIS A 21 -12.45 13.04 0.04
C HIS A 21 -13.22 12.81 -1.27
N ASN A 22 -12.71 11.89 -2.09
CA ASN A 22 -13.33 11.56 -3.36
C ASN A 22 -12.97 10.12 -3.71
N GLN A 23 -13.81 9.20 -3.31
CA GLN A 23 -13.51 7.79 -3.51
C GLN A 23 -13.84 7.36 -4.93
N LYS A 24 -12.94 7.70 -5.84
CA LYS A 24 -13.03 7.22 -7.20
C LYS A 24 -12.57 5.77 -7.27
N ASP A 25 -13.52 4.87 -6.97
CA ASP A 25 -13.26 3.45 -6.85
C ASP A 25 -13.00 2.81 -8.21
N ASN A 26 -12.14 1.81 -8.24
CA ASN A 26 -11.77 1.13 -9.48
C ASN A 26 -12.37 -0.26 -9.53
N ASP A 27 -13.33 -0.46 -10.42
CA ASP A 27 -13.98 -1.76 -10.60
C ASP A 27 -13.85 -2.18 -12.06
N ASN A 28 -14.33 -3.38 -12.38
CA ASN A 28 -14.29 -3.94 -13.74
C ASN A 28 -12.88 -4.42 -14.09
N GLU A 29 -12.77 -5.71 -14.42
CA GLU A 29 -11.50 -6.34 -14.76
C GLU A 29 -10.51 -6.28 -13.60
N VAL A 30 -11.04 -6.16 -12.40
CA VAL A 30 -10.22 -6.20 -11.20
C VAL A 30 -10.99 -6.89 -10.07
N PRO A 31 -10.46 -8.03 -9.62
CA PRO A 31 -11.03 -8.78 -8.51
C PRO A 31 -11.00 -7.98 -7.23
N VAL A 32 -12.15 -7.55 -6.78
CA VAL A 32 -12.25 -6.82 -5.53
C VAL A 32 -12.37 -7.79 -4.36
N HIS A 33 -11.28 -7.89 -3.64
CA HIS A 33 -11.21 -8.76 -2.50
C HIS A 33 -11.86 -8.08 -1.29
N GLN A 34 -12.83 -8.76 -0.69
CA GLN A 34 -13.64 -8.16 0.36
C GLN A 34 -12.95 -8.24 1.72
N VAL A 35 -11.63 -8.40 1.70
CA VAL A 35 -10.82 -8.37 2.92
C VAL A 35 -11.17 -9.52 3.86
N SER A 36 -10.57 -10.67 3.62
CA SER A 36 -10.80 -11.84 4.45
C SER A 36 -9.49 -12.30 5.11
N TYR A 37 -9.24 -11.80 6.33
CA TYR A 37 -8.09 -12.18 7.16
C TYR A 37 -6.75 -12.16 6.39
N THR A 38 -6.43 -13.28 5.74
CA THR A 38 -5.16 -13.44 5.04
C THR A 38 -4.92 -12.32 4.02
N ASN A 39 -6.03 -11.76 3.52
CA ASN A 39 -5.98 -10.69 2.53
C ASN A 39 -5.06 -9.56 2.96
N LEU A 40 -5.15 -9.16 4.22
CA LEU A 40 -4.31 -8.07 4.72
C LEU A 40 -2.84 -8.44 4.60
N ALA A 41 -2.49 -9.62 5.09
CA ALA A 41 -1.11 -10.08 5.06
C ALA A 41 -0.60 -10.24 3.62
N GLU A 42 -1.50 -10.61 2.73
CA GLU A 42 -1.17 -10.78 1.32
C GLU A 42 -0.69 -9.45 0.71
N MET A 43 -1.52 -8.42 0.84
CA MET A 43 -1.20 -7.12 0.25
C MET A 43 -0.09 -6.40 1.01
N VAL A 44 0.14 -6.77 2.27
CA VAL A 44 1.24 -6.22 3.03
C VAL A 44 2.56 -6.81 2.54
N GLY A 45 2.59 -8.13 2.40
CA GLY A 45 3.80 -8.82 1.99
C GLY A 45 4.32 -8.38 0.64
N GLU A 46 3.42 -8.09 -0.28
CA GLU A 46 3.80 -7.65 -1.62
C GLU A 46 4.37 -6.23 -1.57
N MET A 47 3.78 -5.39 -0.72
CA MET A 47 4.23 -4.01 -0.57
C MET A 47 5.61 -3.96 0.06
N ASN A 48 5.89 -4.92 0.95
CA ASN A 48 7.19 -5.02 1.58
C ASN A 48 8.28 -5.13 0.52
N LYS A 49 8.05 -6.02 -0.44
CA LYS A 49 9.02 -6.31 -1.49
C LYS A 49 9.20 -5.10 -2.42
N LEU A 50 8.14 -4.32 -2.58
CA LEU A 50 8.18 -3.16 -3.44
C LEU A 50 9.00 -2.03 -2.83
N LEU A 51 9.11 -2.04 -1.51
CA LEU A 51 9.79 -0.98 -0.79
C LEU A 51 11.19 -1.39 -0.38
N GLU A 52 11.51 -2.66 -0.55
CA GLU A 52 12.84 -3.18 -0.26
C GLU A 52 13.94 -2.45 -1.04
N PRO A 53 13.80 -2.27 -2.37
CA PRO A 53 14.79 -1.56 -3.18
C PRO A 53 14.75 -0.03 -3.01
N SER A 54 14.03 0.45 -2.00
CA SER A 54 13.95 1.88 -1.75
C SER A 54 14.48 2.22 -0.36
N GLN A 55 14.31 3.47 0.05
CA GLN A 55 14.78 3.91 1.35
C GLN A 55 13.62 4.02 2.33
N VAL A 56 12.42 3.70 1.85
CA VAL A 56 11.21 3.81 2.66
C VAL A 56 11.24 2.81 3.82
N HIS A 57 11.65 3.29 4.98
CA HIS A 57 11.76 2.45 6.16
C HIS A 57 10.43 2.37 6.90
N LEU A 58 9.46 1.72 6.28
CA LEU A 58 8.16 1.53 6.90
C LEU A 58 7.87 0.05 7.09
N LYS A 59 7.64 -0.35 8.32
CA LYS A 59 7.33 -1.73 8.63
C LYS A 59 5.87 -1.84 9.05
N PHE A 60 5.18 -2.82 8.48
CA PHE A 60 3.74 -2.95 8.68
C PHE A 60 3.40 -4.19 9.49
N GLU A 61 2.54 -4.03 10.49
CA GLU A 61 2.06 -5.16 11.26
C GLU A 61 0.55 -5.29 11.15
N LEU A 62 0.09 -6.52 10.97
CA LEU A 62 -1.33 -6.80 10.99
C LEU A 62 -1.75 -7.22 12.39
N HIS A 63 -2.34 -6.31 13.13
CA HIS A 63 -2.78 -6.62 14.48
C HIS A 63 -4.29 -6.76 14.54
N ASP A 64 -4.73 -7.99 14.72
CA ASP A 64 -6.13 -8.30 14.91
C ASP A 64 -6.61 -7.73 16.23
N LYS A 65 -7.64 -6.91 16.16
CA LYS A 65 -8.14 -6.19 17.31
C LYS A 65 -9.63 -6.44 17.49
N LEU A 66 -9.95 -7.36 18.40
CA LEU A 66 -11.34 -7.67 18.76
C LEU A 66 -12.09 -8.28 17.58
N ASN A 67 -12.51 -7.45 16.65
CA ASN A 67 -13.25 -7.90 15.47
C ASN A 67 -12.68 -7.27 14.20
N GLU A 68 -11.84 -6.26 14.37
CA GLU A 68 -11.30 -5.52 13.24
C GLU A 68 -9.80 -5.78 13.12
N TYR A 69 -9.30 -5.78 11.90
CA TYR A 69 -7.86 -5.91 11.68
C TYR A 69 -7.40 -4.89 10.66
N TYR A 70 -6.47 -4.04 11.08
CA TYR A 70 -5.96 -3.00 10.21
C TYR A 70 -4.43 -3.08 10.12
N VAL A 71 -3.86 -2.31 9.21
CA VAL A 71 -2.43 -2.33 8.99
C VAL A 71 -1.76 -1.19 9.73
N LYS A 72 -0.85 -1.55 10.63
CA LYS A 72 -0.09 -0.57 11.40
C LYS A 72 1.18 -0.19 10.66
N VAL A 73 1.30 1.09 10.33
CA VAL A 73 2.50 1.59 9.66
C VAL A 73 3.48 2.11 10.71
N ILE A 74 4.61 1.44 10.83
CA ILE A 74 5.62 1.83 11.78
C ILE A 74 6.85 2.38 11.05
N GLU A 75 7.11 3.66 11.21
CA GLU A 75 8.27 4.28 10.60
C GLU A 75 9.50 3.92 11.42
N ASP A 76 10.48 3.32 10.78
CA ASP A 76 11.67 2.84 11.49
C ASP A 76 12.58 4.01 11.89
N SER A 77 12.34 5.18 11.32
CA SER A 77 13.14 6.35 11.63
C SER A 77 12.75 6.91 13.00
N THR A 78 11.45 7.01 13.24
CA THR A 78 10.93 7.49 14.52
C THR A 78 10.66 6.32 15.46
N ASN A 79 10.46 5.14 14.87
CA ASN A 79 10.13 3.92 15.60
C ASN A 79 8.77 4.03 16.28
N GLU A 80 7.90 4.83 15.68
CA GLU A 80 6.54 4.99 16.18
C GLU A 80 5.55 4.56 15.10
N VAL A 81 4.31 4.38 15.50
CA VAL A 81 3.25 4.09 14.55
C VAL A 81 2.70 5.39 13.99
N ILE A 82 3.06 5.71 12.76
CA ILE A 82 2.72 6.99 12.17
C ILE A 82 1.34 6.98 11.53
N ARG A 83 0.84 5.78 11.21
CA ARG A 83 -0.48 5.66 10.60
C ARG A 83 -1.05 4.28 10.80
N GLU A 84 -2.36 4.22 11.07
CA GLU A 84 -3.08 2.96 11.15
C GLU A 84 -4.25 3.00 10.18
N ILE A 85 -4.11 2.30 9.06
CA ILE A 85 -5.12 2.34 8.00
C ILE A 85 -6.21 1.31 8.25
N PRO A 86 -7.46 1.76 8.39
CA PRO A 86 -8.61 0.88 8.61
C PRO A 86 -8.84 -0.07 7.42
N PRO A 87 -9.29 -1.30 7.69
CA PRO A 87 -9.43 -2.35 6.67
C PRO A 87 -10.34 -1.93 5.52
N LYS A 88 -11.33 -1.09 5.82
CA LYS A 88 -12.30 -0.67 4.82
C LYS A 88 -11.78 0.49 3.98
N ARG A 89 -10.57 0.94 4.29
CA ARG A 89 -9.88 1.94 3.48
C ARG A 89 -8.52 1.43 3.04
N TRP A 90 -8.29 0.14 3.25
CA TRP A 90 -7.03 -0.49 2.87
C TRP A 90 -6.94 -0.55 1.35
N LEU A 91 -8.07 -0.78 0.70
CA LEU A 91 -8.11 -0.84 -0.76
C LEU A 91 -7.82 0.54 -1.35
N ASP A 92 -8.34 1.57 -0.71
CA ASP A 92 -8.09 2.95 -1.12
C ASP A 92 -6.60 3.24 -1.10
N PHE A 93 -5.97 2.93 0.04
CA PHE A 93 -4.54 3.16 0.21
C PHE A 93 -3.74 2.29 -0.75
N TYR A 94 -4.13 1.02 -0.85
CA TYR A 94 -3.46 0.07 -1.72
C TYR A 94 -3.41 0.57 -3.15
N ALA A 95 -4.58 0.99 -3.66
CA ALA A 95 -4.68 1.49 -5.03
C ALA A 95 -3.79 2.72 -5.24
N ALA A 96 -3.90 3.69 -4.34
CA ALA A 96 -3.13 4.91 -4.43
C ALA A 96 -1.63 4.63 -4.41
N MET A 97 -1.24 3.65 -3.63
CA MET A 97 0.17 3.33 -3.44
C MET A 97 0.72 2.49 -4.60
N THR A 98 -0.04 1.50 -5.04
CA THR A 98 0.44 0.57 -6.07
C THR A 98 0.47 1.23 -7.45
N GLU A 99 -0.41 2.19 -7.70
CA GLU A 99 -0.35 2.91 -8.95
C GLU A 99 0.90 3.79 -9.00
N PHE A 100 1.35 4.22 -7.82
CA PHE A 100 2.57 5.01 -7.70
C PHE A 100 3.81 4.12 -7.72
N LEU A 101 3.88 3.15 -6.79
CA LEU A 101 5.05 2.25 -6.72
C LEU A 101 5.15 1.39 -7.96
N GLY A 102 4.02 1.10 -8.58
CA GLY A 102 4.02 0.30 -9.80
C GLY A 102 4.52 1.08 -10.99
N LEU A 103 4.88 2.34 -10.77
CA LEU A 103 5.54 3.13 -11.81
C LEU A 103 7.05 2.89 -11.79
N PHE A 104 7.52 2.37 -10.66
CA PHE A 104 8.95 2.11 -10.47
C PHE A 104 9.28 0.64 -10.76
N VAL A 105 8.32 -0.05 -11.38
CA VAL A 105 8.49 -1.47 -11.67
C VAL A 105 9.58 -1.69 -12.71
N ASP A 106 10.16 -2.88 -12.66
CA ASP A 106 11.25 -3.23 -13.57
C ASP A 106 10.70 -3.95 -14.81
N GLU A 107 9.37 -3.94 -14.93
CA GLU A 107 8.65 -4.62 -16.02
C GLU A 107 8.70 -6.14 -15.84
N LYS A 108 9.91 -6.70 -15.80
CA LYS A 108 10.09 -8.11 -15.63
C LYS A 108 9.59 -8.55 -14.25
N LYS A 109 9.39 -7.58 -13.36
CA LYS A 109 8.93 -7.84 -12.01
C LYS A 109 7.41 -7.66 -11.88
N LEU A 110 6.75 -7.23 -12.95
CA LEU A 110 5.33 -6.87 -12.85
C LEU A 110 4.42 -8.08 -13.06
N GLU A 111 5.04 -9.26 -13.19
CA GLU A 111 4.32 -10.53 -13.36
C GLU A 111 3.81 -10.67 -14.79
N HIS A 112 4.13 -9.67 -15.62
CA HIS A 112 3.90 -9.72 -17.06
C HIS A 112 2.41 -9.66 -17.39
N HIS A 113 2.07 -10.00 -18.62
CA HIS A 113 0.69 -9.90 -19.09
C HIS A 113 0.40 -10.97 -20.13
N HIS A 114 -0.86 -11.36 -20.25
CA HIS A 114 -1.26 -12.33 -21.25
C HIS A 114 -2.20 -11.66 -22.25
N HIS A 115 -1.99 -11.94 -23.53
CA HIS A 115 -2.79 -11.34 -24.58
C HIS A 115 -2.66 -12.14 -25.87
N HIS A 116 -3.72 -12.20 -26.65
CA HIS A 116 -3.69 -12.85 -27.95
C HIS A 116 -2.82 -12.03 -28.90
N HIS A 117 -1.58 -12.45 -29.06
CA HIS A 117 -0.65 -11.77 -29.95
C HIS A 117 -0.70 -12.42 -31.32
N LEU A 1 12.50 6.57 -13.64
CA LEU A 1 11.83 6.13 -12.39
C LEU A 1 12.73 5.21 -11.59
N ASN A 2 13.59 5.81 -10.78
CA ASN A 2 14.55 5.07 -9.97
C ASN A 2 14.02 4.91 -8.54
N ILE A 3 13.95 3.67 -8.08
CA ILE A 3 13.37 3.36 -6.77
C ILE A 3 14.44 3.35 -5.68
N GLU A 4 15.69 3.17 -6.08
CA GLU A 4 16.80 2.97 -5.14
C GLU A 4 16.97 4.16 -4.20
N ARG A 5 16.51 5.33 -4.62
CA ARG A 5 16.69 6.55 -3.85
C ARG A 5 15.35 7.20 -3.58
N LEU A 6 14.30 6.40 -3.69
CA LEU A 6 12.96 6.85 -3.38
C LEU A 6 12.77 6.84 -1.86
N THR A 7 12.51 8.01 -1.28
CA THR A 7 12.40 8.12 0.16
C THR A 7 11.17 8.92 0.59
N THR A 8 10.38 9.38 -0.36
CA THR A 8 9.20 10.17 -0.04
C THR A 8 7.92 9.44 -0.40
N LEU A 9 6.98 9.40 0.53
CA LEU A 9 5.67 8.85 0.28
C LEU A 9 4.62 9.93 0.43
N GLN A 10 5.07 11.17 0.40
CA GLN A 10 4.18 12.33 0.51
C GLN A 10 3.12 12.32 -0.59
N PRO A 11 3.48 12.12 -1.89
CA PRO A 11 2.50 12.00 -2.97
C PRO A 11 1.50 10.87 -2.72
N VAL A 12 1.92 9.87 -1.96
CA VAL A 12 1.05 8.75 -1.61
C VAL A 12 0.01 9.22 -0.60
N TRP A 13 0.46 9.94 0.42
CA TRP A 13 -0.44 10.52 1.40
C TRP A 13 -1.40 11.51 0.75
N ASP A 14 -0.87 12.27 -0.21
CA ASP A 14 -1.65 13.22 -0.97
C ASP A 14 -2.76 12.51 -1.74
N ARG A 15 -2.39 11.45 -2.43
CA ARG A 15 -3.35 10.65 -3.20
C ARG A 15 -4.30 9.93 -2.25
N TYR A 16 -3.79 9.53 -1.09
CA TYR A 16 -4.60 8.90 -0.06
C TYR A 16 -5.74 9.83 0.36
N ASP A 17 -5.39 11.08 0.65
CA ASP A 17 -6.39 12.10 1.00
C ASP A 17 -7.38 12.27 -0.16
N THR A 18 -6.84 12.27 -1.37
CA THR A 18 -7.63 12.46 -2.57
C THR A 18 -8.58 11.28 -2.83
N GLN A 19 -8.24 10.11 -2.29
CA GLN A 19 -9.15 8.97 -2.38
C GLN A 19 -10.14 9.00 -1.23
N ILE A 20 -9.60 9.14 -0.04
CA ILE A 20 -10.38 9.18 1.20
C ILE A 20 -11.52 10.21 1.13
N HIS A 21 -11.18 11.43 0.69
CA HIS A 21 -12.14 12.54 0.70
C HIS A 21 -13.18 12.39 -0.41
N ASN A 22 -12.99 11.39 -1.27
CA ASN A 22 -13.84 11.19 -2.43
C ASN A 22 -14.69 9.94 -2.28
N GLN A 23 -14.30 9.09 -1.32
CA GLN A 23 -14.87 7.75 -1.19
C GLN A 23 -14.67 6.98 -2.49
N LYS A 24 -13.45 6.49 -2.67
CA LYS A 24 -13.05 5.89 -3.92
C LYS A 24 -13.12 4.37 -3.89
N ASP A 25 -13.37 3.82 -5.06
CA ASP A 25 -13.30 2.39 -5.28
C ASP A 25 -12.71 2.16 -6.66
N ASN A 26 -11.42 1.84 -6.68
CA ASN A 26 -10.68 1.74 -7.95
C ASN A 26 -10.95 0.41 -8.63
N ASP A 27 -11.27 0.47 -9.92
CA ASP A 27 -11.54 -0.72 -10.70
C ASP A 27 -10.23 -1.30 -11.20
N ASN A 28 -9.68 -2.24 -10.44
CA ASN A 28 -8.44 -2.90 -10.83
C ASN A 28 -8.70 -3.88 -11.96
N GLU A 29 -7.66 -4.21 -12.72
CA GLU A 29 -7.79 -5.16 -13.83
C GLU A 29 -7.70 -6.59 -13.31
N VAL A 30 -7.70 -6.69 -12.00
CA VAL A 30 -7.79 -7.96 -11.30
C VAL A 30 -9.02 -7.91 -10.42
N PRO A 31 -9.84 -8.97 -10.39
CA PRO A 31 -11.13 -8.98 -9.70
C PRO A 31 -11.00 -8.83 -8.19
N VAL A 32 -10.83 -7.60 -7.75
CA VAL A 32 -10.73 -7.27 -6.34
C VAL A 32 -11.80 -6.26 -5.99
N HIS A 33 -12.77 -6.73 -5.25
CA HIS A 33 -13.90 -5.91 -4.85
C HIS A 33 -14.35 -6.29 -3.45
N GLN A 34 -13.47 -7.00 -2.76
CA GLN A 34 -13.71 -7.45 -1.39
C GLN A 34 -12.37 -7.80 -0.76
N VAL A 35 -12.28 -7.63 0.55
CA VAL A 35 -11.03 -7.91 1.24
C VAL A 35 -11.19 -9.12 2.15
N SER A 36 -10.36 -10.12 1.91
CA SER A 36 -10.36 -11.31 2.73
C SER A 36 -9.17 -11.27 3.69
N TYR A 37 -9.19 -12.11 4.71
CA TYR A 37 -8.11 -12.16 5.69
C TYR A 37 -6.82 -12.56 5.00
N THR A 38 -6.93 -13.48 4.04
CA THR A 38 -5.80 -13.90 3.24
C THR A 38 -5.23 -12.73 2.45
N ASN A 39 -6.14 -11.93 1.90
CA ASN A 39 -5.78 -10.83 1.02
C ASN A 39 -4.93 -9.80 1.75
N LEU A 40 -5.26 -9.56 3.00
CA LEU A 40 -4.49 -8.64 3.84
C LEU A 40 -3.08 -9.18 4.07
N ALA A 41 -3.00 -10.42 4.51
CA ALA A 41 -1.72 -11.06 4.81
C ALA A 41 -0.84 -11.13 3.57
N GLU A 42 -1.46 -11.46 2.44
CA GLU A 42 -0.75 -11.53 1.16
C GLU A 42 -0.29 -10.15 0.72
N MET A 43 -1.20 -9.19 0.77
CA MET A 43 -0.92 -7.83 0.29
C MET A 43 0.18 -7.19 1.13
N VAL A 44 0.02 -7.22 2.44
CA VAL A 44 0.98 -6.60 3.35
C VAL A 44 2.35 -7.26 3.22
N GLY A 45 2.35 -8.55 2.89
CA GLY A 45 3.60 -9.28 2.73
C GLY A 45 4.49 -8.67 1.65
N GLU A 46 3.94 -8.48 0.47
CA GLU A 46 4.72 -7.90 -0.63
C GLU A 46 4.75 -6.38 -0.54
N MET A 47 3.79 -5.82 0.21
CA MET A 47 3.72 -4.36 0.40
C MET A 47 5.00 -3.83 1.02
N ASN A 48 5.54 -4.58 1.97
CA ASN A 48 6.79 -4.22 2.62
C ASN A 48 7.96 -4.42 1.65
N LYS A 49 7.78 -5.32 0.69
CA LYS A 49 8.84 -5.63 -0.27
C LYS A 49 8.89 -4.61 -1.39
N LEU A 50 7.79 -3.91 -1.62
CA LEU A 50 7.74 -2.86 -2.62
C LEU A 50 8.60 -1.68 -2.20
N LEU A 51 8.90 -1.61 -0.92
CA LEU A 51 9.70 -0.52 -0.37
C LEU A 51 11.07 -1.01 0.07
N GLU A 52 11.33 -2.30 -0.08
CA GLU A 52 12.63 -2.87 0.27
C GLU A 52 13.78 -2.22 -0.53
N PRO A 53 13.68 -2.15 -1.88
CA PRO A 53 14.75 -1.56 -2.70
C PRO A 53 14.70 -0.04 -2.74
N SER A 54 14.10 0.57 -1.74
CA SER A 54 14.00 2.01 -1.67
C SER A 54 14.63 2.52 -0.37
N GLN A 55 14.53 3.83 -0.15
CA GLN A 55 15.08 4.44 1.05
C GLN A 55 14.00 4.49 2.13
N VAL A 56 12.79 4.12 1.75
CA VAL A 56 11.65 4.18 2.65
C VAL A 56 11.66 2.98 3.59
N HIS A 57 12.02 3.22 4.84
CA HIS A 57 12.03 2.17 5.84
C HIS A 57 10.74 2.19 6.64
N LEU A 58 9.67 1.70 6.04
CA LEU A 58 8.38 1.61 6.72
C LEU A 58 7.98 0.15 6.87
N LYS A 59 7.54 -0.20 8.06
CA LYS A 59 7.19 -1.57 8.38
C LYS A 59 5.69 -1.67 8.67
N PHE A 60 5.00 -2.42 7.83
CA PHE A 60 3.55 -2.59 7.98
C PHE A 60 3.25 -3.85 8.78
N GLU A 61 2.52 -3.68 9.89
CA GLU A 61 2.12 -4.81 10.72
C GLU A 61 0.62 -4.92 10.80
N LEU A 62 0.11 -6.14 10.68
CA LEU A 62 -1.30 -6.41 10.92
C LEU A 62 -1.52 -6.59 12.41
N HIS A 63 -2.24 -5.67 13.00
CA HIS A 63 -2.56 -5.78 14.41
C HIS A 63 -4.06 -5.78 14.60
N ASP A 64 -4.51 -6.59 15.54
CA ASP A 64 -5.92 -6.82 15.74
C ASP A 64 -6.51 -5.82 16.74
N LYS A 65 -7.81 -5.63 16.65
CA LYS A 65 -8.52 -4.67 17.49
C LYS A 65 -9.79 -5.30 18.05
N LEU A 66 -9.65 -6.13 19.08
CA LEU A 66 -10.76 -6.79 19.75
C LEU A 66 -11.43 -7.84 18.84
N ASN A 67 -11.94 -7.39 17.71
CA ASN A 67 -12.55 -8.28 16.72
C ASN A 67 -12.00 -7.99 15.33
N GLU A 68 -11.59 -6.75 15.10
CA GLU A 68 -11.10 -6.34 13.79
C GLU A 68 -9.61 -6.60 13.66
N TYR A 69 -9.10 -6.43 12.46
CA TYR A 69 -7.67 -6.53 12.19
C TYR A 69 -7.28 -5.50 11.14
N TYR A 70 -6.41 -4.57 11.48
CA TYR A 70 -6.08 -3.49 10.57
C TYR A 70 -4.57 -3.41 10.33
N VAL A 71 -4.20 -2.71 9.27
CA VAL A 71 -2.81 -2.56 8.91
C VAL A 71 -2.28 -1.21 9.38
N LYS A 72 -1.32 -1.25 10.29
CA LYS A 72 -0.76 -0.02 10.82
C LYS A 72 0.65 0.20 10.31
N VAL A 73 0.95 1.44 9.97
CA VAL A 73 2.23 1.79 9.36
C VAL A 73 3.21 2.23 10.43
N ILE A 74 4.29 1.46 10.59
CA ILE A 74 5.33 1.81 11.54
C ILE A 74 6.58 2.28 10.79
N GLU A 75 6.89 3.56 10.94
CA GLU A 75 8.07 4.12 10.30
C GLU A 75 9.29 3.77 11.14
N ASP A 76 10.34 3.25 10.51
CA ASP A 76 11.50 2.78 11.24
C ASP A 76 12.37 3.95 11.71
N SER A 77 12.24 5.09 11.02
CA SER A 77 12.97 6.29 11.38
C SER A 77 12.57 6.79 12.77
N THR A 78 11.26 6.88 13.01
CA THR A 78 10.73 7.29 14.30
C THR A 78 10.54 6.06 15.21
N ASN A 79 10.38 4.91 14.56
CA ASN A 79 10.23 3.61 15.24
C ASN A 79 8.87 3.51 15.92
N GLU A 80 7.92 4.31 15.44
CA GLU A 80 6.59 4.32 16.01
C GLU A 80 5.53 4.26 14.92
N VAL A 81 4.28 4.15 15.32
CA VAL A 81 3.17 4.08 14.37
C VAL A 81 2.81 5.47 13.90
N ILE A 82 2.94 5.71 12.60
CA ILE A 82 2.67 7.03 12.04
C ILE A 82 1.27 7.12 11.47
N ARG A 83 0.71 5.99 11.06
CA ARG A 83 -0.64 5.96 10.50
C ARG A 83 -1.25 4.57 10.67
N GLU A 84 -2.57 4.51 10.75
CA GLU A 84 -3.27 3.24 10.90
C GLU A 84 -4.43 3.16 9.92
N ILE A 85 -4.37 2.20 9.00
CA ILE A 85 -5.37 2.07 7.96
C ILE A 85 -6.25 0.85 8.19
N PRO A 86 -7.57 1.06 8.32
CA PRO A 86 -8.52 -0.04 8.48
C PRO A 86 -8.84 -0.71 7.14
N PRO A 87 -9.22 -2.00 7.16
CA PRO A 87 -9.45 -2.79 5.94
C PRO A 87 -10.47 -2.17 5.00
N LYS A 88 -11.45 -1.47 5.54
CA LYS A 88 -12.51 -0.90 4.74
C LYS A 88 -12.02 0.28 3.89
N ARG A 89 -10.79 0.71 4.14
CA ARG A 89 -10.18 1.76 3.34
C ARG A 89 -8.84 1.28 2.78
N TRP A 90 -8.64 -0.03 2.79
CA TRP A 90 -7.41 -0.62 2.31
C TRP A 90 -7.30 -0.47 0.80
N LEU A 91 -8.42 -0.53 0.11
CA LEU A 91 -8.45 -0.42 -1.35
C LEU A 91 -7.95 0.96 -1.80
N ASP A 92 -8.23 1.99 -1.01
CA ASP A 92 -7.79 3.33 -1.29
C ASP A 92 -6.27 3.43 -1.12
N PHE A 93 -5.80 2.96 0.03
CA PHE A 93 -4.38 3.00 0.35
C PHE A 93 -3.59 2.14 -0.64
N TYR A 94 -4.13 0.98 -0.97
CA TYR A 94 -3.51 0.08 -1.94
C TYR A 94 -3.36 0.77 -3.29
N ALA A 95 -4.43 1.41 -3.75
CA ALA A 95 -4.42 2.10 -5.04
C ALA A 95 -3.37 3.19 -5.05
N ALA A 96 -3.37 4.03 -4.01
CA ALA A 96 -2.42 5.13 -3.92
C ALA A 96 -0.98 4.63 -3.96
N MET A 97 -0.73 3.48 -3.34
CA MET A 97 0.61 2.92 -3.30
C MET A 97 0.98 2.25 -4.61
N THR A 98 0.06 1.47 -5.18
CA THR A 98 0.37 0.70 -6.38
C THR A 98 0.51 1.59 -7.61
N GLU A 99 -0.15 2.74 -7.60
CA GLU A 99 0.00 3.69 -8.70
C GLU A 99 1.34 4.40 -8.61
N PHE A 100 1.80 4.62 -7.40
CA PHE A 100 3.07 5.29 -7.16
C PHE A 100 4.24 4.32 -7.30
N LEU A 101 4.21 3.26 -6.50
CA LEU A 101 5.29 2.28 -6.50
C LEU A 101 5.26 1.42 -7.74
N GLY A 102 4.11 1.36 -8.40
CA GLY A 102 3.97 0.60 -9.62
C GLY A 102 4.47 1.36 -10.82
N LEU A 103 5.01 2.55 -10.57
CA LEU A 103 5.74 3.28 -11.59
C LEU A 103 7.21 2.92 -11.53
N PHE A 104 7.73 2.84 -10.31
CA PHE A 104 9.13 2.50 -10.09
C PHE A 104 9.35 1.00 -10.26
N VAL A 105 8.51 0.22 -9.57
CA VAL A 105 8.45 -1.25 -9.61
C VAL A 105 9.79 -1.97 -9.39
N ASP A 106 9.71 -3.00 -8.57
CA ASP A 106 10.78 -3.97 -8.44
C ASP A 106 10.70 -4.88 -9.66
N GLU A 107 11.55 -4.56 -10.62
CA GLU A 107 11.69 -5.24 -11.95
C GLU A 107 10.83 -6.50 -12.14
N LYS A 108 10.97 -7.49 -11.28
CA LYS A 108 10.24 -8.75 -11.40
C LYS A 108 8.72 -8.54 -11.45
N LYS A 109 8.26 -7.37 -10.99
CA LYS A 109 6.84 -7.05 -11.00
C LYS A 109 6.47 -6.07 -12.11
N LEU A 110 7.39 -5.81 -13.04
CA LEU A 110 7.06 -4.92 -14.17
C LEU A 110 6.39 -5.71 -15.30
N GLU A 111 6.12 -6.99 -15.02
CA GLU A 111 5.33 -7.86 -15.90
C GLU A 111 6.16 -8.38 -17.07
N HIS A 112 6.93 -7.50 -17.69
CA HIS A 112 7.81 -7.86 -18.82
C HIS A 112 6.99 -8.25 -20.04
N HIS A 113 6.77 -7.32 -20.94
CA HIS A 113 5.97 -7.58 -22.13
C HIS A 113 6.83 -8.10 -23.28
N HIS A 114 8.10 -7.75 -23.28
CA HIS A 114 9.00 -8.19 -24.34
C HIS A 114 10.41 -8.45 -23.83
N HIS A 115 10.71 -9.73 -23.66
CA HIS A 115 12.06 -10.17 -23.37
C HIS A 115 12.65 -10.78 -24.64
N HIS A 116 11.77 -11.00 -25.60
CA HIS A 116 12.13 -11.55 -26.89
C HIS A 116 11.58 -10.66 -28.01
N HIS A 117 12.31 -10.54 -29.10
CA HIS A 117 11.87 -9.75 -30.24
C HIS A 117 11.15 -10.64 -31.25
N LEU A 1 13.63 6.92 -13.71
CA LEU A 1 12.95 6.66 -12.42
C LEU A 1 13.78 5.70 -11.58
N ASN A 2 14.02 6.07 -10.34
CA ASN A 2 14.83 5.27 -9.44
C ASN A 2 14.14 5.12 -8.09
N ILE A 3 14.09 3.89 -7.59
CA ILE A 3 13.40 3.60 -6.34
C ILE A 3 14.35 3.69 -5.15
N GLU A 4 15.64 3.78 -5.44
CA GLU A 4 16.66 3.85 -4.40
C GLU A 4 16.74 5.27 -3.83
N ARG A 5 15.96 6.16 -4.41
CA ARG A 5 15.89 7.54 -3.95
C ARG A 5 14.50 7.82 -3.42
N LEU A 6 13.72 6.77 -3.27
CA LEU A 6 12.39 6.88 -2.72
C LEU A 6 12.46 7.02 -1.21
N THR A 7 12.35 8.25 -0.72
CA THR A 7 12.52 8.54 0.69
C THR A 7 11.20 8.56 1.44
N THR A 8 10.16 9.10 0.82
CA THR A 8 8.89 9.32 1.49
C THR A 8 7.72 9.01 0.55
N LEU A 9 6.52 8.87 1.12
CA LEU A 9 5.33 8.54 0.33
C LEU A 9 4.40 9.75 0.22
N GLN A 10 4.98 10.95 0.25
CA GLN A 10 4.20 12.18 0.19
C GLN A 10 3.19 12.17 -0.99
N PRO A 11 3.61 11.86 -2.23
CA PRO A 11 2.69 11.80 -3.38
C PRO A 11 1.55 10.81 -3.16
N VAL A 12 1.80 9.80 -2.33
CA VAL A 12 0.79 8.80 -2.01
C VAL A 12 -0.19 9.36 -0.99
N TRP A 13 0.34 10.07 0.00
CA TRP A 13 -0.49 10.70 1.02
C TRP A 13 -1.45 11.70 0.39
N ASP A 14 -0.97 12.37 -0.66
CA ASP A 14 -1.80 13.28 -1.45
C ASP A 14 -3.01 12.54 -2.02
N ARG A 15 -2.74 11.41 -2.67
CA ARG A 15 -3.80 10.64 -3.31
C ARG A 15 -4.67 9.94 -2.28
N TYR A 16 -4.14 9.67 -1.11
CA TYR A 16 -4.88 9.02 -0.03
C TYR A 16 -6.03 9.91 0.42
N ASP A 17 -5.73 11.16 0.73
CA ASP A 17 -6.77 12.11 1.12
C ASP A 17 -7.71 12.35 -0.05
N THR A 18 -7.13 12.43 -1.24
CA THR A 18 -7.89 12.66 -2.47
C THR A 18 -8.89 11.54 -2.74
N GLN A 19 -8.47 10.31 -2.51
CA GLN A 19 -9.35 9.17 -2.63
C GLN A 19 -10.45 9.23 -1.59
N ILE A 20 -10.03 9.45 -0.36
CA ILE A 20 -10.93 9.48 0.78
C ILE A 20 -12.00 10.57 0.65
N HIS A 21 -11.58 11.79 0.29
CA HIS A 21 -12.51 12.90 0.25
C HIS A 21 -13.34 12.91 -1.04
N ASN A 22 -12.82 12.27 -2.08
CA ASN A 22 -13.55 12.15 -3.33
C ASN A 22 -13.87 10.68 -3.60
N GLN A 23 -14.87 10.18 -2.90
CA GLN A 23 -15.22 8.78 -2.96
C GLN A 23 -16.12 8.51 -4.16
N LYS A 24 -15.51 8.23 -5.29
CA LYS A 24 -16.24 7.94 -6.52
C LYS A 24 -16.65 6.47 -6.59
N ASP A 25 -16.36 5.73 -5.52
CA ASP A 25 -16.71 4.31 -5.42
C ASP A 25 -15.94 3.50 -6.47
N ASN A 26 -14.77 3.01 -6.08
CA ASN A 26 -13.90 2.28 -6.99
C ASN A 26 -14.04 0.77 -6.78
N ASP A 27 -14.55 0.09 -7.80
CA ASP A 27 -14.68 -1.36 -7.77
C ASP A 27 -14.56 -1.93 -9.17
N ASN A 28 -13.89 -3.07 -9.27
CA ASN A 28 -13.70 -3.76 -10.54
C ASN A 28 -14.09 -5.21 -10.40
N GLU A 29 -15.09 -5.46 -9.55
CA GLU A 29 -15.58 -6.81 -9.26
C GLU A 29 -14.52 -7.61 -8.53
N VAL A 30 -13.83 -6.95 -7.61
CA VAL A 30 -12.76 -7.58 -6.85
C VAL A 30 -13.31 -8.04 -5.49
N PRO A 31 -12.93 -9.25 -5.04
CA PRO A 31 -13.37 -9.81 -3.75
C PRO A 31 -12.71 -9.13 -2.56
N VAL A 32 -12.77 -7.82 -2.54
CA VAL A 32 -12.21 -7.04 -1.46
C VAL A 32 -12.94 -5.71 -1.30
N HIS A 33 -13.57 -5.56 -0.16
CA HIS A 33 -14.34 -4.37 0.15
C HIS A 33 -14.53 -4.24 1.66
N GLN A 34 -14.58 -5.38 2.35
CA GLN A 34 -14.56 -5.39 3.80
C GLN A 34 -13.26 -6.02 4.27
N VAL A 35 -12.69 -6.80 3.37
CA VAL A 35 -11.37 -7.42 3.54
C VAL A 35 -11.38 -8.56 4.57
N SER A 36 -10.61 -9.60 4.29
CA SER A 36 -10.45 -10.73 5.19
C SER A 36 -9.02 -10.76 5.73
N TYR A 37 -8.78 -11.58 6.75
CA TYR A 37 -7.45 -11.68 7.36
C TYR A 37 -6.41 -12.06 6.32
N THR A 38 -6.69 -13.11 5.55
CA THR A 38 -5.77 -13.59 4.53
C THR A 38 -5.42 -12.49 3.53
N ASN A 39 -6.44 -11.75 3.11
CA ASN A 39 -6.26 -10.67 2.14
C ASN A 39 -5.28 -9.63 2.64
N LEU A 40 -5.48 -9.16 3.87
CA LEU A 40 -4.58 -8.18 4.44
C LEU A 40 -3.19 -8.76 4.63
N ALA A 41 -3.11 -9.98 5.14
CA ALA A 41 -1.82 -10.62 5.35
C ALA A 41 -1.03 -10.72 4.05
N GLU A 42 -1.74 -11.02 2.97
CA GLU A 42 -1.17 -11.12 1.65
C GLU A 42 -0.68 -9.75 1.14
N MET A 43 -1.56 -8.75 1.21
CA MET A 43 -1.23 -7.42 0.71
C MET A 43 -0.18 -6.74 1.58
N VAL A 44 -0.14 -7.07 2.85
CA VAL A 44 0.92 -6.58 3.73
C VAL A 44 2.24 -7.25 3.35
N GLY A 45 2.17 -8.52 3.02
CA GLY A 45 3.36 -9.26 2.63
C GLY A 45 4.04 -8.67 1.41
N GLU A 46 3.25 -8.36 0.38
CA GLU A 46 3.80 -7.82 -0.85
C GLU A 46 4.37 -6.41 -0.64
N MET A 47 3.70 -5.61 0.19
CA MET A 47 4.15 -4.25 0.46
C MET A 47 5.54 -4.23 1.09
N ASN A 48 5.78 -5.17 1.99
CA ASN A 48 7.09 -5.29 2.63
C ASN A 48 8.18 -5.61 1.61
N LYS A 49 7.76 -6.18 0.48
CA LYS A 49 8.70 -6.62 -0.54
C LYS A 49 8.69 -5.67 -1.75
N LEU A 50 7.91 -4.61 -1.64
CA LEU A 50 7.82 -3.61 -2.69
C LEU A 50 8.76 -2.43 -2.45
N LEU A 51 9.06 -2.16 -1.19
CA LEU A 51 9.84 -0.96 -0.83
C LEU A 51 11.19 -1.35 -0.25
N GLU A 52 11.67 -2.53 -0.64
CA GLU A 52 12.94 -3.04 -0.14
C GLU A 52 14.11 -2.10 -0.43
N PRO A 53 14.33 -1.69 -1.70
CA PRO A 53 15.47 -0.83 -2.05
C PRO A 53 15.18 0.66 -1.84
N SER A 54 14.13 0.97 -1.10
CA SER A 54 13.75 2.35 -0.86
C SER A 54 14.40 2.87 0.42
N GLN A 55 14.36 4.19 0.61
CA GLN A 55 14.94 4.81 1.79
C GLN A 55 13.87 5.06 2.85
N VAL A 56 12.67 4.57 2.59
CA VAL A 56 11.54 4.80 3.47
C VAL A 56 11.66 3.99 4.76
N HIS A 57 11.88 2.69 4.60
CA HIS A 57 11.94 1.76 5.73
C HIS A 57 10.57 1.65 6.40
N LEU A 58 9.61 1.05 5.70
CA LEU A 58 8.27 0.88 6.23
C LEU A 58 8.10 -0.49 6.86
N LYS A 59 7.71 -0.50 8.12
CA LYS A 59 7.46 -1.71 8.87
C LYS A 59 5.95 -1.89 9.05
N PHE A 60 5.38 -2.83 8.32
CA PHE A 60 3.94 -3.05 8.36
C PHE A 60 3.59 -4.18 9.33
N GLU A 61 2.68 -3.91 10.25
CA GLU A 61 2.17 -4.94 11.14
C GLU A 61 0.68 -5.11 10.94
N LEU A 62 0.23 -6.34 10.86
CA LEU A 62 -1.20 -6.63 10.81
C LEU A 62 -1.66 -7.14 12.17
N HIS A 63 -2.35 -6.28 12.90
CA HIS A 63 -2.86 -6.67 14.21
C HIS A 63 -4.37 -6.69 14.20
N ASP A 64 -4.94 -7.71 14.82
CA ASP A 64 -6.38 -7.85 14.87
C ASP A 64 -6.88 -7.55 16.27
N LYS A 65 -8.14 -7.18 16.36
CA LYS A 65 -8.80 -6.94 17.63
C LYS A 65 -10.27 -7.27 17.53
N LEU A 66 -10.70 -8.24 18.32
CA LEU A 66 -12.13 -8.56 18.45
C LEU A 66 -12.70 -9.09 17.13
N ASN A 67 -12.98 -8.17 16.20
CA ASN A 67 -13.61 -8.53 14.95
C ASN A 67 -12.81 -7.99 13.75
N GLU A 68 -12.05 -6.92 13.97
CA GLU A 68 -11.41 -6.24 12.85
C GLU A 68 -9.88 -6.32 12.94
N TYR A 69 -9.24 -6.18 11.79
CA TYR A 69 -7.79 -6.18 11.71
C TYR A 69 -7.34 -4.98 10.89
N TYR A 70 -6.22 -4.37 11.28
CA TYR A 70 -5.75 -3.16 10.64
C TYR A 70 -4.24 -3.21 10.39
N VAL A 71 -3.78 -2.40 9.45
CA VAL A 71 -2.38 -2.40 9.06
C VAL A 71 -1.66 -1.19 9.67
N LYS A 72 -0.66 -1.48 10.48
CA LYS A 72 0.16 -0.44 11.08
C LYS A 72 1.34 -0.11 10.18
N VAL A 73 1.46 1.14 9.79
CA VAL A 73 2.60 1.59 9.03
C VAL A 73 3.59 2.30 9.95
N ILE A 74 4.76 1.70 10.11
CA ILE A 74 5.76 2.23 11.00
C ILE A 74 7.03 2.58 10.21
N GLU A 75 7.51 3.79 10.40
CA GLU A 75 8.74 4.21 9.76
C GLU A 75 9.92 3.86 10.65
N ASP A 76 10.83 3.03 10.15
CA ASP A 76 11.94 2.52 10.97
C ASP A 76 12.90 3.62 11.36
N SER A 77 12.96 4.66 10.54
CA SER A 77 13.87 5.77 10.77
C SER A 77 13.50 6.56 12.03
N THR A 78 12.20 6.71 12.26
CA THR A 78 11.71 7.43 13.44
C THR A 78 11.22 6.45 14.51
N ASN A 79 10.83 5.25 14.07
CA ASN A 79 10.34 4.19 14.94
C ASN A 79 9.00 4.56 15.58
N GLU A 80 8.24 5.41 14.88
CA GLU A 80 6.91 5.75 15.32
C GLU A 80 5.88 5.22 14.33
N VAL A 81 4.66 5.05 14.78
CA VAL A 81 3.59 4.59 13.92
C VAL A 81 2.99 5.78 13.18
N ILE A 82 3.43 5.97 11.95
CA ILE A 82 3.03 7.15 11.18
C ILE A 82 1.61 7.05 10.67
N ARG A 83 1.20 5.85 10.26
CA ARG A 83 -0.15 5.64 9.73
C ARG A 83 -0.73 4.32 10.22
N GLU A 84 -2.03 4.32 10.46
CA GLU A 84 -2.75 3.09 10.76
C GLU A 84 -3.96 2.98 9.84
N ILE A 85 -3.90 2.05 8.91
CA ILE A 85 -4.94 1.92 7.89
C ILE A 85 -5.90 0.79 8.23
N PRO A 86 -7.19 1.11 8.43
CA PRO A 86 -8.24 0.13 8.63
C PRO A 86 -8.59 -0.59 7.32
N PRO A 87 -9.22 -1.78 7.40
CA PRO A 87 -9.48 -2.62 6.22
C PRO A 87 -10.22 -1.89 5.09
N LYS A 88 -11.22 -1.10 5.46
CA LYS A 88 -12.04 -0.42 4.46
C LYS A 88 -11.35 0.80 3.87
N ARG A 89 -10.32 1.29 4.56
CA ARG A 89 -9.55 2.43 4.07
C ARG A 89 -8.32 1.96 3.33
N TRP A 90 -8.07 0.67 3.40
CA TRP A 90 -6.95 0.07 2.69
C TRP A 90 -7.18 0.16 1.18
N LEU A 91 -8.44 0.20 0.78
CA LEU A 91 -8.81 0.33 -0.62
C LEU A 91 -8.33 1.67 -1.18
N ASP A 92 -8.53 2.73 -0.40
CA ASP A 92 -8.09 4.07 -0.79
C ASP A 92 -6.57 4.10 -0.93
N PHE A 93 -5.88 3.48 0.02
CA PHE A 93 -4.43 3.47 0.05
C PHE A 93 -3.86 2.57 -1.04
N TYR A 94 -4.40 1.35 -1.16
CA TYR A 94 -3.88 0.36 -2.08
C TYR A 94 -3.90 0.87 -3.52
N ALA A 95 -4.98 1.54 -3.88
CA ALA A 95 -5.12 2.09 -5.24
C ALA A 95 -4.09 3.18 -5.48
N ALA A 96 -3.95 4.08 -4.53
CA ALA A 96 -3.02 5.20 -4.65
C ALA A 96 -1.57 4.72 -4.66
N MET A 97 -1.27 3.75 -3.82
CA MET A 97 0.08 3.24 -3.66
C MET A 97 0.55 2.47 -4.89
N THR A 98 -0.35 1.68 -5.47
CA THR A 98 0.02 0.83 -6.61
C THR A 98 0.37 1.63 -7.85
N GLU A 99 -0.37 2.71 -8.10
CA GLU A 99 -0.07 3.58 -9.24
C GLU A 99 1.31 4.22 -9.07
N PHE A 100 1.67 4.52 -7.83
CA PHE A 100 2.93 5.19 -7.54
C PHE A 100 4.07 4.18 -7.49
N LEU A 101 3.95 3.18 -6.63
CA LEU A 101 5.01 2.22 -6.41
C LEU A 101 5.20 1.32 -7.62
N GLY A 102 4.10 0.99 -8.30
CA GLY A 102 4.16 0.10 -9.44
C GLY A 102 4.94 0.69 -10.60
N LEU A 103 5.19 1.99 -10.53
CA LEU A 103 6.03 2.65 -11.52
C LEU A 103 7.50 2.34 -11.28
N PHE A 104 7.85 2.06 -10.03
CA PHE A 104 9.24 1.81 -9.66
C PHE A 104 9.61 0.35 -9.85
N VAL A 105 8.72 -0.55 -9.41
CA VAL A 105 8.96 -1.99 -9.53
C VAL A 105 9.12 -2.40 -10.99
N ASP A 106 10.15 -3.20 -11.25
CA ASP A 106 10.57 -3.49 -12.61
C ASP A 106 9.90 -4.75 -13.16
N GLU A 107 8.69 -4.57 -13.70
CA GLU A 107 8.01 -5.57 -14.55
C GLU A 107 7.77 -6.92 -13.86
N LYS A 108 8.82 -7.71 -13.65
CA LYS A 108 8.66 -9.08 -13.15
C LYS A 108 8.17 -9.11 -11.70
N LYS A 109 8.40 -8.04 -10.96
CA LYS A 109 7.91 -7.96 -9.59
C LYS A 109 6.48 -7.46 -9.56
N LEU A 110 5.92 -7.21 -10.74
CA LEU A 110 4.53 -6.83 -10.86
C LEU A 110 3.68 -8.09 -10.94
N GLU A 111 4.33 -9.21 -11.23
CA GLU A 111 3.66 -10.49 -11.43
C GLU A 111 2.62 -10.41 -12.55
N HIS A 112 2.83 -9.47 -13.46
CA HIS A 112 1.99 -9.35 -14.65
C HIS A 112 2.53 -10.28 -15.73
N HIS A 113 1.91 -10.23 -16.89
CA HIS A 113 2.32 -11.09 -18.00
C HIS A 113 3.73 -10.71 -18.46
N HIS A 114 3.89 -9.43 -18.80
CA HIS A 114 5.20 -8.81 -19.14
C HIS A 114 4.96 -7.51 -19.87
N HIS A 115 6.03 -6.76 -20.14
CA HIS A 115 5.91 -5.54 -20.92
C HIS A 115 6.88 -5.55 -22.10
N HIS A 116 8.14 -5.86 -21.83
CA HIS A 116 9.13 -5.88 -22.90
C HIS A 116 10.03 -7.10 -22.80
N HIS A 117 9.93 -7.85 -21.71
CA HIS A 117 10.73 -9.05 -21.55
C HIS A 117 10.04 -10.24 -22.22
N LEU A 1 12.01 6.86 -13.98
CA LEU A 1 12.35 7.18 -12.58
C LEU A 1 12.86 5.93 -11.88
N ASN A 2 13.45 6.10 -10.70
CA ASN A 2 13.96 4.96 -9.96
C ASN A 2 13.48 4.96 -8.51
N ILE A 3 13.13 3.78 -8.02
CA ILE A 3 12.62 3.63 -6.67
C ILE A 3 13.77 3.45 -5.67
N GLU A 4 14.98 3.38 -6.20
CA GLU A 4 16.18 3.19 -5.39
C GLU A 4 16.56 4.48 -4.64
N ARG A 5 15.81 5.54 -4.89
CA ARG A 5 16.04 6.81 -4.23
C ARG A 5 14.78 7.27 -3.53
N LEU A 6 13.87 6.33 -3.33
CA LEU A 6 12.60 6.61 -2.70
C LEU A 6 12.75 6.59 -1.19
N THR A 7 13.06 7.73 -0.61
CA THR A 7 13.23 7.84 0.83
C THR A 7 11.93 8.26 1.51
N THR A 8 10.96 8.67 0.71
CA THR A 8 9.71 9.17 1.23
C THR A 8 8.53 8.55 0.48
N LEU A 9 7.32 8.81 0.97
CA LEU A 9 6.11 8.30 0.35
C LEU A 9 5.07 9.41 0.24
N GLN A 10 5.56 10.65 0.24
CA GLN A 10 4.71 11.85 0.18
C GLN A 10 3.59 11.75 -0.87
N PRO A 11 3.89 11.43 -2.15
CA PRO A 11 2.86 11.36 -3.21
C PRO A 11 1.69 10.45 -2.83
N VAL A 12 1.97 9.37 -2.11
CA VAL A 12 0.93 8.43 -1.72
C VAL A 12 0.07 9.03 -0.63
N TRP A 13 0.71 9.61 0.38
CA TRP A 13 0.00 10.23 1.49
C TRP A 13 -0.77 11.45 1.02
N ASP A 14 -0.23 12.14 0.04
CA ASP A 14 -0.89 13.32 -0.54
C ASP A 14 -2.12 12.90 -1.34
N ARG A 15 -1.97 11.83 -2.11
CA ARG A 15 -3.09 11.26 -2.86
C ARG A 15 -4.14 10.73 -1.89
N TYR A 16 -3.70 9.90 -0.95
CA TYR A 16 -4.58 9.25 0.02
C TYR A 16 -5.38 10.26 0.82
N ASP A 17 -4.70 11.28 1.33
CA ASP A 17 -5.33 12.29 2.17
C ASP A 17 -6.57 12.88 1.51
N THR A 18 -6.45 13.22 0.24
CA THR A 18 -7.55 13.84 -0.48
C THR A 18 -8.48 12.81 -1.13
N GLN A 19 -7.92 11.69 -1.58
CA GLN A 19 -8.69 10.64 -2.24
C GLN A 19 -9.70 10.02 -1.28
N ILE A 20 -9.37 10.04 0.00
CA ILE A 20 -10.25 9.55 1.04
C ILE A 20 -11.56 10.36 1.07
N HIS A 21 -11.54 11.55 0.49
CA HIS A 21 -12.73 12.39 0.42
C HIS A 21 -13.70 11.86 -0.63
N ASN A 22 -13.21 10.96 -1.48
CA ASN A 22 -14.03 10.33 -2.51
C ASN A 22 -14.50 8.97 -2.03
N GLN A 23 -13.61 7.97 -2.13
CA GLN A 23 -13.90 6.59 -1.70
C GLN A 23 -15.15 6.04 -2.38
N LYS A 24 -14.94 5.30 -3.45
CA LYS A 24 -16.04 4.75 -4.22
C LYS A 24 -15.74 3.29 -4.58
N ASP A 25 -16.63 2.68 -5.36
CA ASP A 25 -16.48 1.30 -5.84
C ASP A 25 -16.69 0.28 -4.73
N ASN A 26 -17.89 -0.26 -4.68
CA ASN A 26 -18.23 -1.35 -3.79
C ASN A 26 -19.04 -2.38 -4.56
N ASP A 27 -18.90 -2.32 -5.88
CA ASP A 27 -19.71 -3.10 -6.80
C ASP A 27 -19.12 -4.50 -7.01
N ASN A 28 -19.64 -5.19 -8.02
CA ASN A 28 -19.26 -6.58 -8.27
C ASN A 28 -18.18 -6.68 -9.35
N GLU A 29 -18.30 -5.85 -10.39
CA GLU A 29 -17.39 -5.93 -11.53
C GLU A 29 -16.16 -5.05 -11.32
N VAL A 30 -15.68 -4.96 -10.10
CA VAL A 30 -14.51 -4.16 -9.78
C VAL A 30 -13.67 -4.85 -8.72
N PRO A 31 -12.34 -4.93 -8.92
CA PRO A 31 -11.43 -5.57 -7.98
C PRO A 31 -11.25 -4.74 -6.71
N VAL A 32 -12.23 -4.82 -5.83
CA VAL A 32 -12.22 -4.08 -4.58
C VAL A 32 -13.27 -4.68 -3.67
N HIS A 33 -12.98 -4.63 -2.36
CA HIS A 33 -13.90 -5.14 -1.34
C HIS A 33 -13.86 -6.67 -1.24
N GLN A 34 -13.56 -7.33 -2.35
CA GLN A 34 -13.45 -8.78 -2.38
C GLN A 34 -12.14 -9.22 -1.74
N VAL A 35 -12.07 -9.11 -0.42
CA VAL A 35 -10.88 -9.46 0.32
C VAL A 35 -11.18 -10.50 1.39
N SER A 36 -10.19 -10.79 2.21
CA SER A 36 -10.30 -11.78 3.27
C SER A 36 -9.14 -11.61 4.23
N TYR A 37 -9.14 -12.35 5.33
CA TYR A 37 -8.07 -12.27 6.31
C TYR A 37 -6.71 -12.56 5.66
N THR A 38 -6.68 -13.58 4.82
CA THR A 38 -5.48 -13.95 4.11
C THR A 38 -5.06 -12.86 3.13
N ASN A 39 -6.04 -12.24 2.50
CA ASN A 39 -5.79 -11.19 1.51
C ASN A 39 -5.00 -10.04 2.13
N LEU A 40 -5.44 -9.61 3.32
CA LEU A 40 -4.76 -8.53 4.05
C LEU A 40 -3.31 -8.91 4.34
N ALA A 41 -3.10 -10.11 4.87
CA ALA A 41 -1.78 -10.58 5.21
C ALA A 41 -0.88 -10.67 3.98
N GLU A 42 -1.44 -11.16 2.89
CA GLU A 42 -0.72 -11.27 1.62
C GLU A 42 -0.36 -9.88 1.08
N MET A 43 -1.31 -8.96 1.15
CA MET A 43 -1.09 -7.60 0.67
C MET A 43 0.02 -6.90 1.45
N VAL A 44 0.02 -7.08 2.76
CA VAL A 44 1.07 -6.49 3.59
C VAL A 44 2.44 -6.98 3.14
N GLY A 45 2.51 -8.26 2.78
CA GLY A 45 3.75 -8.84 2.31
C GLY A 45 4.19 -8.24 0.99
N GLU A 46 3.31 -8.22 0.00
CA GLU A 46 3.65 -7.74 -1.35
C GLU A 46 3.93 -6.24 -1.34
N MET A 47 3.35 -5.51 -0.40
CA MET A 47 3.66 -4.09 -0.24
C MET A 47 5.13 -3.91 0.10
N ASN A 48 5.62 -4.72 1.03
CA ASN A 48 7.03 -4.67 1.44
C ASN A 48 7.92 -5.19 0.32
N LYS A 49 7.38 -6.09 -0.50
CA LYS A 49 8.09 -6.60 -1.66
C LYS A 49 8.35 -5.48 -2.67
N LEU A 50 7.40 -4.56 -2.76
CA LEU A 50 7.50 -3.45 -3.70
C LEU A 50 8.29 -2.29 -3.10
N LEU A 51 8.76 -2.48 -1.87
CA LEU A 51 9.48 -1.43 -1.16
C LEU A 51 10.85 -1.93 -0.70
N GLU A 52 11.36 -2.95 -1.36
CA GLU A 52 12.68 -3.48 -1.03
C GLU A 52 13.79 -2.46 -1.31
N PRO A 53 13.87 -1.90 -2.54
CA PRO A 53 14.94 -0.96 -2.90
C PRO A 53 14.69 0.46 -2.38
N SER A 54 13.58 0.66 -1.68
CA SER A 54 13.24 1.97 -1.17
C SER A 54 13.91 2.22 0.18
N GLN A 55 13.89 3.47 0.63
CA GLN A 55 14.47 3.86 1.91
C GLN A 55 13.43 4.60 2.74
N VAL A 56 12.17 4.29 2.52
CA VAL A 56 11.08 5.00 3.16
C VAL A 56 11.01 4.65 4.66
N HIS A 57 11.46 3.45 5.00
CA HIS A 57 11.49 2.98 6.41
C HIS A 57 10.08 2.77 6.97
N LEU A 58 9.13 2.43 6.11
CA LEU A 58 7.76 2.19 6.56
C LEU A 58 7.55 0.74 6.91
N LYS A 59 7.37 0.49 8.20
CA LYS A 59 7.11 -0.84 8.71
C LYS A 59 5.61 -1.05 8.84
N PHE A 60 5.12 -2.10 8.21
CA PHE A 60 3.69 -2.38 8.18
C PHE A 60 3.36 -3.62 8.99
N GLU A 61 2.52 -3.45 10.02
CA GLU A 61 2.10 -4.58 10.82
C GLU A 61 0.59 -4.76 10.74
N LEU A 62 0.17 -6.01 10.57
CA LEU A 62 -1.25 -6.33 10.61
C LEU A 62 -1.61 -6.79 12.02
N HIS A 63 -2.41 -5.99 12.69
CA HIS A 63 -2.81 -6.32 14.05
C HIS A 63 -4.33 -6.33 14.17
N ASP A 64 -4.84 -7.39 14.77
CA ASP A 64 -6.28 -7.56 14.92
C ASP A 64 -6.72 -7.11 16.31
N LYS A 65 -8.01 -6.80 16.42
CA LYS A 65 -8.62 -6.46 17.70
C LYS A 65 -10.08 -6.83 17.68
N LEU A 66 -10.48 -7.70 18.60
CA LEU A 66 -11.88 -8.08 18.77
C LEU A 66 -12.44 -8.80 17.54
N ASN A 67 -12.78 -8.04 16.52
CA ASN A 67 -13.35 -8.60 15.29
C ASN A 67 -12.62 -8.06 14.07
N GLU A 68 -11.85 -6.99 14.25
CA GLU A 68 -11.25 -6.28 13.13
C GLU A 68 -9.76 -6.56 13.03
N TYR A 69 -9.20 -6.29 11.88
CA TYR A 69 -7.75 -6.37 11.68
C TYR A 69 -7.30 -5.26 10.75
N TYR A 70 -6.35 -4.45 11.20
CA TYR A 70 -5.93 -3.28 10.45
C TYR A 70 -4.41 -3.23 10.34
N VAL A 71 -3.91 -2.35 9.48
CA VAL A 71 -2.49 -2.25 9.24
C VAL A 71 -1.91 -0.98 9.84
N LYS A 72 -0.86 -1.15 10.62
CA LYS A 72 -0.16 -0.04 11.25
C LYS A 72 1.00 0.41 10.36
N VAL A 73 1.04 1.69 10.03
CA VAL A 73 2.19 2.23 9.34
C VAL A 73 3.15 2.82 10.37
N ILE A 74 4.30 2.21 10.50
CA ILE A 74 5.29 2.64 11.48
C ILE A 74 6.52 3.17 10.77
N GLU A 75 6.87 4.41 11.07
CA GLU A 75 8.04 5.01 10.49
C GLU A 75 9.25 4.67 11.36
N ASP A 76 10.15 3.87 10.79
CA ASP A 76 11.24 3.26 11.54
C ASP A 76 12.20 4.28 12.17
N SER A 77 12.35 5.44 11.54
CA SER A 77 13.28 6.45 12.02
C SER A 77 12.73 7.18 13.25
N THR A 78 11.42 7.39 13.28
CA THR A 78 10.77 8.03 14.42
C THR A 78 10.34 6.98 15.44
N ASN A 79 10.43 5.70 15.05
CA ASN A 79 10.16 4.56 15.93
C ASN A 79 8.68 4.44 16.27
N GLU A 80 7.86 5.33 15.75
CA GLU A 80 6.47 5.39 16.13
C GLU A 80 5.55 5.06 14.96
N VAL A 81 4.38 4.55 15.29
CA VAL A 81 3.35 4.35 14.30
C VAL A 81 2.74 5.69 13.92
N ILE A 82 3.04 6.15 12.72
CA ILE A 82 2.62 7.46 12.28
C ILE A 82 1.16 7.47 11.88
N ARG A 83 0.70 6.37 11.28
CA ARG A 83 -0.69 6.25 10.89
C ARG A 83 -1.18 4.81 10.99
N GLU A 84 -2.41 4.64 11.43
CA GLU A 84 -3.03 3.33 11.44
C GLU A 84 -4.13 3.31 10.40
N ILE A 85 -4.10 2.32 9.51
CA ILE A 85 -5.04 2.25 8.42
C ILE A 85 -6.06 1.13 8.66
N PRO A 86 -7.33 1.50 8.84
CA PRO A 86 -8.41 0.52 9.05
C PRO A 86 -8.71 -0.27 7.77
N PRO A 87 -9.31 -1.46 7.92
CA PRO A 87 -9.54 -2.40 6.81
C PRO A 87 -10.10 -1.76 5.54
N LYS A 88 -11.15 -0.97 5.69
CA LYS A 88 -11.86 -0.40 4.54
C LYS A 88 -10.97 0.56 3.74
N ARG A 89 -10.06 1.26 4.41
CA ARG A 89 -9.27 2.28 3.73
C ARG A 89 -7.93 1.74 3.28
N TRP A 90 -7.69 0.45 3.52
CA TRP A 90 -6.48 -0.20 3.04
C TRP A 90 -6.56 -0.36 1.52
N LEU A 91 -7.77 -0.49 1.03
CA LEU A 91 -8.02 -0.70 -0.40
C LEU A 91 -7.50 0.46 -1.22
N ASP A 92 -7.81 1.69 -0.81
CA ASP A 92 -7.35 2.87 -1.54
C ASP A 92 -5.85 3.05 -1.37
N PHE A 93 -5.34 2.72 -0.18
CA PHE A 93 -3.91 2.79 0.07
C PHE A 93 -3.17 1.82 -0.86
N TYR A 94 -3.71 0.62 -0.99
CA TYR A 94 -3.15 -0.38 -1.88
C TYR A 94 -3.19 0.10 -3.32
N ALA A 95 -4.30 0.73 -3.70
CA ALA A 95 -4.45 1.30 -5.03
C ALA A 95 -3.43 2.41 -5.26
N ALA A 96 -3.29 3.28 -4.27
CA ALA A 96 -2.34 4.37 -4.32
C ALA A 96 -0.92 3.83 -4.48
N MET A 97 -0.57 2.84 -3.67
CA MET A 97 0.76 2.27 -3.68
C MET A 97 1.09 1.62 -5.02
N THR A 98 0.13 0.95 -5.63
CA THR A 98 0.36 0.29 -6.90
C THR A 98 0.43 1.27 -8.06
N GLU A 99 -0.38 2.32 -8.02
CA GLU A 99 -0.31 3.37 -9.03
C GLU A 99 1.01 4.11 -8.93
N PHE A 100 1.53 4.19 -7.71
CA PHE A 100 2.77 4.89 -7.43
C PHE A 100 3.99 4.01 -7.70
N LEU A 101 4.05 2.86 -7.04
CA LEU A 101 5.23 1.99 -7.13
C LEU A 101 5.31 1.29 -8.47
N GLY A 102 4.17 1.08 -9.11
CA GLY A 102 4.15 0.44 -10.41
C GLY A 102 4.71 1.33 -11.50
N LEU A 103 5.01 2.57 -11.13
CA LEU A 103 5.64 3.50 -12.05
C LEU A 103 7.16 3.37 -11.99
N PHE A 104 7.65 2.59 -11.03
CA PHE A 104 9.10 2.40 -10.86
C PHE A 104 9.50 0.98 -11.20
N VAL A 105 8.59 0.24 -11.82
CA VAL A 105 8.82 -1.17 -12.14
C VAL A 105 9.74 -1.33 -13.34
N ASP A 106 10.42 -2.46 -13.39
CA ASP A 106 11.35 -2.76 -14.47
C ASP A 106 10.61 -3.43 -15.63
N GLU A 107 10.02 -2.59 -16.49
CA GLU A 107 9.33 -3.00 -17.72
C GLU A 107 8.60 -4.34 -17.62
N LYS A 108 9.34 -5.43 -17.88
CA LYS A 108 8.80 -6.77 -17.91
C LYS A 108 7.91 -7.07 -16.70
N LYS A 109 8.35 -6.62 -15.53
CA LYS A 109 7.65 -6.91 -14.29
C LYS A 109 6.57 -5.87 -14.01
N LEU A 110 6.07 -5.23 -15.07
CA LEU A 110 4.95 -4.31 -14.94
C LEU A 110 3.65 -5.10 -14.83
N GLU A 111 3.73 -6.38 -15.24
CA GLU A 111 2.64 -7.34 -15.12
C GLU A 111 1.49 -7.04 -16.10
N HIS A 112 0.97 -5.83 -16.03
CA HIS A 112 -0.20 -5.47 -16.84
C HIS A 112 0.22 -5.05 -18.24
N HIS A 113 -0.72 -5.11 -19.17
CA HIS A 113 -0.48 -4.66 -20.53
C HIS A 113 -0.60 -3.14 -20.59
N HIS A 114 0.29 -2.46 -19.88
CA HIS A 114 0.25 -1.01 -19.78
C HIS A 114 1.03 -0.38 -20.93
N HIS A 115 2.34 -0.58 -20.92
CA HIS A 115 3.22 -0.10 -21.99
C HIS A 115 4.65 -0.54 -21.70
N HIS A 116 5.29 -1.20 -22.67
CA HIS A 116 6.66 -1.66 -22.49
C HIS A 116 7.65 -0.61 -22.97
N HIS A 117 8.10 0.22 -22.04
CA HIS A 117 9.06 1.26 -22.35
C HIS A 117 10.27 1.13 -21.44
N LEU A 1 13.08 7.13 -13.61
CA LEU A 1 12.51 6.89 -12.27
C LEU A 1 13.26 5.79 -11.53
N ASN A 2 13.99 6.17 -10.49
CA ASN A 2 14.68 5.19 -9.66
C ASN A 2 14.02 5.08 -8.29
N ILE A 3 13.89 3.86 -7.79
CA ILE A 3 13.21 3.63 -6.53
C ILE A 3 14.21 3.44 -5.39
N GLU A 4 15.46 3.17 -5.76
CA GLU A 4 16.49 2.79 -4.80
C GLU A 4 16.88 3.94 -3.87
N ARG A 5 16.47 5.15 -4.21
CA ARG A 5 16.74 6.31 -3.37
C ARG A 5 15.49 7.15 -3.20
N LEU A 6 14.35 6.51 -3.43
CA LEU A 6 13.06 7.14 -3.22
C LEU A 6 12.74 7.16 -1.73
N THR A 7 12.57 8.34 -1.16
CA THR A 7 12.33 8.47 0.27
C THR A 7 11.13 9.37 0.55
N THR A 8 10.28 9.55 -0.45
CA THR A 8 9.09 10.38 -0.28
C THR A 8 7.82 9.65 -0.72
N LEU A 9 6.78 9.81 0.07
CA LEU A 9 5.45 9.33 -0.28
C LEU A 9 4.47 10.50 -0.23
N GLN A 10 5.01 11.70 -0.35
CA GLN A 10 4.21 12.92 -0.24
C GLN A 10 3.02 12.94 -1.22
N PRO A 11 3.25 12.66 -2.54
CA PRO A 11 2.15 12.62 -3.52
C PRO A 11 1.11 11.56 -3.18
N VAL A 12 1.54 10.49 -2.53
CA VAL A 12 0.65 9.39 -2.16
C VAL A 12 -0.30 9.84 -1.07
N TRP A 13 0.24 10.54 -0.07
CA TRP A 13 -0.56 11.06 1.04
C TRP A 13 -1.59 12.07 0.55
N ASP A 14 -1.18 12.91 -0.40
CA ASP A 14 -2.09 13.91 -0.96
C ASP A 14 -3.26 13.23 -1.66
N ARG A 15 -2.94 12.26 -2.51
CA ARG A 15 -3.96 11.49 -3.22
C ARG A 15 -4.87 10.75 -2.25
N TYR A 16 -4.26 10.10 -1.26
CA TYR A 16 -5.01 9.34 -0.26
C TYR A 16 -6.06 10.22 0.41
N ASP A 17 -5.64 11.37 0.90
CA ASP A 17 -6.57 12.30 1.55
C ASP A 17 -7.64 12.79 0.59
N THR A 18 -7.23 13.10 -0.64
CA THR A 18 -8.14 13.66 -1.62
C THR A 18 -9.13 12.64 -2.17
N GLN A 19 -8.92 11.37 -1.86
CA GLN A 19 -9.89 10.36 -2.22
C GLN A 19 -10.69 9.91 -1.02
N ILE A 20 -10.03 9.84 0.14
CA ILE A 20 -10.69 9.48 1.38
C ILE A 20 -11.85 10.44 1.68
N HIS A 21 -11.77 11.66 1.16
CA HIS A 21 -12.84 12.63 1.35
C HIS A 21 -13.76 12.70 0.11
N ASN A 22 -13.70 11.69 -0.74
CA ASN A 22 -14.56 11.62 -1.92
C ASN A 22 -14.97 10.18 -2.18
N GLN A 23 -16.21 9.85 -1.82
CA GLN A 23 -16.67 8.47 -1.87
C GLN A 23 -17.31 8.11 -3.21
N LYS A 24 -16.78 7.06 -3.83
CA LYS A 24 -17.41 6.38 -4.97
C LYS A 24 -17.32 7.19 -6.27
N ASP A 25 -16.71 8.36 -6.21
CA ASP A 25 -16.53 9.18 -7.41
C ASP A 25 -15.17 8.90 -8.02
N ASN A 26 -15.10 7.86 -8.84
CA ASN A 26 -13.83 7.37 -9.39
C ASN A 26 -14.06 6.13 -10.23
N ASP A 27 -13.39 6.04 -11.36
CA ASP A 27 -13.48 4.86 -12.23
C ASP A 27 -12.29 3.95 -11.97
N ASN A 28 -12.15 3.57 -10.71
CA ASN A 28 -11.05 2.71 -10.27
C ASN A 28 -11.22 2.46 -8.79
N GLU A 29 -10.36 1.61 -8.21
CA GLU A 29 -10.37 1.37 -6.77
C GLU A 29 -11.73 0.87 -6.30
N VAL A 30 -12.03 -0.37 -6.64
CA VAL A 30 -13.29 -1.00 -6.30
C VAL A 30 -13.05 -2.24 -5.46
N PRO A 31 -14.10 -2.79 -4.82
CA PRO A 31 -13.97 -4.03 -4.05
C PRO A 31 -13.46 -5.19 -4.91
N VAL A 32 -12.22 -5.58 -4.67
CA VAL A 32 -11.57 -6.61 -5.44
C VAL A 32 -10.63 -7.37 -4.52
N HIS A 33 -10.30 -8.60 -4.92
CA HIS A 33 -9.38 -9.47 -4.17
C HIS A 33 -10.10 -10.15 -3.01
N GLN A 34 -11.06 -9.43 -2.42
CA GLN A 34 -11.75 -9.83 -1.20
C GLN A 34 -10.77 -9.77 -0.02
N VAL A 35 -11.27 -9.64 1.19
CA VAL A 35 -10.40 -9.48 2.33
C VAL A 35 -10.76 -10.50 3.39
N SER A 36 -9.92 -11.50 3.51
CA SER A 36 -10.23 -12.66 4.31
C SER A 36 -9.14 -12.91 5.34
N TYR A 37 -8.54 -11.82 5.82
CA TYR A 37 -7.38 -11.88 6.74
C TYR A 37 -6.14 -12.39 5.98
N THR A 38 -6.24 -13.57 5.39
CA THR A 38 -5.15 -14.13 4.61
C THR A 38 -4.79 -13.20 3.46
N ASN A 39 -5.83 -12.68 2.83
CA ASN A 39 -5.67 -11.83 1.67
C ASN A 39 -5.02 -10.51 2.04
N LEU A 40 -5.22 -10.08 3.27
CA LEU A 40 -4.62 -8.83 3.72
C LEU A 40 -3.11 -8.98 3.76
N ALA A 41 -2.63 -10.12 4.24
CA ALA A 41 -1.21 -10.41 4.31
C ALA A 41 -0.61 -10.50 2.90
N GLU A 42 -1.46 -10.77 1.92
CA GLU A 42 -1.04 -10.80 0.53
C GLU A 42 -0.60 -9.41 0.08
N MET A 43 -1.49 -8.43 0.21
CA MET A 43 -1.18 -7.06 -0.20
C MET A 43 -0.18 -6.41 0.75
N VAL A 44 -0.25 -6.74 2.03
CA VAL A 44 0.71 -6.22 3.00
C VAL A 44 2.11 -6.77 2.70
N GLY A 45 2.17 -8.05 2.34
CA GLY A 45 3.43 -8.69 2.03
C GLY A 45 4.13 -8.06 0.84
N GLU A 46 3.39 -7.89 -0.25
CA GLU A 46 3.95 -7.29 -1.46
C GLU A 46 4.32 -5.83 -1.21
N MET A 47 3.49 -5.13 -0.43
CA MET A 47 3.73 -3.73 -0.11
C MET A 47 4.99 -3.56 0.73
N ASN A 48 5.20 -4.48 1.67
CA ASN A 48 6.40 -4.45 2.51
C ASN A 48 7.66 -4.51 1.64
N LYS A 49 7.62 -5.31 0.58
CA LYS A 49 8.79 -5.52 -0.25
C LYS A 49 8.96 -4.38 -1.26
N LEU A 50 7.94 -3.54 -1.39
CA LEU A 50 8.02 -2.36 -2.26
C LEU A 50 8.84 -1.27 -1.58
N LEU A 51 8.89 -1.34 -0.26
CA LEU A 51 9.54 -0.32 0.54
C LEU A 51 10.79 -0.89 1.23
N GLU A 52 11.30 -1.98 0.67
CA GLU A 52 12.55 -2.57 1.15
C GLU A 52 13.76 -2.04 0.37
N PRO A 53 13.74 -2.06 -0.99
CA PRO A 53 14.85 -1.54 -1.81
C PRO A 53 14.81 -0.02 -1.94
N SER A 54 13.84 0.59 -1.29
CA SER A 54 13.71 2.04 -1.29
C SER A 54 14.10 2.61 0.06
N GLN A 55 14.12 3.94 0.18
CA GLN A 55 14.53 4.58 1.42
C GLN A 55 13.34 4.73 2.37
N VAL A 56 12.14 4.63 1.82
CA VAL A 56 10.93 4.72 2.63
C VAL A 56 10.70 3.40 3.34
N HIS A 57 11.44 3.15 4.41
CA HIS A 57 11.32 1.90 5.12
C HIS A 57 10.14 1.93 6.07
N LEU A 58 8.96 1.63 5.53
CA LEU A 58 7.75 1.55 6.34
C LEU A 58 7.48 0.11 6.74
N LYS A 59 7.44 -0.12 8.04
CA LYS A 59 7.19 -1.45 8.58
C LYS A 59 5.71 -1.62 8.89
N PHE A 60 5.02 -2.41 8.11
CA PHE A 60 3.60 -2.63 8.30
C PHE A 60 3.34 -3.78 9.26
N GLU A 61 2.51 -3.52 10.26
CA GLU A 61 2.16 -4.53 11.25
C GLU A 61 0.67 -4.83 11.21
N LEU A 62 0.33 -6.10 11.25
CA LEU A 62 -1.07 -6.51 11.29
C LEU A 62 -1.47 -6.79 12.72
N HIS A 63 -2.46 -6.07 13.21
CA HIS A 63 -2.96 -6.27 14.55
C HIS A 63 -4.48 -6.23 14.57
N ASP A 64 -5.07 -7.28 15.10
CA ASP A 64 -6.53 -7.41 15.13
C ASP A 64 -7.05 -7.03 16.51
N LYS A 65 -8.26 -6.51 16.54
CA LYS A 65 -8.88 -6.08 17.78
C LYS A 65 -10.11 -6.94 18.07
N LEU A 66 -11.19 -6.33 18.55
CA LEU A 66 -12.42 -7.05 18.89
C LEU A 66 -12.85 -7.98 17.76
N ASN A 67 -12.98 -7.44 16.56
CA ASN A 67 -13.35 -8.24 15.40
C ASN A 67 -12.58 -7.82 14.16
N GLU A 68 -12.27 -6.53 14.06
CA GLU A 68 -11.59 -6.01 12.88
C GLU A 68 -10.09 -6.11 13.04
N TYR A 69 -9.40 -6.21 11.92
CA TYR A 69 -7.95 -6.29 11.89
C TYR A 69 -7.40 -5.23 10.94
N TYR A 70 -6.48 -4.40 11.42
CA TYR A 70 -6.00 -3.29 10.62
C TYR A 70 -4.47 -3.30 10.53
N VAL A 71 -3.94 -2.46 9.65
CA VAL A 71 -2.51 -2.41 9.39
C VAL A 71 -1.88 -1.14 9.94
N LYS A 72 -0.85 -1.32 10.75
CA LYS A 72 -0.13 -0.20 11.34
C LYS A 72 1.09 0.13 10.50
N VAL A 73 1.33 1.42 10.29
CA VAL A 73 2.52 1.84 9.56
C VAL A 73 3.56 2.35 10.55
N ILE A 74 4.67 1.63 10.64
CA ILE A 74 5.74 1.99 11.54
C ILE A 74 6.95 2.45 10.73
N GLU A 75 7.29 3.72 10.85
CA GLU A 75 8.45 4.26 10.18
C GLU A 75 9.71 3.69 10.85
N ASP A 76 10.49 2.93 10.08
CA ASP A 76 11.61 2.16 10.62
C ASP A 76 12.62 3.02 11.38
N SER A 77 12.97 4.18 10.83
CA SER A 77 14.05 4.99 11.36
C SER A 77 13.68 5.56 12.73
N THR A 78 12.38 5.70 12.98
CA THR A 78 11.88 6.21 14.24
C THR A 78 11.33 5.10 15.12
N ASN A 79 10.84 4.04 14.49
CA ASN A 79 10.23 2.88 15.17
C ASN A 79 8.91 3.28 15.82
N GLU A 80 8.31 4.37 15.34
CA GLU A 80 7.02 4.81 15.86
C GLU A 80 5.94 4.59 14.81
N VAL A 81 4.69 4.52 15.26
CA VAL A 81 3.57 4.35 14.35
C VAL A 81 3.11 5.71 13.84
N ILE A 82 3.31 5.94 12.55
CA ILE A 82 2.99 7.23 11.95
C ILE A 82 1.64 7.22 11.25
N ARG A 83 1.06 6.02 11.10
CA ARG A 83 -0.23 5.88 10.46
C ARG A 83 -0.85 4.53 10.78
N GLU A 84 -2.18 4.48 10.85
CA GLU A 84 -2.90 3.23 11.02
C GLU A 84 -4.05 3.14 10.02
N ILE A 85 -3.99 2.17 9.13
CA ILE A 85 -4.99 2.02 8.09
C ILE A 85 -5.97 0.90 8.45
N PRO A 86 -7.26 1.24 8.54
CA PRO A 86 -8.32 0.26 8.84
C PRO A 86 -8.61 -0.62 7.63
N PRO A 87 -9.10 -1.86 7.86
CA PRO A 87 -9.33 -2.84 6.80
C PRO A 87 -10.31 -2.34 5.73
N LYS A 88 -11.28 -1.53 6.16
CA LYS A 88 -12.31 -1.03 5.27
C LYS A 88 -11.76 0.01 4.28
N ARG A 89 -10.56 0.50 4.54
CA ARG A 89 -9.96 1.51 3.68
C ARG A 89 -8.52 1.15 3.32
N TRP A 90 -8.20 -0.13 3.39
CA TRP A 90 -6.86 -0.60 3.01
C TRP A 90 -6.68 -0.52 1.50
N LEU A 91 -7.73 -0.82 0.77
CA LEU A 91 -7.67 -0.87 -0.69
C LEU A 91 -7.39 0.52 -1.25
N ASP A 92 -7.94 1.53 -0.60
CA ASP A 92 -7.68 2.92 -0.94
C ASP A 92 -6.18 3.19 -0.89
N PHE A 93 -5.58 2.80 0.22
CA PHE A 93 -4.16 3.03 0.47
C PHE A 93 -3.31 2.19 -0.49
N TYR A 94 -3.67 0.93 -0.64
CA TYR A 94 -2.93 0.01 -1.49
C TYR A 94 -2.91 0.47 -2.95
N ALA A 95 -4.08 0.86 -3.46
CA ALA A 95 -4.20 1.25 -4.85
C ALA A 95 -3.35 2.48 -5.16
N ALA A 96 -3.37 3.44 -4.24
CA ALA A 96 -2.58 4.65 -4.41
C ALA A 96 -1.09 4.34 -4.53
N MET A 97 -0.64 3.35 -3.76
CA MET A 97 0.77 2.98 -3.75
C MET A 97 1.14 2.08 -4.93
N THR A 98 0.25 1.19 -5.33
CA THR A 98 0.56 0.24 -6.39
C THR A 98 0.63 0.93 -7.75
N GLU A 99 -0.08 2.04 -7.91
CA GLU A 99 0.06 2.85 -9.12
C GLU A 99 1.34 3.69 -9.05
N PHE A 100 1.76 4.03 -7.85
CA PHE A 100 2.93 4.87 -7.66
C PHE A 100 4.22 4.05 -7.74
N LEU A 101 4.35 3.04 -6.88
CA LEU A 101 5.56 2.22 -6.86
C LEU A 101 5.50 1.17 -7.96
N GLY A 102 4.32 0.99 -8.54
CA GLY A 102 4.16 0.07 -9.65
C GLY A 102 4.78 0.64 -10.92
N LEU A 103 5.04 1.94 -10.91
CA LEU A 103 5.72 2.59 -12.02
C LEU A 103 7.22 2.28 -11.96
N PHE A 104 7.67 1.80 -10.82
CA PHE A 104 9.06 1.43 -10.63
C PHE A 104 9.22 -0.08 -10.74
N VAL A 105 8.26 -0.80 -10.16
CA VAL A 105 8.28 -2.25 -10.17
C VAL A 105 7.34 -2.79 -11.24
N ASP A 106 7.92 -3.17 -12.36
CA ASP A 106 7.16 -3.72 -13.48
C ASP A 106 7.64 -5.13 -13.78
N GLU A 107 8.38 -5.68 -12.83
CA GLU A 107 8.96 -7.00 -12.98
C GLU A 107 7.90 -8.09 -12.95
N LYS A 108 7.25 -8.27 -11.82
CA LYS A 108 6.19 -9.26 -11.70
C LYS A 108 4.85 -8.68 -12.16
N LYS A 109 4.87 -7.41 -12.53
CA LYS A 109 3.72 -6.79 -13.19
C LYS A 109 3.87 -6.86 -14.69
N LEU A 110 4.86 -7.63 -15.15
CA LEU A 110 5.19 -7.71 -16.57
C LEU A 110 4.07 -8.37 -17.37
N GLU A 111 3.23 -9.15 -16.67
CA GLU A 111 2.08 -9.86 -17.26
C GLU A 111 2.53 -11.01 -18.17
N HIS A 112 3.44 -10.72 -19.09
CA HIS A 112 3.87 -11.70 -20.08
C HIS A 112 4.91 -12.65 -19.46
N HIS A 113 4.43 -13.73 -18.89
CA HIS A 113 5.28 -14.71 -18.23
C HIS A 113 4.50 -15.98 -17.93
N HIS A 114 4.30 -16.80 -18.97
CA HIS A 114 3.63 -18.10 -18.87
C HIS A 114 2.29 -17.98 -18.14
N HIS A 115 1.23 -17.76 -18.89
CA HIS A 115 -0.09 -17.67 -18.29
C HIS A 115 -0.71 -19.05 -18.16
N HIS A 116 -1.11 -19.42 -16.95
CA HIS A 116 -1.93 -20.58 -16.74
C HIS A 116 -3.35 -20.09 -16.49
N HIS A 117 -4.00 -19.72 -17.58
CA HIS A 117 -5.26 -18.98 -17.52
C HIS A 117 -5.84 -18.94 -18.92
N LEU A 1 12.91 6.99 -12.77
CA LEU A 1 12.83 7.21 -11.32
C LEU A 1 13.47 6.04 -10.58
N ASN A 2 14.52 6.32 -9.83
CA ASN A 2 15.23 5.28 -9.09
C ASN A 2 14.62 5.09 -7.71
N ILE A 3 14.01 3.92 -7.51
CA ILE A 3 13.37 3.61 -6.24
C ILE A 3 14.42 3.40 -5.14
N GLU A 4 15.64 3.07 -5.56
CA GLU A 4 16.75 2.83 -4.64
C GLU A 4 17.00 4.03 -3.71
N ARG A 5 16.64 5.21 -4.16
CA ARG A 5 16.90 6.42 -3.38
C ARG A 5 15.60 7.16 -3.13
N LEU A 6 14.49 6.45 -3.28
CA LEU A 6 13.17 7.01 -3.06
C LEU A 6 12.89 7.12 -1.58
N THR A 7 12.65 8.35 -1.12
CA THR A 7 12.33 8.59 0.27
C THR A 7 11.28 9.72 0.39
N THR A 8 10.04 9.39 0.04
CA THR A 8 8.93 10.32 0.16
C THR A 8 7.59 9.62 -0.07
N LEU A 9 6.68 9.77 0.88
CA LEU A 9 5.34 9.23 0.76
C LEU A 9 4.34 10.35 0.49
N GLN A 10 4.86 11.55 0.24
CA GLN A 10 4.03 12.73 0.03
C GLN A 10 3.01 12.52 -1.11
N PRO A 11 3.43 12.05 -2.31
CA PRO A 11 2.50 11.79 -3.40
C PRO A 11 1.49 10.71 -3.06
N VAL A 12 1.89 9.80 -2.17
CA VAL A 12 1.02 8.71 -1.74
C VAL A 12 -0.09 9.26 -0.85
N TRP A 13 0.30 10.05 0.14
CA TRP A 13 -0.64 10.69 1.05
C TRP A 13 -1.58 11.61 0.28
N ASP A 14 -1.04 12.31 -0.70
CA ASP A 14 -1.82 13.20 -1.54
C ASP A 14 -2.94 12.44 -2.24
N ARG A 15 -2.57 11.35 -2.91
CA ARG A 15 -3.53 10.54 -3.63
C ARG A 15 -4.44 9.78 -2.66
N TYR A 16 -3.96 9.52 -1.45
CA TYR A 16 -4.77 8.84 -0.44
C TYR A 16 -5.90 9.76 0.02
N ASP A 17 -5.60 11.03 0.21
CA ASP A 17 -6.63 12.00 0.54
C ASP A 17 -7.65 12.04 -0.58
N THR A 18 -7.17 12.24 -1.81
CA THR A 18 -8.02 12.27 -2.99
C THR A 18 -8.87 10.99 -3.10
N GLN A 19 -8.24 9.85 -2.87
CA GLN A 19 -8.93 8.56 -2.89
C GLN A 19 -10.10 8.57 -1.92
N ILE A 20 -9.88 9.16 -0.76
CA ILE A 20 -10.88 9.29 0.29
C ILE A 20 -12.13 10.05 -0.21
N HIS A 21 -12.04 10.66 -1.39
CA HIS A 21 -13.17 11.39 -1.97
C HIS A 21 -13.95 10.50 -2.94
N ASN A 22 -13.47 9.27 -3.14
CA ASN A 22 -14.07 8.39 -4.14
C ASN A 22 -13.85 6.91 -3.80
N GLN A 23 -14.79 6.33 -3.06
CA GLN A 23 -14.73 4.92 -2.70
C GLN A 23 -15.48 4.08 -3.70
N LYS A 24 -14.76 3.55 -4.68
CA LYS A 24 -15.35 2.67 -5.68
C LYS A 24 -14.26 1.84 -6.34
N ASP A 25 -14.63 0.72 -6.94
CA ASP A 25 -13.66 -0.08 -7.67
C ASP A 25 -13.40 0.54 -9.04
N ASN A 26 -12.35 1.33 -9.11
CA ASN A 26 -12.02 2.09 -10.31
C ASN A 26 -10.97 1.34 -11.13
N ASP A 27 -10.90 1.68 -12.42
CA ASP A 27 -9.94 1.08 -13.35
C ASP A 27 -10.21 -0.42 -13.51
N ASN A 28 -9.52 -1.23 -12.70
CA ASN A 28 -9.61 -2.69 -12.77
C ASN A 28 -8.56 -3.31 -11.85
N GLU A 29 -7.46 -2.59 -11.68
CA GLU A 29 -6.29 -3.13 -10.99
C GLU A 29 -6.40 -3.02 -9.46
N VAL A 30 -7.62 -2.96 -8.95
CA VAL A 30 -7.81 -2.86 -7.52
C VAL A 30 -8.82 -3.88 -7.02
N PRO A 31 -8.43 -4.67 -6.02
CA PRO A 31 -9.34 -5.61 -5.34
C PRO A 31 -10.40 -4.86 -4.54
N VAL A 32 -11.59 -5.44 -4.45
CA VAL A 32 -12.68 -4.78 -3.75
C VAL A 32 -13.56 -5.81 -3.06
N HIS A 33 -13.73 -5.62 -1.75
CA HIS A 33 -14.52 -6.52 -0.91
C HIS A 33 -13.84 -7.87 -0.74
N GLN A 34 -14.30 -8.61 0.26
CA GLN A 34 -13.82 -9.97 0.54
C GLN A 34 -12.34 -10.00 0.89
N VAL A 35 -11.83 -8.89 1.39
CA VAL A 35 -10.45 -8.85 1.85
C VAL A 35 -10.37 -9.55 3.20
N SER A 36 -10.06 -10.83 3.16
CA SER A 36 -10.07 -11.66 4.33
C SER A 36 -8.75 -11.55 5.10
N TYR A 37 -8.71 -12.17 6.28
CA TYR A 37 -7.55 -12.16 7.15
C TYR A 37 -6.29 -12.66 6.41
N THR A 38 -6.48 -13.66 5.55
CA THR A 38 -5.38 -14.20 4.76
C THR A 38 -4.91 -13.16 3.73
N ASN A 39 -5.87 -12.45 3.12
CA ASN A 39 -5.57 -11.48 2.09
C ASN A 39 -4.76 -10.32 2.67
N LEU A 40 -5.05 -9.96 3.90
CA LEU A 40 -4.26 -8.94 4.60
C LEU A 40 -2.79 -9.29 4.58
N ALA A 41 -2.46 -10.50 5.04
CA ALA A 41 -1.08 -10.96 5.08
C ALA A 41 -0.45 -10.96 3.68
N GLU A 42 -1.24 -11.36 2.70
CA GLU A 42 -0.79 -11.40 1.32
C GLU A 42 -0.52 -9.99 0.78
N MET A 43 -1.53 -9.15 0.87
CA MET A 43 -1.50 -7.80 0.30
C MET A 43 -0.49 -6.91 1.02
N VAL A 44 -0.26 -7.17 2.29
CA VAL A 44 0.78 -6.46 3.03
C VAL A 44 2.15 -6.92 2.54
N GLY A 45 2.33 -8.23 2.44
CA GLY A 45 3.60 -8.81 2.05
C GLY A 45 4.07 -8.35 0.67
N GLU A 46 3.13 -8.26 -0.28
CA GLU A 46 3.47 -7.83 -1.63
C GLU A 46 3.79 -6.34 -1.67
N MET A 47 3.23 -5.59 -0.72
CA MET A 47 3.55 -4.18 -0.59
C MET A 47 4.90 -4.00 0.10
N ASN A 48 5.19 -4.91 1.03
CA ASN A 48 6.48 -4.91 1.72
C ASN A 48 7.63 -4.89 0.72
N LYS A 49 7.61 -5.84 -0.20
CA LYS A 49 8.66 -5.97 -1.21
C LYS A 49 8.67 -4.81 -2.20
N LEU A 50 7.61 -4.01 -2.19
CA LEU A 50 7.55 -2.83 -3.05
C LEU A 50 8.33 -1.67 -2.42
N LEU A 51 8.36 -1.65 -1.10
CA LEU A 51 9.02 -0.56 -0.37
C LEU A 51 10.35 -1.01 0.19
N GLU A 52 10.73 -2.24 -0.10
CA GLU A 52 12.03 -2.76 0.30
C GLU A 52 13.17 -2.05 -0.43
N PRO A 53 13.11 -1.93 -1.78
CA PRO A 53 14.17 -1.25 -2.56
C PRO A 53 14.29 0.23 -2.23
N SER A 54 13.21 0.82 -1.71
CA SER A 54 13.20 2.23 -1.39
C SER A 54 13.77 2.49 -0.01
N GLN A 55 14.01 3.77 0.30
CA GLN A 55 14.56 4.17 1.59
C GLN A 55 13.48 4.17 2.65
N VAL A 56 12.23 4.25 2.21
CA VAL A 56 11.10 4.29 3.11
C VAL A 56 10.72 2.89 3.54
N HIS A 57 11.39 2.39 4.57
CA HIS A 57 11.07 1.08 5.11
C HIS A 57 9.91 1.17 6.07
N LEU A 58 8.71 1.10 5.51
CA LEU A 58 7.50 1.07 6.33
C LEU A 58 7.24 -0.33 6.84
N LYS A 59 7.20 -0.49 8.14
CA LYS A 59 6.87 -1.77 8.74
C LYS A 59 5.36 -1.82 9.01
N PHE A 60 4.71 -2.79 8.42
CA PHE A 60 3.28 -2.95 8.58
C PHE A 60 2.99 -4.13 9.50
N GLU A 61 2.31 -3.87 10.61
CA GLU A 61 1.96 -4.94 11.53
C GLU A 61 0.45 -5.07 11.65
N LEU A 62 -0.03 -6.29 11.58
CA LEU A 62 -1.45 -6.55 11.67
C LEU A 62 -1.84 -6.83 13.12
N HIS A 63 -2.67 -5.97 13.69
CA HIS A 63 -3.11 -6.16 15.06
C HIS A 63 -4.62 -6.10 15.13
N ASP A 64 -5.18 -7.02 15.90
CA ASP A 64 -6.62 -7.21 15.98
C ASP A 64 -7.15 -6.75 17.33
N LYS A 65 -8.45 -6.49 17.38
CA LYS A 65 -9.13 -6.12 18.62
C LYS A 65 -10.64 -6.19 18.44
N LEU A 66 -11.30 -6.87 19.37
CA LEU A 66 -12.75 -7.01 19.39
C LEU A 66 -13.23 -7.80 18.18
N ASN A 67 -13.35 -7.12 17.04
CA ASN A 67 -13.74 -7.77 15.79
C ASN A 67 -13.08 -7.07 14.61
N GLU A 68 -12.14 -6.19 14.91
CA GLU A 68 -11.44 -5.44 13.88
C GLU A 68 -9.97 -5.84 13.87
N TYR A 69 -9.34 -5.67 12.72
CA TYR A 69 -7.91 -5.93 12.58
C TYR A 69 -7.36 -5.08 11.46
N TYR A 70 -6.45 -4.17 11.78
CA TYR A 70 -5.95 -3.24 10.79
C TYR A 70 -4.43 -3.21 10.77
N VAL A 71 -3.89 -2.46 9.82
CA VAL A 71 -2.47 -2.43 9.56
C VAL A 71 -1.81 -1.22 10.23
N LYS A 72 -0.89 -1.51 11.14
CA LYS A 72 -0.10 -0.49 11.79
C LYS A 72 1.06 -0.08 10.88
N VAL A 73 1.12 1.19 10.53
CA VAL A 73 2.20 1.68 9.70
C VAL A 73 3.28 2.30 10.57
N ILE A 74 4.45 1.69 10.56
CA ILE A 74 5.58 2.17 11.34
C ILE A 74 6.72 2.59 10.43
N GLU A 75 7.07 3.86 10.46
CA GLU A 75 8.22 4.35 9.71
C GLU A 75 9.49 3.93 10.46
N ASP A 76 10.22 2.97 9.90
CA ASP A 76 11.33 2.34 10.62
C ASP A 76 12.47 3.32 10.91
N SER A 77 12.48 4.46 10.22
CA SER A 77 13.50 5.47 10.45
C SER A 77 13.24 6.26 11.74
N THR A 78 11.98 6.37 12.11
CA THR A 78 11.59 7.06 13.33
C THR A 78 11.16 6.05 14.40
N ASN A 79 10.81 4.85 13.95
CA ASN A 79 10.43 3.73 14.83
C ASN A 79 9.13 4.01 15.57
N GLU A 80 8.34 4.94 15.07
CA GLU A 80 7.06 5.27 15.70
C GLU A 80 5.90 4.89 14.79
N VAL A 81 4.74 4.65 15.38
CA VAL A 81 3.55 4.28 14.62
C VAL A 81 2.90 5.53 14.06
N ILE A 82 3.18 5.82 12.80
CA ILE A 82 2.72 7.05 12.17
C ILE A 82 1.28 6.95 11.67
N ARG A 83 0.74 5.73 11.59
CA ARG A 83 -0.64 5.56 11.13
C ARG A 83 -1.15 4.16 11.43
N GLU A 84 -2.46 4.05 11.62
CA GLU A 84 -3.12 2.76 11.72
C GLU A 84 -4.24 2.70 10.70
N ILE A 85 -4.00 1.98 9.60
CA ILE A 85 -4.92 1.98 8.48
C ILE A 85 -5.82 0.75 8.49
N PRO A 86 -7.15 0.96 8.55
CA PRO A 86 -8.13 -0.12 8.49
C PRO A 86 -8.10 -0.83 7.13
N PRO A 87 -8.35 -2.15 7.12
CA PRO A 87 -8.24 -2.96 5.90
C PRO A 87 -9.22 -2.52 4.81
N LYS A 88 -10.29 -1.86 5.22
CA LYS A 88 -11.30 -1.38 4.30
C LYS A 88 -10.82 -0.15 3.53
N ARG A 89 -9.77 0.49 4.03
CA ARG A 89 -9.16 1.62 3.33
C ARG A 89 -7.74 1.28 2.92
N TRP A 90 -7.38 0.01 3.12
CA TRP A 90 -6.09 -0.50 2.68
C TRP A 90 -6.08 -0.60 1.17
N LEU A 91 -7.26 -0.79 0.60
CA LEU A 91 -7.44 -0.87 -0.84
C LEU A 91 -7.11 0.46 -1.50
N ASP A 92 -7.64 1.53 -0.91
CA ASP A 92 -7.39 2.89 -1.39
C ASP A 92 -5.90 3.19 -1.30
N PHE A 93 -5.28 2.75 -0.21
CA PHE A 93 -3.85 2.93 0.00
C PHE A 93 -3.06 2.16 -1.05
N TYR A 94 -3.48 0.92 -1.31
CA TYR A 94 -2.83 0.07 -2.30
C TYR A 94 -2.95 0.70 -3.69
N ALA A 95 -4.10 1.29 -3.97
CA ALA A 95 -4.34 1.96 -5.24
C ALA A 95 -3.37 3.12 -5.42
N ALA A 96 -3.29 3.99 -4.41
CA ALA A 96 -2.37 5.13 -4.44
C ALA A 96 -0.92 4.64 -4.58
N MET A 97 -0.61 3.54 -3.89
CA MET A 97 0.72 2.96 -3.92
C MET A 97 1.07 2.46 -5.32
N THR A 98 0.19 1.72 -5.95
CA THR A 98 0.50 1.11 -7.25
C THR A 98 0.61 2.17 -8.36
N GLU A 99 -0.03 3.32 -8.17
CA GLU A 99 0.11 4.39 -9.15
C GLU A 99 1.48 5.05 -9.02
N PHE A 100 1.91 5.29 -7.78
CA PHE A 100 3.18 5.96 -7.53
C PHE A 100 4.34 4.97 -7.62
N LEU A 101 4.27 3.88 -6.85
CA LEU A 101 5.33 2.88 -6.82
C LEU A 101 5.38 2.13 -8.14
N GLY A 102 4.28 2.18 -8.89
CA GLY A 102 4.24 1.55 -10.20
C GLY A 102 4.90 2.39 -11.26
N LEU A 103 5.45 3.53 -10.85
CA LEU A 103 6.29 4.34 -11.73
C LEU A 103 7.73 3.91 -11.59
N PHE A 104 7.99 3.14 -10.53
CA PHE A 104 9.32 2.65 -10.26
C PHE A 104 9.44 1.19 -10.69
N VAL A 105 8.50 0.76 -11.54
CA VAL A 105 8.46 -0.63 -11.99
C VAL A 105 9.65 -0.97 -12.88
N ASP A 106 10.71 -1.43 -12.24
CA ASP A 106 11.87 -1.97 -12.93
C ASP A 106 11.48 -3.14 -13.80
N GLU A 107 11.08 -4.19 -13.11
CA GLU A 107 10.59 -5.43 -13.69
C GLU A 107 10.42 -6.45 -12.58
N LYS A 108 11.51 -6.67 -11.86
CA LYS A 108 11.54 -7.65 -10.78
C LYS A 108 10.64 -7.22 -9.62
N LYS A 109 10.21 -5.97 -9.66
CA LYS A 109 9.40 -5.41 -8.58
C LYS A 109 7.91 -5.59 -8.86
N LEU A 110 7.57 -5.91 -10.11
CA LEU A 110 6.17 -5.91 -10.55
C LEU A 110 5.37 -7.00 -9.84
N GLU A 111 5.93 -8.21 -9.80
CA GLU A 111 5.37 -9.36 -9.10
C GLU A 111 4.07 -9.88 -9.75
N HIS A 112 3.24 -8.97 -10.24
CA HIS A 112 1.99 -9.34 -10.89
C HIS A 112 2.26 -10.22 -12.11
N HIS A 113 1.93 -11.50 -11.98
CA HIS A 113 2.22 -12.50 -13.01
C HIS A 113 1.61 -12.12 -14.36
N HIS A 114 2.48 -11.74 -15.28
CA HIS A 114 2.12 -11.37 -16.64
C HIS A 114 3.36 -10.84 -17.35
N HIS A 115 4.27 -10.29 -16.53
CA HIS A 115 5.58 -9.81 -16.98
C HIS A 115 5.44 -8.60 -17.91
N HIS A 116 5.42 -7.42 -17.32
CA HIS A 116 5.44 -6.18 -18.09
C HIS A 116 6.79 -5.51 -17.92
N HIS A 117 7.48 -5.32 -19.02
CA HIS A 117 8.83 -4.77 -19.00
C HIS A 117 9.25 -4.35 -20.40
N LEU A 1 13.40 8.60 -11.58
CA LEU A 1 12.68 7.96 -10.45
C LEU A 1 13.66 7.44 -9.41
N ASN A 2 14.30 6.30 -9.73
CA ASN A 2 15.22 5.62 -8.84
C ASN A 2 14.64 5.42 -7.44
N ILE A 3 14.07 4.24 -7.21
CA ILE A 3 13.40 3.92 -5.94
C ILE A 3 14.39 3.89 -4.78
N GLU A 4 15.67 3.74 -5.09
CA GLU A 4 16.72 3.60 -4.08
C GLU A 4 16.86 4.90 -3.26
N ARG A 5 16.28 5.99 -3.76
CA ARG A 5 16.39 7.27 -3.07
C ARG A 5 15.01 7.78 -2.70
N LEU A 6 14.02 6.91 -2.86
CA LEU A 6 12.65 7.28 -2.55
C LEU A 6 12.45 7.31 -1.05
N THR A 7 12.51 8.51 -0.49
CA THR A 7 12.38 8.70 0.94
C THR A 7 11.16 9.58 1.26
N THR A 8 10.29 9.75 0.29
CA THR A 8 9.11 10.57 0.46
C THR A 8 7.88 9.87 -0.09
N LEU A 9 6.83 9.84 0.72
CA LEU A 9 5.57 9.23 0.33
C LEU A 9 4.49 10.28 0.18
N GLN A 10 4.93 11.52 -0.01
CA GLN A 10 4.02 12.65 -0.16
C GLN A 10 2.97 12.39 -1.28
N PRO A 11 3.39 12.03 -2.52
CA PRO A 11 2.46 11.75 -3.62
C PRO A 11 1.44 10.66 -3.26
N VAL A 12 1.80 9.78 -2.34
CA VAL A 12 0.90 8.73 -1.88
C VAL A 12 -0.11 9.29 -0.90
N TRP A 13 0.40 10.01 0.12
CA TRP A 13 -0.45 10.64 1.11
C TRP A 13 -1.41 11.62 0.46
N ASP A 14 -0.91 12.38 -0.50
CA ASP A 14 -1.70 13.34 -1.24
C ASP A 14 -2.90 12.67 -1.88
N ARG A 15 -2.66 11.56 -2.57
CA ARG A 15 -3.72 10.81 -3.24
C ARG A 15 -4.62 10.11 -2.23
N TYR A 16 -4.04 9.73 -1.10
CA TYR A 16 -4.78 9.07 -0.03
C TYR A 16 -5.78 10.02 0.62
N ASP A 17 -5.29 11.17 1.04
CA ASP A 17 -6.11 12.15 1.73
C ASP A 17 -7.20 12.68 0.81
N THR A 18 -6.88 12.84 -0.47
CA THR A 18 -7.84 13.38 -1.43
C THR A 18 -8.99 12.40 -1.71
N GLN A 19 -8.86 11.17 -1.23
CA GLN A 19 -9.97 10.24 -1.24
C GLN A 19 -10.65 10.22 0.11
N ILE A 20 -9.84 10.01 1.13
CA ILE A 20 -10.30 9.85 2.51
C ILE A 20 -11.09 11.07 3.01
N HIS A 21 -10.74 12.26 2.54
CA HIS A 21 -11.38 13.49 3.02
C HIS A 21 -12.76 13.68 2.39
N ASN A 22 -13.18 12.74 1.56
CA ASN A 22 -14.47 12.85 0.88
C ASN A 22 -15.29 11.58 1.04
N GLN A 23 -16.41 11.70 1.74
CA GLN A 23 -17.37 10.62 1.82
C GLN A 23 -18.69 11.06 1.21
N LYS A 24 -18.63 12.15 0.45
CA LYS A 24 -19.78 12.67 -0.26
C LYS A 24 -19.79 12.15 -1.69
N ASP A 25 -20.52 11.07 -1.93
CA ASP A 25 -20.58 10.46 -3.25
C ASP A 25 -21.78 9.52 -3.32
N ASN A 26 -22.17 9.12 -4.52
CA ASN A 26 -23.27 8.19 -4.70
C ASN A 26 -22.88 6.81 -4.19
N ASP A 27 -21.58 6.53 -4.24
CA ASP A 27 -21.01 5.25 -3.78
C ASP A 27 -21.46 4.11 -4.69
N ASN A 28 -20.70 3.92 -5.76
CA ASN A 28 -21.02 2.89 -6.74
C ASN A 28 -19.78 2.04 -7.03
N GLU A 29 -18.66 2.70 -7.32
CA GLU A 29 -17.42 2.01 -7.63
C GLU A 29 -16.54 1.89 -6.38
N VAL A 30 -17.03 1.16 -5.40
CA VAL A 30 -16.29 0.95 -4.16
C VAL A 30 -15.47 -0.34 -4.26
N PRO A 31 -14.16 -0.25 -3.96
CA PRO A 31 -13.26 -1.39 -3.97
C PRO A 31 -13.46 -2.27 -2.74
N VAL A 32 -13.98 -3.47 -2.95
CA VAL A 32 -14.31 -4.36 -1.85
C VAL A 32 -13.25 -5.42 -1.66
N HIS A 33 -13.09 -6.27 -2.68
CA HIS A 33 -12.14 -7.38 -2.66
C HIS A 33 -12.56 -8.47 -1.68
N GLN A 34 -13.66 -8.22 -0.95
CA GLN A 34 -14.08 -9.09 0.15
C GLN A 34 -12.90 -9.30 1.09
N VAL A 35 -12.59 -8.26 1.85
CA VAL A 35 -11.42 -8.23 2.71
C VAL A 35 -11.45 -9.41 3.66
N SER A 36 -10.42 -10.21 3.54
CA SER A 36 -10.37 -11.48 4.19
C SER A 36 -9.06 -11.60 4.97
N TYR A 37 -9.01 -12.54 5.90
CA TYR A 37 -7.79 -12.78 6.67
C TYR A 37 -6.63 -13.07 5.72
N THR A 38 -6.91 -13.89 4.72
CA THR A 38 -5.94 -14.21 3.70
C THR A 38 -5.56 -12.96 2.90
N ASN A 39 -6.55 -12.10 2.65
CA ASN A 39 -6.35 -10.94 1.80
C ASN A 39 -5.37 -9.97 2.44
N LEU A 40 -5.61 -9.64 3.71
CA LEU A 40 -4.77 -8.70 4.41
C LEU A 40 -3.36 -9.26 4.60
N ALA A 41 -3.26 -10.49 5.08
CA ALA A 41 -1.96 -11.11 5.30
C ALA A 41 -1.13 -11.12 4.01
N GLU A 42 -1.79 -11.50 2.92
CA GLU A 42 -1.15 -11.56 1.61
C GLU A 42 -0.73 -10.17 1.11
N MET A 43 -1.68 -9.25 1.12
CA MET A 43 -1.48 -7.93 0.54
C MET A 43 -0.56 -7.06 1.39
N VAL A 44 -0.58 -7.27 2.70
CA VAL A 44 0.37 -6.56 3.58
C VAL A 44 1.78 -7.12 3.37
N GLY A 45 1.86 -8.41 3.11
CA GLY A 45 3.13 -9.04 2.84
C GLY A 45 3.81 -8.46 1.62
N GLU A 46 3.06 -8.33 0.54
CA GLU A 46 3.60 -7.80 -0.71
C GLU A 46 3.83 -6.29 -0.62
N MET A 47 3.12 -5.66 0.31
CA MET A 47 3.28 -4.23 0.55
C MET A 47 4.69 -3.94 1.08
N ASN A 48 5.21 -4.87 1.88
CA ASN A 48 6.55 -4.74 2.42
C ASN A 48 7.60 -4.85 1.32
N LYS A 49 7.27 -5.57 0.26
CA LYS A 49 8.18 -5.73 -0.88
C LYS A 49 8.37 -4.40 -1.59
N LEU A 50 7.29 -3.62 -1.66
CA LEU A 50 7.27 -2.39 -2.44
C LEU A 50 8.23 -1.33 -1.92
N LEU A 51 8.40 -1.28 -0.60
CA LEU A 51 9.18 -0.20 0.01
C LEU A 51 10.50 -0.72 0.57
N GLU A 52 10.77 -1.99 0.35
CA GLU A 52 12.03 -2.59 0.75
C GLU A 52 13.22 -1.93 0.04
N PRO A 53 13.21 -1.82 -1.31
CA PRO A 53 14.33 -1.25 -2.06
C PRO A 53 14.33 0.29 -2.09
N SER A 54 13.66 0.90 -1.11
CA SER A 54 13.60 2.35 -1.04
C SER A 54 14.20 2.85 0.29
N GLN A 55 14.25 4.16 0.46
CA GLN A 55 14.84 4.75 1.67
C GLN A 55 13.87 4.67 2.84
N VAL A 56 12.58 4.79 2.56
CA VAL A 56 11.57 4.82 3.62
C VAL A 56 11.54 3.50 4.40
N HIS A 57 11.77 2.38 3.69
CA HIS A 57 11.86 1.06 4.32
C HIS A 57 10.67 0.77 5.25
N LEU A 58 9.49 1.25 4.87
CA LEU A 58 8.31 1.19 5.71
C LEU A 58 8.01 -0.22 6.22
N LYS A 59 7.66 -0.29 7.49
CA LYS A 59 7.27 -1.52 8.14
C LYS A 59 5.75 -1.62 8.21
N PHE A 60 5.20 -2.70 7.68
CA PHE A 60 3.76 -2.90 7.72
C PHE A 60 3.42 -4.10 8.62
N GLU A 61 2.71 -3.85 9.71
CA GLU A 61 2.35 -4.92 10.63
C GLU A 61 0.84 -5.06 10.75
N LEU A 62 0.36 -6.29 10.75
CA LEU A 62 -1.05 -6.57 10.92
C LEU A 62 -1.37 -6.71 12.40
N HIS A 63 -2.18 -5.80 12.92
CA HIS A 63 -2.56 -5.85 14.33
C HIS A 63 -4.06 -5.89 14.49
N ASP A 64 -4.51 -6.75 15.38
CA ASP A 64 -5.92 -7.06 15.53
C ASP A 64 -6.55 -6.29 16.69
N LYS A 65 -7.84 -6.54 16.87
CA LYS A 65 -8.62 -5.93 17.93
C LYS A 65 -9.85 -6.79 18.17
N LEU A 66 -10.96 -6.15 18.52
CA LEU A 66 -12.26 -6.79 18.54
C LEU A 66 -12.47 -7.69 17.31
N ASN A 67 -12.56 -7.08 16.13
CA ASN A 67 -12.77 -7.83 14.91
C ASN A 67 -11.84 -7.32 13.79
N GLU A 68 -11.56 -6.02 13.81
CA GLU A 68 -10.79 -5.40 12.75
C GLU A 68 -9.29 -5.62 12.92
N TYR A 69 -8.77 -6.55 12.16
CA TYR A 69 -7.33 -6.71 12.04
C TYR A 69 -6.83 -5.75 10.96
N TYR A 70 -6.25 -4.64 11.39
CA TYR A 70 -5.90 -3.56 10.48
C TYR A 70 -4.39 -3.47 10.27
N VAL A 71 -3.99 -2.58 9.37
CA VAL A 71 -2.59 -2.44 8.99
C VAL A 71 -1.96 -1.22 9.63
N LYS A 72 -0.79 -1.42 10.23
CA LYS A 72 -0.04 -0.33 10.82
C LYS A 72 1.10 0.07 9.91
N VAL A 73 1.23 1.37 9.68
CA VAL A 73 2.33 1.89 8.89
C VAL A 73 3.42 2.44 9.80
N ILE A 74 4.58 1.80 9.78
CA ILE A 74 5.70 2.21 10.60
C ILE A 74 6.83 2.74 9.72
N GLU A 75 7.19 4.00 9.92
CA GLU A 75 8.29 4.60 9.20
C GLU A 75 9.59 4.07 9.80
N ASP A 76 10.44 3.49 8.97
CA ASP A 76 11.59 2.71 9.45
C ASP A 76 12.61 3.56 10.21
N SER A 77 12.88 4.76 9.73
CA SER A 77 13.92 5.58 10.32
C SER A 77 13.54 5.99 11.74
N THR A 78 12.27 6.26 11.96
CA THR A 78 11.78 6.65 13.27
C THR A 78 11.28 5.45 14.08
N ASN A 79 10.96 4.37 13.36
CA ASN A 79 10.45 3.13 13.96
C ASN A 79 9.18 3.38 14.78
N GLU A 80 8.39 4.35 14.33
CA GLU A 80 7.13 4.66 14.98
C GLU A 80 5.99 4.56 13.98
N VAL A 81 4.80 4.34 14.49
CA VAL A 81 3.61 4.17 13.65
C VAL A 81 3.05 5.53 13.26
N ILE A 82 3.19 5.87 11.99
CA ILE A 82 2.77 7.18 11.50
C ILE A 82 1.37 7.13 10.89
N ARG A 83 0.83 5.92 10.71
CA ARG A 83 -0.49 5.76 10.13
C ARG A 83 -1.09 4.41 10.51
N GLU A 84 -2.38 4.40 10.80
CA GLU A 84 -3.12 3.16 11.01
C GLU A 84 -4.30 3.12 10.05
N ILE A 85 -4.34 2.11 9.20
CA ILE A 85 -5.38 2.01 8.19
C ILE A 85 -6.33 0.86 8.49
N PRO A 86 -7.62 1.18 8.71
CA PRO A 86 -8.65 0.16 8.85
C PRO A 86 -8.90 -0.55 7.52
N PRO A 87 -9.19 -1.87 7.57
CA PRO A 87 -9.33 -2.69 6.36
C PRO A 87 -10.36 -2.14 5.37
N LYS A 88 -11.35 -1.44 5.90
CA LYS A 88 -12.43 -0.89 5.09
C LYS A 88 -11.94 0.26 4.19
N ARG A 89 -10.77 0.81 4.51
CA ARG A 89 -10.19 1.89 3.71
C ARG A 89 -8.82 1.46 3.17
N TRP A 90 -8.50 0.19 3.37
CA TRP A 90 -7.21 -0.35 2.97
C TRP A 90 -7.07 -0.45 1.45
N LEU A 91 -8.18 -0.73 0.78
CA LEU A 91 -8.15 -1.00 -0.65
C LEU A 91 -7.69 0.22 -1.45
N ASP A 92 -8.14 1.40 -1.05
CA ASP A 92 -7.76 2.63 -1.75
C ASP A 92 -6.33 3.04 -1.38
N PHE A 93 -5.94 2.75 -0.15
CA PHE A 93 -4.56 3.01 0.28
C PHE A 93 -3.61 2.11 -0.51
N TYR A 94 -4.03 0.87 -0.70
CA TYR A 94 -3.28 -0.09 -1.51
C TYR A 94 -3.04 0.47 -2.91
N ALA A 95 -4.14 0.84 -3.57
CA ALA A 95 -4.07 1.39 -4.92
C ALA A 95 -3.16 2.61 -4.98
N ALA A 96 -3.35 3.52 -4.04
CA ALA A 96 -2.58 4.77 -3.99
C ALA A 96 -1.08 4.49 -3.95
N MET A 97 -0.68 3.47 -3.21
CA MET A 97 0.73 3.11 -3.07
C MET A 97 1.23 2.37 -4.31
N THR A 98 0.48 1.37 -4.76
CA THR A 98 0.89 0.55 -5.89
C THR A 98 1.03 1.37 -7.17
N GLU A 99 0.12 2.31 -7.39
CA GLU A 99 0.19 3.17 -8.57
C GLU A 99 1.49 3.97 -8.60
N PHE A 100 1.96 4.36 -7.42
CA PHE A 100 3.18 5.13 -7.30
C PHE A 100 4.41 4.21 -7.31
N LEU A 101 4.44 3.27 -6.39
CA LEU A 101 5.61 2.40 -6.20
C LEU A 101 5.87 1.52 -7.42
N GLY A 102 4.81 1.00 -8.02
CA GLY A 102 4.97 0.08 -9.14
C GLY A 102 5.48 0.77 -10.39
N LEU A 103 5.54 2.09 -10.38
CA LEU A 103 6.13 2.83 -11.48
C LEU A 103 7.65 2.86 -11.34
N PHE A 104 8.13 2.71 -10.11
CA PHE A 104 9.55 2.75 -9.81
C PHE A 104 10.17 1.36 -9.93
N VAL A 105 9.34 0.34 -9.81
CA VAL A 105 9.83 -1.04 -9.76
C VAL A 105 10.19 -1.56 -11.14
N ASP A 106 10.89 -2.69 -11.12
CA ASP A 106 11.26 -3.39 -12.33
C ASP A 106 10.00 -3.74 -13.10
N GLU A 107 9.84 -3.01 -14.18
CA GLU A 107 8.69 -3.12 -15.11
C GLU A 107 8.45 -4.55 -15.67
N LYS A 108 9.07 -5.55 -15.08
CA LYS A 108 8.74 -6.94 -15.38
C LYS A 108 7.96 -7.57 -14.23
N LYS A 109 8.14 -7.02 -13.03
CA LYS A 109 7.50 -7.57 -11.83
C LYS A 109 6.22 -6.80 -11.51
N LEU A 110 5.76 -6.01 -12.46
CA LEU A 110 4.55 -5.22 -12.26
C LEU A 110 3.30 -6.09 -12.34
N GLU A 111 3.46 -7.26 -12.97
CA GLU A 111 2.41 -8.27 -13.11
C GLU A 111 1.32 -7.82 -14.08
N HIS A 112 0.80 -6.62 -13.88
CA HIS A 112 -0.33 -6.12 -14.66
C HIS A 112 0.13 -5.66 -16.03
N HIS A 113 -0.34 -6.34 -17.07
CA HIS A 113 -0.06 -5.93 -18.43
C HIS A 113 -1.08 -4.88 -18.86
N HIS A 114 -0.67 -3.96 -19.72
CA HIS A 114 -1.45 -2.77 -20.06
C HIS A 114 -1.55 -1.85 -18.84
N HIS A 115 -0.96 -0.67 -18.97
CA HIS A 115 -0.89 0.27 -17.87
C HIS A 115 -2.17 1.11 -17.82
N HIS A 116 -2.24 2.06 -16.90
CA HIS A 116 -3.44 2.85 -16.75
C HIS A 116 -3.15 4.32 -17.02
N HIS A 117 -4.19 5.09 -17.30
CA HIS A 117 -4.07 6.52 -17.50
C HIS A 117 -5.33 7.22 -17.02
N LEU A 1 13.44 5.32 -13.39
CA LEU A 1 13.84 6.07 -12.18
C LEU A 1 14.15 5.10 -11.04
N ASN A 2 15.25 5.35 -10.34
CA ASN A 2 15.69 4.48 -9.27
C ASN A 2 14.78 4.61 -8.05
N ILE A 3 14.78 3.58 -7.21
CA ILE A 3 13.94 3.56 -6.03
C ILE A 3 14.79 3.53 -4.76
N GLU A 4 16.10 3.34 -4.95
CA GLU A 4 17.03 3.21 -3.83
C GLU A 4 17.10 4.50 -3.02
N ARG A 5 16.77 5.62 -3.66
CA ARG A 5 16.94 6.92 -3.04
C ARG A 5 15.58 7.52 -2.74
N LEU A 6 14.56 6.68 -2.84
CA LEU A 6 13.21 7.10 -2.55
C LEU A 6 13.06 7.33 -1.05
N THR A 7 13.21 8.58 -0.63
CA THR A 7 13.19 8.93 0.78
C THR A 7 11.89 9.60 1.17
N THR A 8 10.94 9.68 0.24
CA THR A 8 9.71 10.38 0.49
C THR A 8 8.51 9.65 -0.12
N LEU A 9 7.37 9.81 0.52
CA LEU A 9 6.12 9.22 0.04
C LEU A 9 5.06 10.31 -0.09
N GLN A 10 5.51 11.54 -0.25
CA GLN A 10 4.60 12.69 -0.36
C GLN A 10 3.55 12.49 -1.47
N PRO A 11 3.94 12.10 -2.70
CA PRO A 11 2.97 11.83 -3.78
C PRO A 11 2.01 10.68 -3.43
N VAL A 12 2.39 9.86 -2.46
CA VAL A 12 1.53 8.81 -1.98
C VAL A 12 0.50 9.39 -1.02
N TRP A 13 0.98 10.20 -0.08
CA TRP A 13 0.12 10.90 0.87
C TRP A 13 -0.87 11.80 0.15
N ASP A 14 -0.35 12.52 -0.84
CA ASP A 14 -1.16 13.42 -1.66
C ASP A 14 -2.32 12.68 -2.31
N ARG A 15 -2.02 11.52 -2.87
CA ARG A 15 -3.01 10.71 -3.57
C ARG A 15 -3.91 9.99 -2.58
N TYR A 16 -3.32 9.56 -1.47
CA TYR A 16 -4.05 8.86 -0.43
C TYR A 16 -5.23 9.68 0.07
N ASP A 17 -4.96 10.93 0.43
CA ASP A 17 -5.99 11.81 0.97
C ASP A 17 -7.07 12.09 -0.07
N THR A 18 -6.67 12.22 -1.33
CA THR A 18 -7.59 12.56 -2.40
C THR A 18 -8.43 11.35 -2.85
N GLN A 19 -8.07 10.16 -2.37
CA GLN A 19 -8.88 8.99 -2.66
C GLN A 19 -9.68 8.57 -1.44
N ILE A 20 -9.06 8.62 -0.27
CA ILE A 20 -9.74 8.31 0.99
C ILE A 20 -10.97 9.19 1.20
N HIS A 21 -10.89 10.44 0.74
CA HIS A 21 -11.99 11.39 0.95
C HIS A 21 -13.09 11.23 -0.10
N ASN A 22 -12.92 10.29 -1.02
CA ASN A 22 -13.88 10.10 -2.09
C ASN A 22 -13.93 8.63 -2.51
N GLN A 23 -14.65 7.84 -1.73
CA GLN A 23 -14.81 6.42 -2.00
C GLN A 23 -16.28 6.10 -2.18
N LYS A 24 -16.60 5.22 -3.12
CA LYS A 24 -17.98 4.98 -3.50
C LYS A 24 -18.20 3.55 -4.01
N ASP A 25 -18.91 3.41 -5.11
CA ASP A 25 -19.21 2.09 -5.67
C ASP A 25 -18.22 1.76 -6.78
N ASN A 26 -18.12 2.66 -7.74
CA ASN A 26 -17.11 2.56 -8.79
C ASN A 26 -16.08 3.65 -8.55
N ASP A 27 -15.08 3.33 -7.74
CA ASP A 27 -14.10 4.31 -7.27
C ASP A 27 -13.26 4.84 -8.43
N ASN A 28 -12.39 4.01 -9.00
CA ASN A 28 -11.64 4.41 -10.19
C ASN A 28 -11.58 3.24 -11.18
N GLU A 29 -10.37 2.70 -11.42
CA GLU A 29 -10.22 1.57 -12.31
C GLU A 29 -10.27 0.28 -11.53
N VAL A 30 -10.39 0.43 -10.23
CA VAL A 30 -10.49 -0.67 -9.30
C VAL A 30 -11.33 -0.25 -8.10
N PRO A 31 -12.47 -0.91 -7.92
CA PRO A 31 -13.37 -0.63 -6.80
C PRO A 31 -12.96 -1.34 -5.51
N VAL A 32 -13.39 -0.79 -4.39
CA VAL A 32 -13.07 -1.36 -3.09
C VAL A 32 -14.03 -2.48 -2.76
N HIS A 33 -13.49 -3.69 -2.84
CA HIS A 33 -14.24 -4.89 -2.52
C HIS A 33 -13.29 -6.06 -2.31
N GLN A 34 -13.83 -7.23 -1.97
CA GLN A 34 -13.03 -8.45 -1.72
C GLN A 34 -12.21 -8.31 -0.44
N VAL A 35 -11.18 -9.15 -0.32
CA VAL A 35 -10.24 -9.12 0.81
C VAL A 35 -10.74 -9.93 2.00
N SER A 36 -10.03 -11.02 2.27
CA SER A 36 -10.30 -11.87 3.41
C SER A 36 -9.20 -11.72 4.47
N TYR A 37 -9.25 -12.57 5.49
CA TYR A 37 -8.29 -12.53 6.61
C TYR A 37 -6.86 -12.65 6.10
N THR A 38 -6.60 -13.69 5.33
CA THR A 38 -5.27 -13.98 4.82
C THR A 38 -4.84 -12.94 3.79
N ASN A 39 -5.81 -12.42 3.03
CA ASN A 39 -5.53 -11.48 1.94
C ASN A 39 -4.85 -10.23 2.46
N LEU A 40 -5.21 -9.80 3.66
CA LEU A 40 -4.57 -8.65 4.29
C LEU A 40 -3.07 -8.87 4.37
N ALA A 41 -2.66 -9.99 4.95
CA ALA A 41 -1.24 -10.33 5.09
C ALA A 41 -0.58 -10.48 3.73
N GLU A 42 -1.29 -11.10 2.79
CA GLU A 42 -0.78 -11.28 1.43
C GLU A 42 -0.45 -9.94 0.78
N MET A 43 -1.36 -8.99 0.90
CA MET A 43 -1.17 -7.68 0.31
C MET A 43 -0.12 -6.88 1.07
N VAL A 44 0.00 -7.13 2.37
CA VAL A 44 1.07 -6.54 3.15
C VAL A 44 2.43 -7.04 2.63
N GLY A 45 2.48 -8.32 2.28
CA GLY A 45 3.68 -8.91 1.75
C GLY A 45 4.11 -8.28 0.43
N GLU A 46 3.15 -8.04 -0.45
CA GLU A 46 3.47 -7.42 -1.73
C GLU A 46 3.65 -5.91 -1.57
N MET A 47 3.11 -5.36 -0.48
CA MET A 47 3.37 -3.97 -0.13
C MET A 47 4.83 -3.80 0.22
N ASN A 48 5.39 -4.83 0.85
CA ASN A 48 6.79 -4.82 1.27
C ASN A 48 7.73 -4.77 0.08
N LYS A 49 7.42 -5.52 -0.97
CA LYS A 49 8.30 -5.60 -2.13
C LYS A 49 8.26 -4.32 -2.96
N LEU A 50 7.25 -3.48 -2.73
CA LEU A 50 7.13 -2.20 -3.43
C LEU A 50 8.01 -1.14 -2.78
N LEU A 51 8.23 -1.28 -1.48
CA LEU A 51 9.09 -0.36 -0.74
C LEU A 51 10.35 -1.07 -0.28
N GLU A 52 10.63 -2.20 -0.90
CA GLU A 52 11.75 -3.05 -0.53
C GLU A 52 13.10 -2.32 -0.67
N PRO A 53 13.45 -1.81 -1.86
CA PRO A 53 14.72 -1.12 -2.06
C PRO A 53 14.64 0.37 -1.70
N SER A 54 13.47 0.79 -1.24
CA SER A 54 13.22 2.19 -0.92
C SER A 54 13.86 2.56 0.41
N GLN A 55 14.18 3.84 0.58
CA GLN A 55 14.86 4.33 1.75
C GLN A 55 13.86 4.64 2.87
N VAL A 56 12.59 4.79 2.50
CA VAL A 56 11.54 5.17 3.45
C VAL A 56 11.44 4.20 4.61
N HIS A 57 11.64 2.91 4.33
CA HIS A 57 11.60 1.86 5.35
C HIS A 57 10.26 1.88 6.09
N LEU A 58 9.20 1.43 5.44
CA LEU A 58 7.92 1.29 6.12
C LEU A 58 7.63 -0.17 6.47
N LYS A 59 7.24 -0.39 7.71
CA LYS A 59 6.93 -1.71 8.21
C LYS A 59 5.45 -1.79 8.57
N PHE A 60 4.81 -2.91 8.23
CA PHE A 60 3.38 -3.06 8.44
C PHE A 60 3.07 -4.27 9.31
N GLU A 61 2.19 -4.11 10.30
CA GLU A 61 1.78 -5.23 11.14
C GLU A 61 0.27 -5.35 11.19
N LEU A 62 -0.23 -6.57 11.06
CA LEU A 62 -1.65 -6.83 11.21
C LEU A 62 -1.95 -7.21 12.65
N HIS A 63 -2.27 -6.22 13.45
CA HIS A 63 -2.58 -6.46 14.85
C HIS A 63 -4.09 -6.50 15.06
N ASP A 64 -4.54 -7.48 15.81
CA ASP A 64 -5.94 -7.59 16.16
C ASP A 64 -6.18 -6.82 17.46
N LYS A 65 -7.23 -6.02 17.50
CA LYS A 65 -7.44 -5.13 18.62
C LYS A 65 -8.44 -5.72 19.62
N LEU A 66 -9.69 -5.29 19.57
CA LEU A 66 -10.70 -5.77 20.48
C LEU A 66 -11.58 -6.79 19.78
N ASN A 67 -12.04 -6.41 18.61
CA ASN A 67 -12.81 -7.32 17.75
C ASN A 67 -12.51 -7.00 16.29
N GLU A 68 -11.55 -6.11 16.07
CA GLU A 68 -11.22 -5.67 14.73
C GLU A 68 -9.76 -6.01 14.39
N TYR A 69 -9.45 -5.96 13.11
CA TYR A 69 -8.08 -6.13 12.65
C TYR A 69 -7.76 -5.07 11.60
N TYR A 70 -6.54 -4.58 11.61
CA TYR A 70 -6.15 -3.53 10.68
C TYR A 70 -4.64 -3.52 10.47
N VAL A 71 -4.19 -2.76 9.49
CA VAL A 71 -2.78 -2.70 9.17
C VAL A 71 -2.14 -1.46 9.81
N LYS A 72 -1.31 -1.69 10.81
CA LYS A 72 -0.59 -0.62 11.46
C LYS A 72 0.61 -0.22 10.62
N VAL A 73 0.72 1.05 10.26
CA VAL A 73 1.85 1.49 9.46
C VAL A 73 2.91 2.08 10.36
N ILE A 74 4.06 1.43 10.38
CA ILE A 74 5.17 1.85 11.21
C ILE A 74 6.31 2.36 10.34
N GLU A 75 6.56 3.64 10.41
CA GLU A 75 7.67 4.25 9.69
C GLU A 75 8.97 3.98 10.44
N ASP A 76 9.86 3.22 9.83
CA ASP A 76 11.11 2.80 10.50
C ASP A 76 11.98 4.00 10.83
N SER A 77 11.80 5.09 10.09
CA SER A 77 12.56 6.31 10.31
C SER A 77 12.25 6.91 11.69
N THR A 78 11.04 6.68 12.17
CA THR A 78 10.64 7.14 13.49
C THR A 78 10.41 5.96 14.44
N ASN A 79 10.10 4.82 13.85
CA ASN A 79 9.86 3.57 14.57
C ASN A 79 8.65 3.69 15.50
N GLU A 80 7.61 4.34 15.03
CA GLU A 80 6.36 4.39 15.76
C GLU A 80 5.21 4.11 14.81
N VAL A 81 4.07 3.74 15.38
CA VAL A 81 2.88 3.51 14.57
C VAL A 81 2.24 4.84 14.22
N ILE A 82 2.51 5.32 13.02
CA ILE A 82 2.03 6.62 12.58
C ILE A 82 0.55 6.57 12.21
N ARG A 83 0.06 5.38 11.89
CA ARG A 83 -1.32 5.22 11.48
C ARG A 83 -1.76 3.77 11.52
N GLU A 84 -3.06 3.58 11.65
CA GLU A 84 -3.65 2.26 11.62
C GLU A 84 -4.72 2.22 10.54
N ILE A 85 -4.41 1.56 9.43
CA ILE A 85 -5.31 1.54 8.29
C ILE A 85 -6.33 0.43 8.41
N PRO A 86 -7.62 0.78 8.47
CA PRO A 86 -8.71 -0.20 8.50
C PRO A 86 -8.85 -0.91 7.16
N PRO A 87 -9.26 -2.19 7.18
CA PRO A 87 -9.34 -3.03 5.96
C PRO A 87 -10.20 -2.42 4.86
N LYS A 88 -11.13 -1.54 5.23
CA LYS A 88 -12.04 -0.94 4.27
C LYS A 88 -11.42 0.29 3.59
N ARG A 89 -10.26 0.73 4.08
CA ARG A 89 -9.51 1.79 3.41
C ARG A 89 -8.22 1.23 2.82
N TRP A 90 -8.02 -0.06 3.05
CA TRP A 90 -6.82 -0.74 2.58
C TRP A 90 -6.82 -0.84 1.06
N LEU A 91 -7.99 -1.05 0.50
CA LEU A 91 -8.14 -1.17 -0.95
C LEU A 91 -7.78 0.14 -1.61
N ASP A 92 -8.22 1.24 -1.01
CA ASP A 92 -7.91 2.58 -1.47
C ASP A 92 -6.39 2.80 -1.41
N PHE A 93 -5.80 2.41 -0.28
CA PHE A 93 -4.36 2.54 -0.08
C PHE A 93 -3.59 1.72 -1.10
N TYR A 94 -4.08 0.51 -1.36
CA TYR A 94 -3.44 -0.40 -2.30
C TYR A 94 -3.32 0.26 -3.68
N ALA A 95 -4.38 0.92 -4.10
CA ALA A 95 -4.40 1.61 -5.39
C ALA A 95 -3.42 2.79 -5.37
N ALA A 96 -3.56 3.65 -4.38
CA ALA A 96 -2.71 4.84 -4.26
C ALA A 96 -1.23 4.51 -4.33
N MET A 97 -0.84 3.40 -3.70
CA MET A 97 0.55 2.99 -3.68
C MET A 97 1.03 2.54 -5.06
N THR A 98 0.28 1.63 -5.68
CA THR A 98 0.73 1.02 -6.95
C THR A 98 0.65 2.00 -8.12
N GLU A 99 -0.21 3.00 -8.01
CA GLU A 99 -0.27 4.03 -9.04
C GLU A 99 1.01 4.87 -9.03
N PHE A 100 1.55 5.10 -7.83
CA PHE A 100 2.80 5.83 -7.68
C PHE A 100 4.00 4.91 -7.89
N LEU A 101 4.06 3.84 -7.10
CA LEU A 101 5.22 2.95 -7.12
C LEU A 101 5.25 2.10 -8.38
N GLY A 102 4.19 2.19 -9.18
CA GLY A 102 4.17 1.54 -10.47
C GLY A 102 5.04 2.25 -11.47
N LEU A 103 5.71 3.30 -11.01
CA LEU A 103 6.67 4.03 -11.83
C LEU A 103 8.09 3.50 -11.59
N PHE A 104 8.26 2.80 -10.48
CA PHE A 104 9.57 2.27 -10.10
C PHE A 104 9.64 0.78 -10.41
N VAL A 105 8.76 0.34 -11.29
CA VAL A 105 8.57 -1.08 -11.54
C VAL A 105 9.59 -1.68 -12.48
N ASP A 106 10.02 -2.87 -12.10
CA ASP A 106 10.89 -3.68 -12.91
C ASP A 106 10.08 -4.82 -13.52
N GLU A 107 9.85 -4.68 -14.80
CA GLU A 107 9.28 -5.74 -15.69
C GLU A 107 9.16 -7.12 -15.04
N LYS A 108 10.28 -7.69 -14.62
CA LYS A 108 10.31 -9.08 -14.14
C LYS A 108 9.51 -9.27 -12.85
N LYS A 109 9.38 -8.22 -12.07
CA LYS A 109 8.67 -8.27 -10.81
C LYS A 109 7.23 -7.78 -10.98
N LEU A 110 6.82 -7.56 -12.21
CA LEU A 110 5.47 -7.11 -12.50
C LEU A 110 4.49 -8.26 -12.55
N GLU A 111 5.03 -9.46 -12.81
CA GLU A 111 4.25 -10.71 -12.92
C GLU A 111 2.97 -10.51 -13.75
N HIS A 112 3.05 -9.62 -14.74
CA HIS A 112 1.87 -9.27 -15.52
C HIS A 112 1.64 -10.26 -16.64
N HIS A 113 0.65 -11.13 -16.45
CA HIS A 113 0.21 -12.02 -17.51
C HIS A 113 -0.75 -11.25 -18.41
N HIS A 114 -1.25 -10.14 -17.88
CA HIS A 114 -2.02 -9.19 -18.66
C HIS A 114 -1.05 -8.32 -19.45
N HIS A 115 -1.41 -7.99 -20.69
CA HIS A 115 -0.49 -7.25 -21.56
C HIS A 115 -0.15 -5.89 -20.96
N HIS A 116 -1.13 -5.25 -20.35
CA HIS A 116 -0.91 -3.95 -19.74
C HIS A 116 -1.92 -3.70 -18.63
N HIS A 117 -3.19 -3.68 -18.99
CA HIS A 117 -4.27 -3.41 -18.04
C HIS A 117 -5.62 -3.65 -18.71
#